data_7WVH
#
_entry.id   7WVH
#
_cell.length_a   246.094
_cell.length_b   52.477
_cell.length_c   169.397
_cell.angle_alpha   90.00
_cell.angle_beta   132.04
_cell.angle_gamma   90.00
#
_symmetry.space_group_name_H-M   'C 1 2 1'
#
loop_
_entity.id
_entity.type
_entity.pdbx_description
1 polymer NAD+-glycohydrolase
2 polymer 'Streptolysin O'
3 water water
#
loop_
_entity_poly.entity_id
_entity_poly.type
_entity_poly.pdbx_seq_one_letter_code
_entity_poly.pdbx_strand_id
1 'polypeptide(L)'
;MGNMERDLFEKKFKEIKDKWVTDKQADEFIETADKYADKAVQMSAVASRAEYYRMYVSRKYHYKKEFVEKLKQVYKESGA
SHVTSKKDLMLAFDDAKRKSTIGRQENGLFVTSFAEDMALLFTDQGKLKSADQIENIKDVDSGKYSDGVYQYEYDSELTK
NIDKLGYIRTASGDTPRANSLNIPGCQTWSGKHIENSESELIFPSISVKDLKSKAVLAEIDAKGYFEIIDPTIIAPNGDH
KKVTGRFKIKKMQDRMQDRKLEHHHHHH
;
A,B
2 'polypeptide(L)'
;MASEDHTEEINDKIYSLNYNELEVLAKNGETIENFVPKEGVKKADKFIVIERKKKNINTTPVDISIIDSVTDRTYPAALQ
LANKGFTENKPDAVVTKRNPQKIHIDLPGMGDKATVEVNDPTYANVSTAIDNLVNQWHDNYSGGNTLPARTQYTESMVYS
KSQIEAALNVNSKILDGTLGIDFKSISKGEKKVMIAAYKQIFYTVSANLPNNPADVFDKSVTFKELQRKGVSNEAPPLFV
SNVAYGRTVFVKLETSSKSNDVEAAFSAALKGTDVKTNGKYSDILENSSFTAVVLGGDAAEHNKVVTKDFDVIRNVIKDN
ATFSRKNPAYPISYTSVFLKNNKIAGVNNRSEYVETTSTEYTSGKINLSHQGAYVAQYEILWDEINYDDKGKEVITKRRW
DNNWYSKTSPFSTVIPLGANSRNIRIMARECTGLAWEWWRKVIDERDVKLSKEINVNISGSTLSPYGSITYK
;
D,C
#
# COMPACT_ATOMS: atom_id res chain seq x y z
N ASN A 3 -7.58 -26.39 14.97
CA ASN A 3 -6.74 -27.55 14.72
C ASN A 3 -5.88 -27.91 15.95
N MET A 4 -5.46 -29.18 16.09
CA MET A 4 -4.75 -29.59 17.29
C MET A 4 -3.38 -28.91 17.39
N GLU A 5 -2.55 -29.00 16.35
CA GLU A 5 -1.21 -28.44 16.46
C GLU A 5 -1.24 -26.92 16.48
N ARG A 6 -2.12 -26.30 15.69
CA ARG A 6 -2.20 -24.84 15.68
C ARG A 6 -2.63 -24.32 17.05
N ASP A 7 -3.54 -25.04 17.74
CA ASP A 7 -3.94 -24.64 19.09
C ASP A 7 -2.76 -24.73 20.06
N LEU A 8 -1.99 -25.81 19.98
CA LEU A 8 -0.82 -25.96 20.83
C LEU A 8 0.22 -24.87 20.54
N PHE A 9 0.38 -24.53 19.25
CA PHE A 9 1.19 -23.39 18.83
C PHE A 9 0.72 -22.10 19.49
N GLU A 10 -0.59 -21.85 19.41
CA GLU A 10 -1.17 -20.63 19.97
C GLU A 10 -0.80 -20.47 21.43
N LYS A 11 -0.95 -21.54 22.19
CA LYS A 11 -0.66 -21.45 23.61
C LYS A 11 0.84 -21.43 23.90
N LYS A 12 1.68 -22.08 23.08
CA LYS A 12 3.11 -21.98 23.31
C LYS A 12 3.57 -20.55 23.08
N PHE A 13 2.98 -19.88 22.08
CA PHE A 13 3.29 -18.48 21.82
C PHE A 13 3.00 -17.60 23.03
N LYS A 14 1.82 -17.80 23.64
CA LYS A 14 1.39 -16.97 24.76
C LYS A 14 2.37 -17.05 25.92
N GLU A 15 3.09 -18.16 26.06
CA GLU A 15 4.06 -18.22 27.14
C GLU A 15 5.35 -17.52 26.79
N ILE A 16 5.91 -17.79 25.62
CA ILE A 16 7.24 -17.20 25.39
C ILE A 16 7.21 -15.76 24.88
N LYS A 17 6.05 -15.22 24.51
CA LYS A 17 6.07 -13.84 24.02
C LYS A 17 6.45 -12.92 25.16
N ASP A 18 7.13 -11.82 24.84
CA ASP A 18 7.63 -11.03 25.96
C ASP A 18 6.54 -10.05 26.40
N LYS A 19 6.80 -9.34 27.53
CA LYS A 19 5.78 -8.54 28.22
C LYS A 19 5.24 -7.43 27.34
N TRP A 20 6.07 -6.87 26.47
CA TRP A 20 5.74 -5.64 25.76
C TRP A 20 5.22 -5.88 24.34
N VAL A 21 4.95 -7.11 23.96
CA VAL A 21 4.26 -7.39 22.70
C VAL A 21 2.78 -7.10 22.86
N THR A 22 2.28 -6.14 22.09
CA THR A 22 0.89 -5.71 22.20
C THR A 22 -0.07 -6.85 21.93
N ASP A 23 -1.27 -6.73 22.47
CA ASP A 23 -2.31 -7.71 22.17
C ASP A 23 -2.66 -7.67 20.68
N LYS A 24 -2.50 -6.52 20.06
CA LYS A 24 -2.82 -6.39 18.63
C LYS A 24 -1.83 -7.18 17.79
N GLN A 25 -0.53 -6.94 18.00
CA GLN A 25 0.49 -7.68 17.26
C GLN A 25 0.40 -9.18 17.57
N ALA A 26 0.18 -9.53 18.83
CA ALA A 26 0.06 -10.92 19.21
C ALA A 26 -1.14 -11.57 18.54
N ASP A 27 -2.26 -10.86 18.47
CA ASP A 27 -3.39 -11.40 17.73
C ASP A 27 -3.00 -11.58 16.26
N GLU A 28 -2.34 -10.58 15.69
CA GLU A 28 -1.86 -10.68 14.32
C GLU A 28 -0.98 -11.90 14.13
N PHE A 29 -0.10 -12.16 15.10
CA PHE A 29 0.76 -13.34 15.03
C PHE A 29 -0.06 -14.61 15.05
N ILE A 30 -1.14 -14.64 15.85
CA ILE A 30 -2.00 -15.82 15.91
C ILE A 30 -2.77 -16.00 14.60
N GLU A 31 -3.45 -14.94 14.12
CA GLU A 31 -4.25 -15.06 12.90
C GLU A 31 -3.44 -15.38 11.64
N THR A 32 -2.19 -14.95 11.54
CA THR A 32 -1.46 -15.23 10.32
C THR A 32 -0.66 -16.51 10.38
N ALA A 33 -0.82 -17.32 11.43
CA ALA A 33 0.13 -18.39 11.68
C ALA A 33 0.17 -19.39 10.53
N ASP A 34 -0.99 -19.66 9.93
CA ASP A 34 -1.05 -20.68 8.88
C ASP A 34 -0.38 -20.21 7.60
N LYS A 35 -0.47 -18.91 7.31
CA LYS A 35 0.28 -18.40 6.17
C LYS A 35 1.78 -18.66 6.32
N TYR A 36 2.31 -18.56 7.54
CA TYR A 36 3.75 -18.77 7.68
C TYR A 36 4.14 -20.24 7.67
N ALA A 37 3.25 -21.09 8.22
CA ALA A 37 3.41 -22.55 8.06
C ALA A 37 3.42 -22.93 6.58
N ASP A 38 2.46 -22.44 5.81
CA ASP A 38 2.39 -22.82 4.41
C ASP A 38 3.62 -22.36 3.65
N LYS A 39 4.09 -21.13 3.88
CA LYS A 39 5.30 -20.69 3.20
C LYS A 39 6.48 -21.59 3.56
N ALA A 40 6.58 -22.02 4.81
CA ALA A 40 7.67 -22.92 5.17
C ALA A 40 7.54 -24.26 4.45
N VAL A 41 6.30 -24.74 4.28
CA VAL A 41 6.12 -26.00 3.60
C VAL A 41 6.49 -25.87 2.13
N GLN A 42 6.09 -24.76 1.50
CA GLN A 42 6.42 -24.56 0.10
C GLN A 42 7.91 -24.29 -0.11
N MET A 43 8.65 -23.88 0.92
CA MET A 43 10.10 -23.80 0.81
C MET A 43 10.76 -25.15 1.03
N SER A 44 9.96 -26.19 1.28
CA SER A 44 10.40 -27.50 1.79
C SER A 44 11.29 -27.33 3.01
N ALA A 45 11.04 -26.29 3.81
CA ALA A 45 11.69 -26.24 5.13
C ALA A 45 11.16 -27.34 6.03
N VAL A 46 9.88 -27.66 5.89
CA VAL A 46 9.20 -28.73 6.61
C VAL A 46 8.21 -29.34 5.63
N ALA A 47 7.64 -30.48 6.01
CA ALA A 47 6.77 -31.22 5.10
C ALA A 47 5.30 -30.83 5.22
N SER A 48 4.91 -30.19 6.32
CA SER A 48 3.50 -29.98 6.60
C SER A 48 3.35 -28.94 7.70
N ARG A 49 2.20 -28.26 7.68
CA ARG A 49 1.75 -27.51 8.84
C ARG A 49 2.07 -28.17 10.17
N ALA A 50 1.65 -29.42 10.33
CA ALA A 50 1.89 -30.14 11.55
C ALA A 50 3.37 -30.09 11.92
N GLU A 51 4.25 -30.44 10.97
CA GLU A 51 5.67 -30.46 11.29
C GLU A 51 6.14 -29.09 11.72
N TYR A 52 5.57 -28.04 11.12
CA TYR A 52 5.99 -26.67 11.43
C TYR A 52 5.57 -26.30 12.85
N TYR A 53 4.31 -26.56 13.19
CA TYR A 53 3.83 -26.26 14.54
C TYR A 53 4.53 -27.11 15.61
N ARG A 54 4.79 -28.38 15.33
CA ARG A 54 5.54 -29.17 16.30
C ARG A 54 6.93 -28.60 16.49
N MET A 55 7.50 -28.03 15.43
CA MET A 55 8.84 -27.46 15.55
C MET A 55 8.80 -26.19 16.38
N TYR A 56 7.79 -25.36 16.15
CA TYR A 56 7.68 -24.15 16.95
C TYR A 56 7.51 -24.50 18.40
N VAL A 57 6.67 -25.50 18.68
CA VAL A 57 6.43 -25.88 20.05
C VAL A 57 7.65 -26.56 20.65
N SER A 58 8.32 -27.43 19.88
CA SER A 58 9.50 -28.10 20.45
C SER A 58 10.72 -27.19 20.60
N ARG A 59 10.75 -26.03 19.94
CA ARG A 59 11.87 -25.08 19.94
C ARG A 59 13.14 -25.66 19.37
N LYS A 60 13.09 -26.86 18.81
CA LYS A 60 14.25 -27.43 18.14
C LYS A 60 14.10 -27.15 16.64
N TYR A 61 14.71 -26.06 16.16
CA TYR A 61 14.64 -25.68 14.75
C TYR A 61 15.67 -26.49 13.94
N HIS A 62 15.28 -27.71 13.55
CA HIS A 62 16.17 -28.66 12.88
C HIS A 62 15.69 -28.95 11.46
N TYR A 63 16.53 -28.69 10.47
CA TYR A 63 16.16 -28.85 9.08
C TYR A 63 17.02 -29.91 8.41
N LYS A 64 16.49 -30.49 7.33
CA LYS A 64 17.30 -31.36 6.49
C LYS A 64 18.38 -30.56 5.80
N LYS A 65 19.57 -31.14 5.68
CA LYS A 65 20.71 -30.38 5.17
C LYS A 65 20.52 -30.00 3.72
N GLU A 66 19.72 -30.80 3.00
CA GLU A 66 19.43 -30.51 1.61
C GLU A 66 18.60 -29.25 1.47
N PHE A 67 17.61 -29.05 2.36
CA PHE A 67 16.85 -27.81 2.30
C PHE A 67 17.75 -26.60 2.54
N VAL A 68 18.67 -26.70 3.51
CA VAL A 68 19.50 -25.55 3.84
C VAL A 68 20.49 -25.26 2.72
N GLU A 69 21.02 -26.31 2.09
CA GLU A 69 21.91 -26.10 0.95
C GLU A 69 21.19 -25.39 -0.19
N LYS A 70 19.96 -25.81 -0.50
CA LYS A 70 19.22 -25.10 -1.53
C LYS A 70 18.87 -23.66 -1.10
N LEU A 71 18.54 -23.44 0.18
CA LEU A 71 18.21 -22.10 0.63
C LEU A 71 19.37 -21.15 0.43
N LYS A 72 20.61 -21.65 0.56
CA LYS A 72 21.80 -20.79 0.52
C LYS A 72 22.15 -20.32 -0.89
N GLN A 73 21.60 -20.92 -1.93
CA GLN A 73 22.06 -20.61 -3.28
C GLN A 73 22.02 -19.12 -3.53
N VAL A 74 20.87 -18.49 -3.25
CA VAL A 74 20.73 -17.04 -3.48
C VAL A 74 21.71 -16.24 -2.60
N TYR A 75 22.11 -16.78 -1.44
CA TYR A 75 23.09 -16.08 -0.61
C TYR A 75 24.49 -16.15 -1.23
N LYS A 76 24.92 -17.35 -1.69
CA LYS A 76 26.15 -17.47 -2.48
C LYS A 76 26.18 -16.58 -3.72
N GLU A 77 25.04 -16.47 -4.41
CA GLU A 77 24.96 -15.71 -5.65
C GLU A 77 25.14 -14.23 -5.38
N SER A 78 24.31 -13.67 -4.48
CA SER A 78 24.20 -12.23 -4.36
C SER A 78 24.77 -11.66 -3.08
N GLY A 79 25.07 -12.50 -2.09
CA GLY A 79 25.58 -12.02 -0.82
C GLY A 79 24.50 -11.96 0.25
N ALA A 80 24.84 -11.31 1.36
CA ALA A 80 23.95 -11.24 2.50
C ALA A 80 23.81 -9.80 2.96
N SER A 81 22.67 -9.49 3.54
CA SER A 81 22.31 -8.12 3.92
C SER A 81 21.79 -8.07 5.34
N HIS A 82 22.19 -7.02 6.09
CA HIS A 82 21.63 -6.75 7.42
C HIS A 82 21.37 -5.26 7.50
N VAL A 83 20.11 -4.87 7.49
CA VAL A 83 19.71 -3.48 7.62
C VAL A 83 19.81 -3.04 9.07
N THR A 84 20.39 -1.86 9.30
CA THR A 84 20.57 -1.38 10.66
C THR A 84 20.30 0.12 10.74
N SER A 85 19.98 0.56 11.96
CA SER A 85 19.94 1.97 12.29
C SER A 85 21.35 2.53 12.47
N LYS A 86 21.45 3.87 12.36
CA LYS A 86 22.73 4.53 12.61
C LYS A 86 23.21 4.29 14.04
N LYS A 87 22.31 4.45 15.02
CA LYS A 87 22.64 4.25 16.42
C LYS A 87 23.23 2.86 16.67
N ASP A 88 22.57 1.82 16.17
CA ASP A 88 23.09 0.48 16.39
C ASP A 88 24.43 0.28 15.69
N LEU A 89 24.64 0.97 14.57
CA LEU A 89 25.93 0.89 13.90
C LEU A 89 27.03 1.42 14.82
N MET A 90 26.82 2.60 15.40
CA MET A 90 27.89 3.25 16.16
C MET A 90 28.28 2.41 17.38
N LEU A 91 27.27 1.81 18.01
CA LEU A 91 27.49 0.95 19.18
C LEU A 91 28.38 -0.23 18.85
N ALA A 92 28.38 -0.72 17.60
CA ALA A 92 29.29 -1.82 17.27
C ALA A 92 30.75 -1.39 17.35
N PHE A 93 31.04 -0.14 16.98
CA PHE A 93 32.41 0.36 16.98
C PHE A 93 32.78 1.02 18.31
N ASP A 94 31.86 1.79 18.90
CA ASP A 94 32.16 2.70 20.00
C ASP A 94 31.90 2.11 21.39
N ASP A 95 30.85 1.33 21.56
CA ASP A 95 30.56 0.76 22.88
C ASP A 95 31.49 -0.40 23.16
N ALA A 96 32.27 -0.29 24.24
CA ALA A 96 33.22 -1.34 24.58
C ALA A 96 32.53 -2.62 25.02
N LYS A 97 31.37 -2.52 25.65
CA LYS A 97 30.65 -3.74 26.01
C LYS A 97 30.09 -4.44 24.78
N ARG A 98 30.04 -3.76 23.62
CA ARG A 98 29.80 -4.42 22.34
C ARG A 98 31.03 -5.14 21.80
N LYS A 99 32.19 -4.98 22.44
CA LYS A 99 33.34 -5.83 22.20
C LYS A 99 33.96 -5.66 20.82
N SER A 100 33.71 -4.53 20.13
CA SER A 100 34.19 -4.29 18.75
C SER A 100 33.88 -5.42 17.76
N THR A 101 32.67 -5.98 17.82
CA THR A 101 32.20 -6.85 16.75
C THR A 101 30.88 -6.32 16.20
N ILE A 102 30.63 -6.59 14.93
CA ILE A 102 29.31 -6.40 14.34
C ILE A 102 28.58 -7.75 14.44
N GLY A 103 27.49 -7.81 15.23
CA GLY A 103 26.79 -9.00 15.66
C GLY A 103 27.20 -9.41 17.04
N ARG A 104 26.44 -10.34 17.58
CA ARG A 104 26.65 -10.74 18.97
C ARG A 104 27.85 -11.68 19.11
N GLN A 105 29.00 -11.22 18.67
CA GLN A 105 30.25 -11.97 18.77
C GLN A 105 30.16 -13.37 18.16
N GLU A 106 30.28 -14.41 18.99
CA GLU A 106 30.27 -15.75 18.41
C GLU A 106 28.87 -16.22 18.07
N ASN A 107 27.83 -15.47 18.49
CA ASN A 107 26.45 -15.81 18.15
C ASN A 107 26.05 -15.35 16.75
N GLY A 108 26.73 -14.37 16.17
CA GLY A 108 26.50 -14.01 14.79
C GLY A 108 25.63 -12.80 14.60
N LEU A 109 25.32 -12.57 13.32
CA LEU A 109 24.49 -11.48 12.85
C LEU A 109 23.34 -12.05 12.01
N PHE A 110 22.13 -11.60 12.33
CA PHE A 110 20.97 -12.00 11.54
C PHE A 110 21.04 -11.33 10.18
N VAL A 111 20.94 -12.14 9.13
CA VAL A 111 20.97 -11.57 7.79
C VAL A 111 19.85 -12.17 6.94
N THR A 112 19.59 -11.53 5.85
CA THR A 112 18.84 -12.10 4.78
C THR A 112 19.75 -12.05 3.56
N SER A 113 19.29 -12.62 2.46
CA SER A 113 20.08 -12.50 1.24
C SER A 113 20.05 -11.04 0.78
N PHE A 114 21.18 -10.59 0.23
CA PHE A 114 21.25 -9.24 -0.35
C PHE A 114 20.20 -9.05 -1.45
N ALA A 115 20.05 -10.07 -2.30
CA ALA A 115 19.05 -10.02 -3.35
C ALA A 115 17.66 -9.80 -2.77
N GLU A 116 17.33 -10.47 -1.66
CA GLU A 116 15.98 -10.27 -1.14
C GLU A 116 15.78 -8.84 -0.68
N ASP A 117 16.79 -8.23 -0.03
CA ASP A 117 16.64 -6.84 0.38
C ASP A 117 16.64 -5.88 -0.82
N MET A 118 17.41 -6.17 -1.89
CA MET A 118 17.27 -5.29 -3.05
C MET A 118 15.92 -5.45 -3.75
N ALA A 119 15.34 -6.66 -3.74
CA ALA A 119 14.02 -6.83 -4.34
C ALA A 119 12.93 -6.10 -3.56
N LEU A 120 13.16 -5.87 -2.28
CA LEU A 120 12.09 -5.50 -1.37
C LEU A 120 12.17 -4.05 -0.90
N LEU A 121 13.37 -3.58 -0.55
CA LEU A 121 13.54 -2.22 -0.08
C LEU A 121 13.58 -1.19 -1.21
N PHE A 122 13.58 -1.61 -2.47
CA PHE A 122 13.62 -0.73 -3.63
C PHE A 122 12.33 -0.86 -4.42
N THR A 123 11.99 0.18 -5.19
CA THR A 123 10.84 0.07 -6.08
C THR A 123 11.19 -0.72 -7.32
N ASP A 124 10.18 -0.98 -8.14
CA ASP A 124 10.28 -1.62 -9.45
C ASP A 124 11.37 -1.00 -10.31
N GLN A 125 11.60 0.31 -10.15
CA GLN A 125 12.62 1.02 -10.92
C GLN A 125 13.91 1.20 -10.15
N GLY A 126 14.00 0.66 -8.94
CA GLY A 126 15.29 0.64 -8.26
C GLY A 126 15.57 1.86 -7.43
N LYS A 127 14.56 2.60 -7.05
CA LYS A 127 14.78 3.69 -6.10
C LYS A 127 14.44 3.21 -4.70
N LEU A 128 15.26 3.62 -3.74
CA LEU A 128 15.05 3.26 -2.34
C LEU A 128 13.68 3.74 -1.88
N LYS A 129 12.98 2.87 -1.17
CA LYS A 129 11.69 3.23 -0.58
C LYS A 129 11.89 4.18 0.61
N SER A 130 10.81 4.85 1.01
CA SER A 130 10.89 5.77 2.13
C SER A 130 11.26 5.05 3.42
N ALA A 131 11.87 5.77 4.34
CA ALA A 131 12.21 5.19 5.64
C ALA A 131 10.97 4.72 6.40
N ASP A 132 9.80 5.28 6.09
CA ASP A 132 8.58 4.80 6.71
C ASP A 132 8.24 3.39 6.20
N GLN A 133 8.16 3.27 4.88
CA GLN A 133 7.93 1.97 4.26
C GLN A 133 8.91 0.91 4.76
N ILE A 134 10.20 1.25 4.75
CA ILE A 134 11.19 0.26 5.13
C ILE A 134 11.04 -0.14 6.59
N GLU A 135 10.75 0.83 7.45
CA GLU A 135 10.44 0.51 8.84
C GLU A 135 9.25 -0.43 8.91
N ASN A 136 8.25 -0.20 8.06
CA ASN A 136 7.07 -1.05 8.07
C ASN A 136 7.39 -2.45 7.52
N ILE A 137 8.09 -2.51 6.39
CA ILE A 137 8.55 -3.80 5.85
C ILE A 137 9.33 -4.59 6.90
N LYS A 138 10.24 -3.92 7.63
CA LYS A 138 11.11 -4.64 8.58
C LYS A 138 10.46 -4.83 9.94
N ASP A 139 9.23 -4.34 10.11
CA ASP A 139 8.51 -4.45 11.39
C ASP A 139 9.39 -3.96 12.54
N VAL A 140 9.99 -2.78 12.37
CA VAL A 140 10.62 -2.04 13.45
C VAL A 140 9.75 -0.83 13.83
N ASP A 141 10.09 -0.23 14.97
CA ASP A 141 9.37 0.95 15.46
C ASP A 141 9.43 2.10 14.45
N SER A 142 8.33 2.85 14.39
CA SER A 142 8.25 4.05 13.59
C SER A 142 9.37 5.00 13.95
N GLY A 143 10.04 5.55 12.94
CA GLY A 143 11.11 6.49 13.17
C GLY A 143 12.45 5.89 13.49
N LYS A 144 12.58 4.56 13.50
CA LYS A 144 13.86 3.95 13.84
C LYS A 144 14.93 4.24 12.80
N TYR A 145 14.55 4.42 11.54
CA TYR A 145 15.54 4.67 10.48
C TYR A 145 15.45 6.10 9.95
N SER A 146 14.81 7.01 10.70
CA SER A 146 14.68 8.39 10.23
C SER A 146 16.04 9.08 10.03
N ASP A 147 17.10 8.64 10.75
CA ASP A 147 18.44 9.13 10.44
C ASP A 147 19.11 8.36 9.28
N GLY A 148 18.33 7.69 8.45
CA GLY A 148 18.81 6.91 7.33
C GLY A 148 18.72 5.41 7.60
N VAL A 149 18.72 4.64 6.51
CA VAL A 149 18.70 3.19 6.54
C VAL A 149 20.09 2.71 6.13
N TYR A 150 20.85 2.20 7.11
CA TYR A 150 22.18 1.67 6.95
C TYR A 150 22.16 0.16 6.67
N GLN A 151 23.20 -0.34 5.99
CA GLN A 151 23.21 -1.74 5.60
C GLN A 151 24.60 -2.38 5.74
N TYR A 152 24.66 -3.55 6.36
CA TYR A 152 25.85 -4.40 6.29
C TYR A 152 25.72 -5.36 5.12
N GLU A 153 26.82 -5.58 4.42
CA GLU A 153 26.78 -6.39 3.22
C GLU A 153 27.99 -7.32 3.19
N TYR A 154 27.72 -8.62 3.14
CA TYR A 154 28.71 -9.65 2.89
C TYR A 154 28.65 -9.90 1.40
N ASP A 155 29.76 -9.75 0.70
CA ASP A 155 29.63 -9.91 -0.75
C ASP A 155 29.63 -11.41 -1.10
N SER A 156 29.44 -11.70 -2.39
CA SER A 156 29.35 -13.10 -2.79
C SER A 156 30.58 -13.91 -2.42
N GLU A 157 31.78 -13.40 -2.70
CA GLU A 157 32.99 -14.14 -2.37
C GLU A 157 33.10 -14.39 -0.88
N LEU A 158 32.86 -13.36 -0.06
CA LEU A 158 32.92 -13.56 1.38
C LEU A 158 31.90 -14.61 1.81
N THR A 159 30.69 -14.59 1.20
CA THR A 159 29.66 -15.55 1.56
C THR A 159 30.06 -16.97 1.16
N LYS A 160 30.58 -17.15 -0.07
CA LYS A 160 31.05 -18.48 -0.45
C LYS A 160 32.16 -18.95 0.49
N ASN A 161 33.14 -18.10 0.75
CA ASN A 161 34.24 -18.56 1.59
C ASN A 161 33.77 -18.78 3.03
N ILE A 162 32.82 -17.98 3.51
CA ILE A 162 32.26 -18.27 4.83
C ILE A 162 31.55 -19.63 4.84
N ASP A 163 30.91 -19.98 3.72
CA ASP A 163 30.18 -21.24 3.66
C ASP A 163 31.12 -22.43 3.52
N LYS A 164 32.14 -22.31 2.66
CA LYS A 164 33.20 -23.32 2.63
C LYS A 164 33.64 -23.71 4.03
N LEU A 165 33.81 -22.71 4.92
CA LEU A 165 34.21 -23.00 6.28
C LEU A 165 33.09 -23.62 7.12
N GLY A 166 31.87 -23.72 6.58
CA GLY A 166 30.76 -24.25 7.37
C GLY A 166 30.28 -23.34 8.48
N TYR A 167 30.39 -22.02 8.30
CA TYR A 167 30.09 -21.04 9.34
C TYR A 167 28.68 -20.46 9.25
N ILE A 168 27.91 -20.84 8.25
CA ILE A 168 26.57 -20.28 8.13
C ILE A 168 25.64 -21.07 9.03
N ARG A 169 24.84 -20.37 9.85
CA ARG A 169 23.95 -21.04 10.77
C ARG A 169 22.48 -20.73 10.49
N THR A 170 21.62 -21.65 10.88
CA THR A 170 20.17 -21.44 10.90
C THR A 170 19.73 -21.12 12.32
N ALA A 171 18.82 -20.16 12.46
CA ALA A 171 18.43 -19.73 13.79
C ALA A 171 17.76 -20.88 14.53
N SER A 172 17.86 -20.86 15.85
CA SER A 172 17.23 -21.92 16.61
C SER A 172 16.15 -21.32 17.51
N GLY A 173 15.29 -22.20 18.02
CA GLY A 173 14.22 -21.77 18.90
C GLY A 173 14.70 -21.12 20.18
N ASP A 174 15.97 -21.30 20.53
CA ASP A 174 16.61 -20.62 21.64
C ASP A 174 17.92 -19.94 21.26
N THR A 175 17.95 -19.22 20.13
CA THR A 175 19.12 -18.39 19.77
C THR A 175 19.47 -17.27 20.78
N ARG A 177 14.99 -14.62 13.92
CA ARG A 177 14.48 -14.78 15.26
C ARG A 177 14.10 -13.40 15.74
N ALA A 178 12.83 -13.03 15.56
CA ALA A 178 12.34 -11.82 16.21
C ALA A 178 12.34 -12.01 17.73
N ASN A 179 12.58 -10.93 18.45
CA ASN A 179 12.58 -11.13 19.88
C ASN A 179 11.20 -11.59 20.32
N SER A 180 11.06 -12.90 20.48
CA SER A 180 9.88 -13.61 20.92
C SER A 180 8.86 -13.71 19.79
N LEU A 181 9.12 -13.14 18.61
CA LEU A 181 8.26 -13.36 17.45
C LEU A 181 8.97 -14.22 16.39
N ASN A 182 10.01 -14.91 16.77
CA ASN A 182 10.70 -15.79 15.87
C ASN A 182 9.77 -16.92 15.46
N ILE A 183 9.97 -17.43 14.26
CA ILE A 183 9.24 -18.60 13.80
C ILE A 183 10.21 -19.51 13.07
N PRO A 184 9.85 -20.77 12.91
CA PRO A 184 10.74 -21.69 12.21
C PRO A 184 10.58 -21.55 10.69
N GLY A 185 11.52 -22.15 9.97
CA GLY A 185 11.49 -22.19 8.53
C GLY A 185 12.54 -21.32 7.87
N CYS A 186 13.52 -20.78 8.61
CA CYS A 186 14.48 -19.84 8.05
C CYS A 186 13.76 -18.68 7.38
N GLN A 187 12.85 -18.06 8.13
CA GLN A 187 12.00 -17.02 7.59
C GLN A 187 11.66 -16.10 8.72
N THR A 188 11.53 -14.81 8.41
CA THR A 188 11.13 -13.80 9.39
C THR A 188 9.62 -13.60 9.36
N TRP A 189 9.06 -13.24 10.49
CA TRP A 189 7.64 -13.00 10.62
C TRP A 189 7.34 -11.54 10.34
N SER A 190 6.30 -11.25 9.53
CA SER A 190 6.13 -9.87 9.06
C SER A 190 4.68 -9.39 9.05
N GLY A 191 3.82 -9.97 9.83
CA GLY A 191 2.48 -9.44 9.91
C GLY A 191 1.62 -10.08 8.85
N LYS A 192 0.44 -9.48 8.64
CA LYS A 192 -0.46 -9.94 7.59
C LYS A 192 0.15 -9.74 6.21
N HIS A 193 1.14 -8.86 6.10
CA HIS A 193 1.83 -8.62 4.83
C HIS A 193 2.99 -9.60 4.67
N ILE A 194 2.60 -10.84 4.37
CA ILE A 194 3.56 -11.92 4.28
C ILE A 194 4.51 -11.74 3.11
N GLU A 195 4.21 -10.80 2.19
CA GLU A 195 5.13 -10.52 1.10
C GLU A 195 6.42 -9.87 1.59
N ASN A 196 6.44 -9.37 2.83
CA ASN A 196 7.65 -8.78 3.40
C ASN A 196 8.48 -9.79 4.18
N SER A 197 8.10 -11.07 4.13
CA SER A 197 8.83 -12.08 4.87
C SER A 197 10.03 -12.47 4.03
N GLU A 198 11.21 -12.34 4.60
CA GLU A 198 12.43 -12.71 3.89
C GLU A 198 13.04 -13.94 4.56
N SER A 199 13.90 -14.64 3.82
CA SER A 199 14.63 -15.72 4.43
C SER A 199 15.53 -15.19 5.55
N GLU A 200 15.86 -16.08 6.48
CA GLU A 200 16.63 -15.71 7.65
C GLU A 200 17.73 -16.74 7.90
N LEU A 201 18.98 -16.26 7.99
CA LEU A 201 20.12 -17.07 8.37
C LEU A 201 20.99 -16.25 9.32
N ILE A 202 22.03 -16.89 9.87
CA ILE A 202 22.94 -16.24 10.83
C ILE A 202 24.34 -16.35 10.28
N PHE A 203 24.95 -15.24 10.05
CA PHE A 203 26.29 -15.19 9.50
C PHE A 203 27.28 -14.86 10.60
N PRO A 204 28.55 -15.16 10.41
CA PRO A 204 29.53 -14.88 11.47
C PRO A 204 29.69 -13.38 11.67
N SER A 205 29.92 -13.00 12.92
CA SER A 205 30.11 -11.60 13.21
C SER A 205 31.38 -11.08 12.53
N ILE A 206 31.48 -9.75 12.42
CA ILE A 206 32.64 -9.08 11.86
C ILE A 206 33.42 -8.37 12.96
N SER A 207 34.74 -8.58 13.00
CA SER A 207 35.59 -7.88 13.94
C SER A 207 35.92 -6.49 13.42
N VAL A 208 35.65 -5.48 14.24
CA VAL A 208 35.98 -4.12 13.84
C VAL A 208 36.99 -3.54 14.82
N LYS A 209 37.93 -4.37 15.27
CA LYS A 209 39.00 -3.91 16.15
C LYS A 209 39.74 -2.73 15.54
N ASP A 210 39.95 -1.69 16.37
CA ASP A 210 40.73 -0.49 16.02
C ASP A 210 40.04 0.35 14.95
N LEU A 211 38.74 0.26 14.87
CA LEU A 211 37.96 1.06 13.96
C LEU A 211 36.99 1.87 14.78
N LYS A 212 36.69 3.08 14.31
CA LYS A 212 35.84 4.00 15.05
C LYS A 212 34.72 4.47 14.16
N SER A 213 33.52 4.64 14.74
CA SER A 213 32.36 5.04 13.94
C SER A 213 32.61 6.35 13.24
N LYS A 214 33.33 7.27 13.87
CA LYS A 214 33.66 8.52 13.20
C LYS A 214 34.24 8.30 11.82
N ALA A 215 35.32 7.51 11.75
CA ALA A 215 35.98 7.33 10.45
C ALA A 215 35.01 6.70 9.45
N VAL A 216 34.31 5.64 9.89
CA VAL A 216 33.41 4.89 9.03
C VAL A 216 32.31 5.80 8.49
N LEU A 217 31.59 6.48 9.38
CA LEU A 217 30.52 7.36 8.90
C LEU A 217 31.07 8.46 8.03
N ALA A 218 32.28 8.96 8.33
CA ALA A 218 32.90 9.95 7.47
C ALA A 218 33.16 9.38 6.08
N GLU A 219 33.76 8.19 6.03
CA GLU A 219 33.95 7.53 4.74
C GLU A 219 32.61 7.32 4.01
N ILE A 220 31.54 7.00 4.77
CA ILE A 220 30.25 6.71 4.15
C ILE A 220 29.64 7.97 3.54
N ASP A 221 29.83 9.14 4.17
CA ASP A 221 29.35 10.33 3.46
C ASP A 221 30.22 10.61 2.24
N ALA A 222 31.53 10.40 2.32
CA ALA A 222 32.39 10.64 1.16
C ALA A 222 32.06 9.68 0.02
N LYS A 223 32.40 8.40 0.19
CA LYS A 223 32.26 7.43 -0.90
C LYS A 223 30.86 6.81 -0.99
N GLY A 224 30.10 6.77 0.10
CA GLY A 224 28.84 6.07 0.11
C GLY A 224 28.91 4.77 0.89
N TYR A 225 30.12 4.24 1.06
CA TYR A 225 30.29 2.99 1.78
C TYR A 225 31.71 2.91 2.32
N PHE A 226 31.84 2.19 3.41
CA PHE A 226 33.12 1.79 4.00
C PHE A 226 33.27 0.30 3.78
N GLU A 227 34.48 -0.14 3.49
CA GLU A 227 34.71 -1.50 3.04
C GLU A 227 35.88 -2.10 3.78
N ILE A 228 35.84 -3.39 4.02
CA ILE A 228 36.93 -4.12 4.63
C ILE A 228 37.30 -5.22 3.67
N ILE A 229 38.44 -5.07 2.97
CA ILE A 229 38.93 -6.20 2.17
C ILE A 229 39.37 -7.31 3.11
N ASP A 230 39.08 -8.54 2.72
CA ASP A 230 39.39 -9.75 3.47
C ASP A 230 39.17 -9.58 4.98
N PRO A 231 37.94 -9.44 5.44
CA PRO A 231 37.71 -9.08 6.85
C PRO A 231 37.99 -10.25 7.79
N THR A 232 37.97 -9.93 9.08
CA THR A 232 38.21 -10.90 10.13
C THR A 232 36.86 -11.21 10.75
N ILE A 233 36.37 -12.43 10.54
CA ILE A 233 35.10 -12.83 11.07
C ILE A 233 35.33 -13.52 12.41
N ILE A 234 34.24 -13.74 13.15
CA ILE A 234 34.25 -14.42 14.43
C ILE A 234 33.62 -15.79 14.20
N ALA A 235 34.40 -16.85 14.24
CA ALA A 235 33.86 -18.19 14.04
C ALA A 235 32.96 -18.56 15.23
N PRO A 236 32.06 -19.55 15.05
CA PRO A 236 31.14 -19.87 16.15
C PRO A 236 31.86 -20.27 17.42
N ASN A 237 33.03 -20.90 17.32
CA ASN A 237 33.82 -21.22 18.50
C ASN A 237 34.54 -20.01 19.12
N GLY A 238 34.21 -18.78 18.70
CA GLY A 238 34.81 -17.59 19.27
C GLY A 238 36.11 -17.15 18.64
N ASP A 239 36.75 -18.00 17.84
CA ASP A 239 38.01 -17.66 17.19
C ASP A 239 37.81 -16.47 16.23
N HIS A 240 38.90 -15.78 15.99
CA HIS A 240 39.03 -14.74 14.97
C HIS A 240 39.71 -15.37 13.77
N LYS A 241 39.16 -15.13 12.59
CA LYS A 241 39.73 -15.80 11.42
C LYS A 241 39.44 -14.96 10.19
N LYS A 242 40.44 -14.84 9.34
CA LYS A 242 40.44 -13.92 8.23
C LYS A 242 39.89 -14.67 7.02
N VAL A 243 38.91 -14.10 6.36
CA VAL A 243 38.26 -14.75 5.24
C VAL A 243 38.28 -13.80 4.06
N THR A 244 38.70 -14.33 2.91
CA THR A 244 38.84 -13.53 1.70
C THR A 244 37.47 -13.06 1.21
N GLY A 245 37.36 -11.79 0.93
CA GLY A 245 36.14 -11.26 0.38
C GLY A 245 35.97 -9.83 0.84
N ARG A 246 34.82 -9.26 0.49
CA ARG A 246 34.52 -7.86 0.80
C ARG A 246 33.29 -7.83 1.69
N PHE A 247 33.43 -7.16 2.83
CA PHE A 247 32.35 -6.79 3.74
C PHE A 247 32.18 -5.29 3.65
N LYS A 248 30.97 -4.83 3.33
CA LYS A 248 30.74 -3.40 3.16
C LYS A 248 29.72 -2.90 4.18
N ILE A 249 29.90 -1.64 4.57
CA ILE A 249 28.98 -0.92 5.43
C ILE A 249 28.57 0.31 4.66
N LYS A 250 27.29 0.61 4.64
CA LYS A 250 26.85 1.67 3.75
C LYS A 250 25.55 2.28 4.25
N LYS A 251 25.22 3.44 3.68
CA LYS A 251 23.92 4.07 3.87
C LYS A 251 23.13 3.91 2.58
N MET A 252 21.95 3.30 2.68
CA MET A 252 21.23 2.91 1.47
C MET A 252 20.77 4.16 0.72
N GLN A 253 20.93 4.09 -0.61
CA GLN A 253 20.89 5.21 -1.55
C GLN A 253 20.25 4.77 -2.86
N ASP A 254 19.53 5.70 -3.51
CA ASP A 254 18.82 5.32 -4.74
C ASP A 254 19.72 4.72 -5.83
N ASP B 5 -79.30 -45.65 -59.34
CA ASP B 5 -78.14 -45.02 -59.98
C ASP B 5 -77.79 -43.68 -59.33
N HIS B 6 -76.71 -43.66 -58.53
CA HIS B 6 -76.33 -42.46 -57.80
C HIS B 6 -75.02 -41.88 -58.29
N THR B 7 -74.61 -42.23 -59.51
CA THR B 7 -73.34 -41.74 -60.05
C THR B 7 -73.28 -40.21 -60.04
N GLU B 8 -74.32 -39.55 -60.57
CA GLU B 8 -74.29 -38.10 -60.65
C GLU B 8 -74.27 -37.46 -59.27
N GLU B 9 -74.88 -38.11 -58.28
CA GLU B 9 -74.83 -37.57 -56.93
C GLU B 9 -73.41 -37.68 -56.36
N ILE B 10 -72.77 -38.83 -56.54
CA ILE B 10 -71.42 -39.02 -56.01
C ILE B 10 -70.48 -37.99 -56.60
N ASN B 11 -70.58 -37.76 -57.91
CA ASN B 11 -69.75 -36.77 -58.59
C ASN B 11 -69.98 -35.37 -58.06
N ASP B 12 -71.23 -34.91 -58.11
CA ASP B 12 -71.53 -33.54 -57.69
C ASP B 12 -71.13 -33.31 -56.23
N LYS B 13 -71.41 -34.28 -55.37
CA LYS B 13 -71.27 -34.05 -53.95
C LYS B 13 -69.81 -34.13 -53.52
N ILE B 14 -69.05 -35.05 -54.11
CA ILE B 14 -67.61 -35.07 -53.89
C ILE B 14 -66.98 -33.77 -54.42
N TYR B 15 -67.38 -33.35 -55.63
CA TYR B 15 -66.87 -32.11 -56.17
C TYR B 15 -67.11 -30.93 -55.24
N SER B 16 -68.25 -30.94 -54.53
CA SER B 16 -68.57 -29.83 -53.65
C SER B 16 -67.70 -29.81 -52.40
N LEU B 17 -67.00 -30.92 -52.12
CA LEU B 17 -66.15 -30.98 -50.94
C LEU B 17 -65.13 -29.84 -50.99
N ASN B 18 -64.96 -29.17 -49.85
CA ASN B 18 -64.15 -27.97 -49.73
C ASN B 18 -63.09 -28.19 -48.65
N TYR B 19 -61.85 -28.35 -49.07
CA TYR B 19 -60.75 -28.53 -48.12
C TYR B 19 -59.47 -27.98 -48.75
N ASN B 20 -58.47 -27.72 -47.90
CA ASN B 20 -57.14 -27.43 -48.40
C ASN B 20 -56.35 -28.75 -48.50
N GLU B 21 -55.87 -29.06 -49.71
CA GLU B 21 -55.13 -30.32 -49.91
C GLU B 21 -53.91 -30.40 -49.01
N LEU B 22 -53.18 -29.29 -48.84
CA LEU B 22 -52.00 -29.34 -47.99
C LEU B 22 -52.36 -29.56 -46.52
N GLU B 23 -53.32 -28.78 -46.01
CA GLU B 23 -53.57 -28.80 -44.58
C GLU B 23 -54.32 -30.06 -44.16
N VAL B 24 -55.17 -30.60 -45.03
CA VAL B 24 -55.98 -31.74 -44.63
C VAL B 24 -55.11 -32.96 -44.31
N LEU B 25 -53.89 -33.03 -44.82
CA LEU B 25 -52.98 -34.09 -44.45
C LEU B 25 -51.70 -33.56 -43.82
N ALA B 26 -51.80 -32.42 -43.13
CA ALA B 26 -50.64 -31.84 -42.46
C ALA B 26 -50.34 -32.60 -41.17
N LYS B 27 -49.07 -32.80 -40.91
CA LYS B 27 -48.57 -33.51 -39.74
C LYS B 27 -47.68 -32.53 -38.97
N ASN B 28 -48.16 -32.05 -37.83
CA ASN B 28 -47.45 -31.01 -37.08
C ASN B 28 -46.73 -31.61 -35.89
N GLY B 29 -45.43 -31.34 -35.78
CA GLY B 29 -44.66 -31.81 -34.65
C GLY B 29 -44.78 -30.88 -33.48
N GLU B 30 -44.49 -31.40 -32.30
CA GLU B 30 -44.56 -30.53 -31.13
C GLU B 30 -43.46 -29.48 -31.23
N THR B 31 -43.80 -28.25 -30.85
CA THR B 31 -42.95 -27.08 -31.01
C THR B 31 -42.08 -26.84 -29.77
N ILE B 32 -40.75 -26.86 -29.96
CA ILE B 32 -39.79 -26.84 -28.86
C ILE B 32 -40.07 -25.69 -27.91
N GLU B 33 -40.17 -26.02 -26.63
CA GLU B 33 -40.52 -25.08 -25.57
C GLU B 33 -39.25 -24.45 -25.01
N ASN B 34 -39.31 -23.92 -23.79
CA ASN B 34 -38.21 -23.13 -23.26
C ASN B 34 -36.96 -23.97 -23.13
N PHE B 35 -35.83 -23.40 -23.57
CA PHE B 35 -34.59 -24.14 -23.66
C PHE B 35 -33.43 -23.16 -23.68
N VAL B 36 -32.30 -23.62 -23.17
CA VAL B 36 -31.10 -22.80 -22.96
C VAL B 36 -30.12 -23.17 -24.07
N PRO B 37 -29.63 -22.21 -24.85
CA PRO B 37 -28.66 -22.54 -25.90
C PRO B 37 -27.32 -23.10 -25.39
N LYS B 38 -26.86 -22.70 -24.19
CA LYS B 38 -25.63 -23.23 -23.60
C LYS B 38 -25.78 -23.47 -22.11
N GLU B 39 -25.33 -24.63 -21.69
CA GLU B 39 -25.39 -25.05 -20.30
C GLU B 39 -23.97 -25.45 -19.88
N GLY B 40 -23.62 -25.15 -18.63
CA GLY B 40 -22.33 -25.56 -18.11
C GLY B 40 -22.55 -26.37 -16.86
N VAL B 41 -22.02 -27.58 -16.80
CA VAL B 41 -22.26 -28.46 -15.65
C VAL B 41 -20.95 -29.00 -15.13
N LYS B 42 -20.78 -28.94 -13.80
CA LYS B 42 -19.53 -29.26 -13.12
C LYS B 42 -19.73 -30.56 -12.38
N LYS B 43 -18.94 -31.57 -12.72
CA LYS B 43 -19.10 -32.82 -12.01
C LYS B 43 -17.95 -32.99 -11.04
N ALA B 44 -16.84 -33.58 -11.43
CA ALA B 44 -15.81 -33.81 -10.43
C ALA B 44 -14.66 -32.93 -10.82
N ASP B 45 -13.63 -33.47 -11.46
CA ASP B 45 -12.66 -32.65 -12.13
C ASP B 45 -13.08 -32.32 -13.57
N LYS B 46 -14.39 -32.33 -13.87
CA LYS B 46 -14.88 -32.18 -15.24
C LYS B 46 -15.86 -31.04 -15.37
N PHE B 47 -15.84 -30.45 -16.55
CA PHE B 47 -16.79 -29.41 -16.95
C PHE B 47 -17.39 -29.85 -18.28
N ILE B 48 -18.69 -30.06 -18.31
CA ILE B 48 -19.39 -30.45 -19.54
C ILE B 48 -20.19 -29.26 -20.05
N VAL B 49 -19.88 -28.79 -21.25
CA VAL B 49 -20.61 -27.68 -21.86
C VAL B 49 -21.53 -28.23 -22.95
N ILE B 50 -22.83 -28.21 -22.68
CA ILE B 50 -23.86 -28.58 -23.64
C ILE B 50 -24.23 -27.36 -24.48
N GLU B 51 -24.36 -27.57 -25.78
CA GLU B 51 -24.72 -26.53 -26.73
C GLU B 51 -25.91 -26.99 -27.56
N ARG B 52 -26.91 -26.13 -27.69
CA ARG B 52 -28.13 -26.47 -28.37
C ARG B 52 -28.43 -25.48 -29.50
N LYS B 53 -28.92 -26.01 -30.62
CA LYS B 53 -29.39 -25.22 -31.75
C LYS B 53 -30.79 -25.71 -32.08
N LYS B 54 -31.70 -24.78 -32.38
CA LYS B 54 -33.06 -25.12 -32.79
C LYS B 54 -33.10 -25.13 -34.31
N LYS B 55 -33.59 -26.23 -34.89
CA LYS B 55 -33.67 -26.40 -36.34
C LYS B 55 -35.09 -26.79 -36.75
N ASN B 56 -35.36 -26.61 -38.04
CA ASN B 56 -36.67 -26.84 -38.60
C ASN B 56 -36.55 -27.81 -39.77
N ILE B 57 -37.58 -28.64 -39.94
CA ILE B 57 -37.69 -29.50 -41.10
C ILE B 57 -39.07 -29.35 -41.70
N ASN B 58 -39.12 -29.18 -43.02
CA ASN B 58 -40.35 -29.11 -43.78
C ASN B 58 -40.22 -30.07 -44.95
N THR B 59 -40.84 -31.24 -44.85
CA THR B 59 -40.91 -32.17 -45.96
C THR B 59 -42.37 -32.50 -46.30
N THR B 60 -42.60 -32.84 -47.57
CA THR B 60 -43.92 -33.30 -48.02
C THR B 60 -43.75 -34.58 -48.83
N PRO B 61 -43.54 -35.72 -48.16
CA PRO B 61 -43.42 -36.97 -48.90
C PRO B 61 -44.74 -37.34 -49.56
N VAL B 62 -44.66 -37.84 -50.80
CA VAL B 62 -45.81 -38.41 -51.50
C VAL B 62 -45.74 -39.92 -51.56
N ASP B 63 -44.69 -40.52 -51.05
CA ASP B 63 -44.62 -41.96 -50.85
C ASP B 63 -44.81 -42.19 -49.36
N ILE B 64 -45.93 -42.78 -48.99
CA ILE B 64 -46.31 -42.93 -47.60
C ILE B 64 -45.96 -44.33 -47.15
N SER B 65 -45.31 -44.42 -46.00
CA SER B 65 -44.84 -45.68 -45.44
C SER B 65 -46.00 -46.55 -44.99
N ILE B 66 -45.79 -47.88 -45.07
CA ILE B 66 -46.79 -48.86 -44.66
C ILE B 66 -46.24 -49.61 -43.45
N ILE B 67 -47.07 -49.72 -42.41
CA ILE B 67 -46.74 -50.43 -41.17
C ILE B 67 -47.30 -51.84 -41.23
N ASP B 68 -46.46 -52.81 -40.85
CA ASP B 68 -46.75 -54.25 -40.87
C ASP B 68 -46.94 -54.75 -42.30
N VAL B 70 -51.96 -56.93 -40.92
CA VAL B 70 -52.62 -55.79 -40.28
C VAL B 70 -53.12 -54.78 -41.31
N THR B 71 -52.33 -54.57 -42.37
CA THR B 71 -52.68 -53.66 -43.45
C THR B 71 -53.68 -54.35 -44.36
N ASP B 72 -54.91 -53.86 -44.40
CA ASP B 72 -55.97 -54.44 -45.22
C ASP B 72 -56.55 -53.42 -46.20
N THR B 74 -54.33 -51.39 -47.15
CA THR B 74 -53.73 -50.64 -48.23
C THR B 74 -53.32 -51.55 -49.38
N TYR B 75 -53.81 -51.21 -50.57
CA TYR B 75 -53.63 -52.03 -51.75
C TYR B 75 -53.98 -51.17 -52.95
N PRO B 76 -53.44 -51.50 -54.12
CA PRO B 76 -53.72 -50.68 -55.31
C PRO B 76 -55.22 -50.57 -55.56
N ALA B 77 -55.70 -49.33 -55.74
CA ALA B 77 -57.11 -48.95 -55.94
C ALA B 77 -57.92 -48.90 -54.65
N ALA B 78 -57.31 -49.15 -53.48
CA ALA B 78 -57.99 -48.93 -52.21
C ALA B 78 -58.50 -47.51 -52.11
N LEU B 79 -59.56 -47.34 -51.32
CA LEU B 79 -60.15 -46.05 -51.01
C LEU B 79 -59.90 -45.78 -49.54
N GLN B 80 -59.48 -44.57 -49.20
CA GLN B 80 -59.09 -44.26 -47.83
C GLN B 80 -59.54 -42.85 -47.50
N LEU B 81 -59.50 -42.54 -46.20
CA LEU B 81 -59.88 -41.22 -45.68
C LEU B 81 -58.65 -40.38 -45.47
N ALA B 82 -58.65 -39.16 -46.03
CA ALA B 82 -57.52 -38.24 -45.83
C ALA B 82 -57.71 -37.54 -44.49
N ASN B 83 -57.12 -38.11 -43.44
CA ASN B 83 -57.33 -37.59 -42.09
C ASN B 83 -56.05 -37.75 -41.28
N LYS B 84 -56.17 -37.51 -39.97
CA LYS B 84 -55.06 -37.63 -39.04
C LYS B 84 -54.42 -39.01 -39.11
N GLY B 85 -55.23 -40.07 -39.10
CA GLY B 85 -54.70 -41.41 -39.03
C GLY B 85 -53.89 -41.81 -40.25
N PHE B 86 -54.24 -41.25 -41.41
CA PHE B 86 -53.41 -41.42 -42.59
C PHE B 86 -51.98 -40.94 -42.33
N THR B 87 -51.84 -39.74 -41.76
CA THR B 87 -50.54 -39.14 -41.49
C THR B 87 -49.74 -39.92 -40.47
N GLU B 88 -50.38 -40.80 -39.72
CA GLU B 88 -49.69 -41.63 -38.74
C GLU B 88 -49.53 -43.05 -39.21
N ASN B 89 -49.67 -43.28 -40.53
CA ASN B 89 -49.54 -44.60 -41.12
C ASN B 89 -50.53 -45.57 -40.58
N LYS B 90 -51.65 -45.10 -40.08
CA LYS B 90 -52.69 -46.04 -39.68
C LYS B 90 -53.97 -45.53 -40.30
N PRO B 91 -54.13 -45.69 -41.62
CA PRO B 91 -55.23 -45.01 -42.31
C PRO B 91 -56.55 -45.70 -42.08
N ASP B 92 -57.63 -44.99 -42.44
CA ASP B 92 -58.99 -45.50 -42.37
C ASP B 92 -59.49 -45.82 -43.77
N ALA B 93 -59.89 -47.09 -43.98
CA ALA B 93 -60.39 -47.50 -45.28
C ALA B 93 -61.85 -47.08 -45.42
N VAL B 94 -62.25 -46.85 -46.66
CA VAL B 94 -63.63 -46.63 -47.04
C VAL B 94 -64.03 -47.81 -47.91
N VAL B 95 -64.81 -48.74 -47.36
CA VAL B 95 -65.08 -50.02 -48.01
C VAL B 95 -66.53 -49.99 -48.47
N THR B 96 -66.73 -49.88 -49.78
CA THR B 96 -68.05 -49.93 -50.39
C THR B 96 -67.96 -50.89 -51.54
N LYS B 97 -69.02 -51.02 -52.30
CA LYS B 97 -68.96 -51.92 -53.43
C LYS B 97 -68.52 -51.20 -54.68
N ARG B 98 -67.67 -51.87 -55.44
CA ARG B 98 -66.73 -51.28 -56.36
C ARG B 98 -66.98 -51.83 -57.75
N ASN B 99 -66.75 -51.00 -58.74
CA ASN B 99 -66.77 -51.42 -60.13
C ASN B 99 -65.45 -52.08 -60.45
N PRO B 100 -65.35 -52.75 -61.60
CA PRO B 100 -64.08 -53.38 -61.98
C PRO B 100 -62.97 -52.35 -62.10
N GLN B 101 -61.76 -52.75 -61.70
CA GLN B 101 -60.58 -51.88 -61.66
C GLN B 101 -59.38 -52.58 -62.27
N LYS B 102 -58.80 -52.00 -63.33
CA LYS B 102 -57.55 -52.49 -63.90
C LYS B 102 -56.37 -52.14 -63.02
N ILE B 103 -55.48 -53.12 -62.83
CA ILE B 103 -54.22 -52.96 -62.13
C ILE B 103 -53.08 -53.39 -63.05
N HIS B 104 -51.87 -52.90 -62.76
CA HIS B 104 -50.72 -53.15 -63.60
C HIS B 104 -49.50 -53.34 -62.72
N ILE B 105 -48.80 -54.44 -62.91
CA ILE B 105 -47.52 -54.68 -62.24
C ILE B 105 -46.42 -54.34 -63.24
N ASP B 106 -45.24 -53.93 -62.73
CA ASP B 106 -44.15 -53.48 -63.58
C ASP B 106 -43.00 -54.48 -63.65
N LEU B 107 -43.21 -55.72 -63.23
CA LEU B 107 -42.19 -56.72 -63.45
C LEU B 107 -41.91 -56.86 -64.94
N PRO B 108 -40.66 -57.04 -65.34
CA PRO B 108 -40.31 -56.99 -66.76
C PRO B 108 -40.64 -58.26 -67.52
N GLY B 109 -40.93 -58.07 -68.81
CA GLY B 109 -41.05 -59.16 -69.74
C GLY B 109 -42.44 -59.73 -69.92
N MET B 110 -43.45 -59.20 -69.23
CA MET B 110 -44.77 -59.81 -69.22
C MET B 110 -45.70 -59.33 -70.33
N GLY B 111 -45.36 -58.24 -71.01
CA GLY B 111 -46.25 -57.78 -72.05
C GLY B 111 -47.61 -57.42 -71.51
N ASP B 112 -48.65 -57.82 -72.24
CA ASP B 112 -50.03 -57.59 -71.84
C ASP B 112 -50.44 -58.39 -70.62
N LYS B 113 -49.66 -59.38 -70.22
CA LYS B 113 -50.01 -60.09 -68.99
C LYS B 113 -49.69 -59.29 -67.73
N ALA B 114 -49.03 -58.13 -67.84
CA ALA B 114 -48.77 -57.28 -66.69
C ALA B 114 -50.01 -56.53 -66.22
N THR B 115 -51.05 -56.45 -67.04
CA THR B 115 -52.27 -55.72 -66.75
C THR B 115 -53.43 -56.70 -66.63
N VAL B 116 -54.21 -56.59 -65.54
CA VAL B 116 -55.40 -57.42 -65.37
C VAL B 116 -56.51 -56.55 -64.80
N GLU B 117 -57.72 -57.02 -64.98
CA GLU B 117 -58.90 -56.31 -64.49
C GLU B 117 -59.53 -57.14 -63.37
N VAL B 118 -59.52 -56.59 -62.16
CA VAL B 118 -60.11 -57.22 -60.99
C VAL B 118 -61.54 -56.78 -60.90
N ASN B 119 -62.43 -57.74 -60.86
CA ASN B 119 -63.81 -57.38 -61.12
C ASN B 119 -64.50 -56.95 -59.82
N ASP B 120 -63.95 -57.35 -58.65
CA ASP B 120 -64.43 -56.92 -57.34
C ASP B 120 -63.26 -56.44 -56.48
N PRO B 121 -62.80 -55.20 -56.68
CA PRO B 121 -61.46 -54.80 -56.18
C PRO B 121 -61.37 -54.55 -54.69
N THR B 122 -61.72 -55.58 -53.90
CA THR B 122 -61.47 -55.55 -52.47
C THR B 122 -60.00 -55.84 -52.21
N TYR B 123 -59.60 -55.76 -50.94
CA TYR B 123 -58.22 -56.09 -50.60
C TYR B 123 -57.89 -57.53 -50.94
N ALA B 124 -58.78 -58.45 -50.58
CA ALA B 124 -58.55 -59.87 -50.84
C ALA B 124 -58.40 -60.15 -52.34
N ASN B 125 -59.25 -59.53 -53.15
CA ASN B 125 -59.25 -59.82 -54.58
C ASN B 125 -58.02 -59.25 -55.27
N VAL B 126 -57.71 -57.98 -55.01
CA VAL B 126 -56.50 -57.40 -55.57
C VAL B 126 -55.27 -58.15 -55.10
N SER B 127 -55.21 -58.47 -53.80
CA SER B 127 -54.04 -59.20 -53.31
C SER B 127 -53.86 -60.52 -54.04
N THR B 128 -54.98 -61.20 -54.32
CA THR B 128 -54.86 -62.46 -55.04
C THR B 128 -54.42 -62.24 -56.48
N ALA B 129 -54.97 -61.22 -57.15
CA ALA B 129 -54.54 -60.90 -58.52
C ALA B 129 -53.04 -60.60 -58.58
N ILE B 130 -52.52 -59.85 -57.60
CA ILE B 130 -51.09 -59.57 -57.54
C ILE B 130 -50.30 -60.85 -57.29
N ASP B 131 -50.80 -61.69 -56.37
CA ASP B 131 -50.08 -62.92 -56.10
C ASP B 131 -49.98 -63.77 -57.36
N ASN B 132 -51.03 -63.73 -58.18
CA ASN B 132 -51.02 -64.45 -59.44
C ASN B 132 -50.05 -63.81 -60.43
N LEU B 133 -50.10 -62.48 -60.56
CA LEU B 133 -49.12 -61.81 -61.40
C LEU B 133 -47.71 -62.18 -61.01
N VAL B 134 -47.40 -62.09 -59.70
CA VAL B 134 -46.02 -62.21 -59.24
C VAL B 134 -45.51 -63.64 -59.42
N ASN B 135 -46.35 -64.63 -59.15
CA ASN B 135 -45.93 -66.02 -59.31
C ASN B 135 -45.82 -66.40 -60.78
N GLN B 136 -46.71 -65.87 -61.63
CA GLN B 136 -46.58 -66.13 -63.06
C GLN B 136 -45.28 -65.55 -63.58
N TRP B 137 -44.87 -64.38 -63.06
CA TRP B 137 -43.59 -63.81 -63.47
C TRP B 137 -42.43 -64.69 -63.01
N HIS B 138 -42.51 -65.19 -61.78
CA HIS B 138 -41.43 -66.08 -61.30
C HIS B 138 -41.28 -67.29 -62.22
N ASP B 139 -42.39 -67.90 -62.59
CA ASP B 139 -42.33 -69.17 -63.30
C ASP B 139 -41.93 -68.97 -64.76
N ASN B 140 -42.62 -68.08 -65.48
CA ASN B 140 -42.45 -67.99 -66.93
C ASN B 140 -41.64 -66.80 -67.41
N TYR B 141 -41.15 -65.92 -66.52
CA TYR B 141 -40.44 -64.73 -66.99
C TYR B 141 -39.19 -64.36 -66.18
N SER B 142 -39.05 -64.75 -64.91
CA SER B 142 -37.90 -64.30 -64.13
C SER B 142 -36.60 -64.73 -64.78
N GLY B 143 -36.47 -65.99 -65.15
CA GLY B 143 -35.33 -66.38 -65.95
C GLY B 143 -35.57 -65.88 -67.36
N GLY B 144 -34.74 -64.97 -67.85
CA GLY B 144 -34.94 -64.39 -69.17
C GLY B 144 -35.34 -62.91 -69.21
N ASN B 145 -35.37 -62.24 -68.05
CA ASN B 145 -35.58 -60.79 -67.89
C ASN B 145 -34.75 -60.22 -66.74
N LEU B 147 -33.92 -58.35 -63.75
CA LEU B 147 -34.61 -57.46 -62.80
C LEU B 147 -33.76 -56.24 -62.36
N PRO B 148 -34.27 -55.03 -62.58
CA PRO B 148 -33.56 -53.83 -62.12
C PRO B 148 -33.60 -53.73 -60.60
N ALA B 149 -32.44 -53.40 -60.02
CA ALA B 149 -32.36 -53.09 -58.60
C ALA B 149 -32.78 -51.63 -58.39
N ARG B 150 -33.79 -51.42 -57.57
CA ARG B 150 -34.26 -50.07 -57.27
C ARG B 150 -34.24 -49.88 -55.76
N THR B 151 -33.30 -49.05 -55.28
CA THR B 151 -33.03 -48.88 -53.86
C THR B 151 -33.23 -47.42 -53.49
N GLN B 152 -34.09 -47.16 -52.53
CA GLN B 152 -34.38 -45.80 -52.15
C GLN B 152 -33.79 -45.56 -50.75
N TYR B 153 -32.70 -44.80 -50.69
CA TYR B 153 -31.82 -44.76 -49.52
C TYR B 153 -31.89 -43.39 -48.85
N THR B 154 -32.04 -43.40 -47.52
CA THR B 154 -32.00 -42.17 -46.74
C THR B 154 -31.19 -42.39 -45.46
N GLU B 155 -30.47 -41.36 -45.03
CA GLU B 155 -29.70 -41.36 -43.78
C GLU B 155 -29.93 -40.05 -43.02
N SER B 156 -29.93 -40.15 -41.68
CA SER B 156 -30.05 -38.94 -40.88
C SER B 156 -29.52 -39.21 -39.46
N MET B 157 -28.90 -38.19 -38.87
CA MET B 157 -28.72 -38.22 -37.42
C MET B 157 -30.09 -38.19 -36.77
N VAL B 158 -30.19 -38.74 -35.58
CA VAL B 158 -31.46 -38.81 -34.87
C VAL B 158 -31.45 -37.74 -33.79
N TYR B 159 -32.41 -36.84 -33.83
CA TYR B 159 -32.56 -35.82 -32.80
C TYR B 159 -33.88 -35.89 -32.05
N SER B 160 -34.95 -36.35 -32.69
CA SER B 160 -36.24 -36.46 -32.02
C SER B 160 -37.14 -37.36 -32.85
N LYS B 161 -38.18 -37.88 -32.18
CA LYS B 161 -39.21 -38.67 -32.84
C LYS B 161 -39.68 -38.01 -34.12
N SER B 162 -40.21 -36.79 -34.02
CA SER B 162 -40.78 -36.12 -35.19
C SER B 162 -39.69 -35.86 -36.24
N GLN B 163 -38.52 -35.41 -35.81
CA GLN B 163 -37.46 -35.09 -36.76
C GLN B 163 -37.07 -36.31 -37.57
N ILE B 164 -36.83 -37.45 -36.91
CA ILE B 164 -36.35 -38.58 -37.67
C ILE B 164 -37.49 -39.16 -38.52
N GLU B 165 -38.75 -39.00 -38.08
CA GLU B 165 -39.87 -39.42 -38.93
C GLU B 165 -39.89 -38.63 -40.24
N ALA B 166 -39.81 -37.30 -40.16
CA ALA B 166 -39.71 -36.51 -41.37
C ALA B 166 -38.49 -36.88 -42.18
N ALA B 167 -37.34 -37.04 -41.53
CA ALA B 167 -36.10 -37.13 -42.27
C ALA B 167 -36.01 -38.44 -43.05
N LEU B 168 -36.52 -39.53 -42.47
CA LEU B 168 -36.41 -40.83 -43.10
C LEU B 168 -37.70 -41.29 -43.78
N ASN B 169 -38.81 -40.60 -43.54
CA ASN B 169 -40.12 -41.04 -44.02
C ASN B 169 -40.41 -42.48 -43.57
N VAL B 170 -40.24 -42.69 -42.27
CA VAL B 170 -40.46 -43.99 -41.64
C VAL B 170 -41.03 -43.73 -40.26
N ASN B 171 -42.12 -44.43 -39.92
CA ASN B 171 -42.74 -44.28 -38.62
C ASN B 171 -41.74 -44.59 -37.49
N SER B 172 -41.55 -43.64 -36.56
CA SER B 172 -40.53 -43.77 -35.52
C SER B 172 -40.82 -44.91 -34.55
N LYS B 173 -42.09 -45.24 -34.32
CA LYS B 173 -42.40 -46.37 -33.45
C LYS B 173 -41.79 -47.66 -33.99
N ILE B 174 -41.93 -47.91 -35.28
CA ILE B 174 -41.26 -49.05 -35.89
C ILE B 174 -39.74 -48.97 -35.76
N LEU B 175 -39.17 -47.77 -35.88
CA LEU B 175 -37.72 -47.65 -35.69
C LEU B 175 -37.33 -48.01 -34.26
N ASP B 176 -37.99 -47.40 -33.27
CA ASP B 176 -37.65 -47.70 -31.88
C ASP B 176 -38.00 -49.15 -31.53
N GLY B 177 -39.08 -49.68 -32.10
CA GLY B 177 -39.42 -51.06 -31.83
C GLY B 177 -38.37 -52.02 -32.34
N THR B 178 -37.98 -51.87 -33.61
CA THR B 178 -37.03 -52.77 -34.25
C THR B 178 -35.59 -52.46 -33.84
N LEU B 179 -35.18 -51.20 -33.95
CA LEU B 179 -33.89 -50.79 -33.43
C LEU B 179 -34.03 -50.44 -31.96
N GLY B 180 -33.23 -49.50 -31.47
CA GLY B 180 -33.50 -49.00 -30.15
C GLY B 180 -32.99 -47.59 -30.05
N ILE B 181 -33.88 -46.61 -30.05
CA ILE B 181 -33.51 -45.21 -30.04
C ILE B 181 -33.70 -44.66 -28.64
N ASP B 182 -32.61 -44.16 -28.04
CA ASP B 182 -32.61 -43.56 -26.71
C ASP B 182 -32.60 -42.05 -26.89
N PHE B 183 -33.79 -41.45 -27.03
CA PHE B 183 -33.91 -40.01 -27.22
C PHE B 183 -33.42 -39.24 -25.99
N LYS B 184 -33.68 -39.76 -24.79
CA LYS B 184 -33.22 -39.10 -23.59
C LYS B 184 -31.70 -38.95 -23.58
N SER B 185 -30.98 -40.01 -23.96
CA SER B 185 -29.52 -39.90 -24.00
C SER B 185 -29.07 -38.92 -25.08
N ILE B 186 -29.76 -38.91 -26.23
CA ILE B 186 -29.39 -37.98 -27.30
C ILE B 186 -29.52 -36.55 -26.82
N SER B 187 -30.61 -36.25 -26.10
CA SER B 187 -30.85 -34.89 -25.61
C SER B 187 -29.78 -34.46 -24.62
N LYS B 188 -29.27 -35.40 -23.82
CA LYS B 188 -28.26 -35.05 -22.83
C LYS B 188 -26.88 -34.81 -23.44
N GLY B 189 -26.69 -35.11 -24.73
CA GLY B 189 -25.36 -35.05 -25.29
C GLY B 189 -24.54 -36.28 -25.00
N GLU B 190 -25.18 -37.40 -24.66
CA GLU B 190 -24.48 -38.62 -24.29
C GLU B 190 -24.40 -39.62 -25.44
N LYS B 191 -25.44 -39.75 -26.26
CA LYS B 191 -25.39 -40.63 -27.42
C LYS B 191 -25.56 -39.83 -28.70
N LYS B 192 -24.76 -40.16 -29.71
CA LYS B 192 -24.97 -39.71 -31.07
C LYS B 192 -25.43 -40.90 -31.90
N VAL B 193 -26.51 -40.73 -32.68
CA VAL B 193 -27.13 -41.85 -33.39
C VAL B 193 -27.42 -41.45 -34.84
N MET B 194 -27.09 -42.33 -35.78
CA MET B 194 -27.52 -42.16 -37.16
C MET B 194 -28.39 -43.34 -37.55
N ILE B 195 -29.39 -43.11 -38.39
CA ILE B 195 -30.20 -44.21 -38.90
C ILE B 195 -30.26 -44.12 -40.42
N ALA B 196 -30.11 -45.25 -41.08
CA ALA B 196 -30.18 -45.30 -42.53
C ALA B 196 -31.23 -46.34 -42.94
N ALA B 197 -32.02 -46.02 -43.97
CA ALA B 197 -33.09 -46.90 -44.42
C ALA B 197 -32.88 -47.27 -45.88
N TYR B 198 -32.61 -48.54 -46.13
CA TYR B 198 -32.49 -49.09 -47.49
C TYR B 198 -33.86 -49.64 -47.87
N LYS B 199 -34.58 -48.91 -48.71
CA LYS B 199 -35.85 -49.39 -49.24
C LYS B 199 -35.55 -49.91 -50.64
N GLN B 200 -35.69 -51.22 -50.83
CA GLN B 200 -35.38 -51.87 -52.10
C GLN B 200 -36.67 -52.33 -52.74
N ILE B 201 -37.04 -51.67 -53.85
CA ILE B 201 -38.30 -51.94 -54.55
C ILE B 201 -38.05 -53.01 -55.60
N PHE B 202 -38.70 -54.15 -55.43
CA PHE B 202 -38.67 -55.20 -56.43
C PHE B 202 -39.76 -55.02 -57.47
N TYR B 203 -40.94 -54.51 -57.08
CA TYR B 203 -41.96 -54.22 -58.06
C TYR B 203 -42.96 -53.21 -57.51
N THR B 204 -43.78 -52.69 -58.40
CA THR B 204 -44.82 -51.74 -58.08
C THR B 204 -46.07 -52.14 -58.85
N VAL B 205 -47.21 -52.11 -58.15
CA VAL B 205 -48.50 -52.34 -58.77
C VAL B 205 -49.27 -51.03 -58.78
N SER B 206 -49.79 -50.67 -59.94
CA SER B 206 -50.49 -49.41 -60.13
C SER B 206 -51.92 -49.69 -60.53
N ALA B 207 -52.78 -48.67 -60.40
CA ALA B 207 -54.21 -48.83 -60.60
C ALA B 207 -54.73 -47.57 -61.29
N ASN B 208 -55.33 -47.76 -62.45
CA ASN B 208 -55.77 -46.63 -63.29
C ASN B 208 -56.58 -45.62 -62.48
N LEU B 209 -56.37 -44.38 -62.77
CA LEU B 209 -57.15 -43.36 -62.10
C LEU B 209 -58.55 -43.32 -62.68
N PRO B 210 -59.58 -43.22 -61.84
CA PRO B 210 -60.94 -43.13 -62.37
C PRO B 210 -61.14 -41.81 -63.09
N ASN B 211 -61.81 -41.87 -64.23
CA ASN B 211 -62.08 -40.65 -65.00
C ASN B 211 -62.96 -39.70 -64.20
N ASN B 212 -64.00 -40.24 -63.55
CA ASN B 212 -64.83 -39.50 -62.63
C ASN B 212 -64.81 -40.15 -61.25
N PRO B 213 -64.90 -39.36 -60.18
CA PRO B 213 -64.88 -39.93 -58.81
C PRO B 213 -65.84 -41.10 -58.60
N ALA B 214 -67.08 -41.00 -59.06
CA ALA B 214 -68.03 -42.07 -58.82
C ALA B 214 -67.63 -43.38 -59.49
N ASP B 215 -66.79 -43.33 -60.54
CA ASP B 215 -66.55 -44.52 -61.36
C ASP B 215 -66.05 -45.69 -60.53
N VAL B 216 -65.39 -45.43 -59.41
CA VAL B 216 -64.91 -46.56 -58.60
C VAL B 216 -66.05 -47.21 -57.84
N PHE B 217 -67.23 -46.61 -57.83
CA PHE B 217 -68.32 -47.04 -56.97
C PHE B 217 -69.36 -47.78 -57.77
N ASP B 218 -69.85 -48.88 -57.21
CA ASP B 218 -71.02 -49.54 -57.74
C ASP B 218 -72.21 -48.58 -57.75
N LYS B 219 -73.07 -48.72 -58.77
CA LYS B 219 -74.28 -47.91 -58.90
C LYS B 219 -75.13 -47.92 -57.62
N SER B 220 -75.02 -48.97 -56.80
CA SER B 220 -75.75 -49.10 -55.54
C SER B 220 -75.31 -48.09 -54.48
N VAL B 221 -74.13 -47.52 -54.61
CA VAL B 221 -73.59 -46.71 -53.54
C VAL B 221 -74.24 -45.32 -53.55
N THR B 222 -74.59 -44.83 -52.36
CA THR B 222 -75.13 -43.49 -52.16
C THR B 222 -74.12 -42.63 -51.42
N PHE B 223 -74.24 -41.31 -51.62
CA PHE B 223 -73.39 -40.36 -50.90
C PHE B 223 -73.56 -40.45 -49.39
N LYS B 224 -74.79 -40.74 -48.91
CA LYS B 224 -74.99 -40.94 -47.48
C LYS B 224 -74.23 -42.16 -46.98
N GLU B 225 -74.11 -43.20 -47.82
CA GLU B 225 -73.26 -44.33 -47.46
C GLU B 225 -71.81 -43.88 -47.31
N LEU B 226 -71.37 -42.95 -48.16
CA LEU B 226 -70.01 -42.45 -48.04
C LEU B 226 -69.84 -41.57 -46.80
N GLN B 227 -70.85 -40.74 -46.49
CA GLN B 227 -70.75 -39.92 -45.28
C GLN B 227 -70.77 -40.80 -44.04
N ARG B 228 -71.55 -41.86 -44.05
CA ARG B 228 -71.53 -42.79 -42.93
C ARG B 228 -70.16 -43.41 -42.74
N LYS B 229 -69.42 -43.61 -43.84
CA LYS B 229 -68.11 -44.25 -43.80
C LYS B 229 -66.97 -43.27 -43.47
N GLY B 230 -67.27 -41.99 -43.29
CA GLY B 230 -66.27 -41.02 -42.88
C GLY B 230 -66.03 -39.88 -43.84
N VAL B 231 -66.61 -39.89 -45.04
CA VAL B 231 -66.28 -38.87 -46.03
C VAL B 231 -66.88 -37.54 -45.59
N SER B 232 -66.06 -36.50 -45.62
CA SER B 232 -66.44 -35.15 -45.20
C SER B 232 -65.38 -34.20 -45.74
N ASN B 233 -65.62 -32.89 -45.57
CA ASN B 233 -64.54 -31.94 -45.80
C ASN B 233 -63.38 -32.19 -44.86
N GLU B 234 -63.67 -32.74 -43.69
CA GLU B 234 -62.65 -33.01 -42.68
C GLU B 234 -61.80 -34.22 -43.08
N ALA B 235 -62.34 -35.14 -43.86
CA ALA B 235 -61.61 -36.34 -44.29
C ALA B 235 -62.08 -36.75 -45.68
N PRO B 236 -61.60 -36.06 -46.73
CA PRO B 236 -62.06 -36.36 -48.08
C PRO B 236 -61.46 -37.66 -48.58
N PRO B 237 -62.02 -38.25 -49.65
CA PRO B 237 -61.60 -39.59 -50.06
C PRO B 237 -60.28 -39.61 -50.80
N LEU B 238 -59.59 -40.74 -50.67
CA LEU B 238 -58.30 -40.95 -51.32
C LEU B 238 -58.30 -42.28 -52.07
N PHE B 239 -57.67 -42.26 -53.25
CA PHE B 239 -57.54 -43.43 -54.11
C PHE B 239 -56.08 -43.82 -54.14
N VAL B 240 -55.77 -45.07 -53.76
CA VAL B 240 -54.39 -45.55 -53.73
C VAL B 240 -53.97 -45.93 -55.15
N SER B 241 -53.13 -45.10 -55.77
CA SER B 241 -52.80 -45.32 -57.18
C SER B 241 -51.60 -46.23 -57.37
N ASN B 242 -50.67 -46.27 -56.42
CA ASN B 242 -49.47 -47.08 -56.57
C ASN B 242 -49.08 -47.63 -55.21
N VAL B 243 -48.59 -48.87 -55.21
CA VAL B 243 -47.98 -49.50 -54.05
C VAL B 243 -46.67 -50.11 -54.50
N ALA B 244 -45.62 -49.91 -53.71
CA ALA B 244 -44.31 -50.49 -53.98
C ALA B 244 -44.07 -51.65 -53.02
N TYR B 245 -43.43 -52.70 -53.52
CA TYR B 245 -43.17 -53.90 -52.75
C TYR B 245 -41.68 -54.21 -52.81
N GLY B 246 -41.18 -54.80 -51.75
CA GLY B 246 -39.75 -55.03 -51.65
C GLY B 246 -39.40 -55.31 -50.21
N ARG B 247 -38.14 -55.02 -49.86
CA ARG B 247 -37.72 -55.10 -48.48
C ARG B 247 -36.97 -53.86 -48.02
N THR B 248 -37.09 -53.62 -46.73
CA THR B 248 -36.44 -52.52 -46.04
C THR B 248 -35.39 -53.06 -45.07
N VAL B 249 -34.24 -52.40 -45.07
CA VAL B 249 -33.15 -52.72 -44.13
C VAL B 249 -32.81 -51.45 -43.36
N PHE B 250 -32.99 -51.50 -42.04
CA PHE B 250 -32.67 -50.39 -41.14
C PHE B 250 -31.29 -50.60 -40.54
N VAL B 251 -30.45 -49.57 -40.62
CA VAL B 251 -29.10 -49.58 -40.05
C VAL B 251 -29.00 -48.48 -39.00
N LYS B 252 -28.60 -48.84 -37.78
CA LYS B 252 -28.36 -47.91 -36.69
C LYS B 252 -26.89 -47.86 -36.35
N LEU B 253 -26.31 -46.66 -36.35
CA LEU B 253 -24.94 -46.41 -35.93
C LEU B 253 -25.00 -45.56 -34.65
N GLU B 254 -24.54 -46.13 -33.54
CA GLU B 254 -24.64 -45.52 -32.22
C GLU B 254 -23.25 -45.35 -31.63
N THR B 255 -23.02 -44.22 -30.97
CA THR B 255 -21.75 -43.97 -30.27
C THR B 255 -21.98 -43.16 -29.01
N SER B 256 -20.97 -43.13 -28.15
CA SER B 256 -20.97 -42.27 -26.97
C SER B 256 -19.91 -41.18 -27.05
N SER B 257 -19.24 -41.05 -28.19
CA SER B 257 -18.27 -39.98 -28.41
C SER B 257 -18.94 -38.62 -28.58
N LYS B 258 -18.27 -37.57 -28.09
CA LYS B 258 -18.70 -36.20 -28.32
C LYS B 258 -17.91 -35.55 -29.45
N SER B 259 -17.11 -36.34 -30.19
CA SER B 259 -16.32 -35.79 -31.29
C SER B 259 -17.20 -35.02 -32.28
N ASN B 260 -16.57 -34.12 -33.02
CA ASN B 260 -17.32 -33.28 -33.94
C ASN B 260 -17.56 -33.98 -35.28
N ASP B 261 -16.93 -35.14 -35.49
CA ASP B 261 -16.90 -35.84 -36.76
C ASP B 261 -17.71 -37.13 -36.74
N VAL B 262 -18.60 -37.31 -35.75
CA VAL B 262 -19.32 -38.58 -35.66
C VAL B 262 -20.25 -38.75 -36.85
N GLU B 263 -20.94 -37.69 -37.24
CA GLU B 263 -21.78 -37.76 -38.43
C GLU B 263 -20.93 -38.08 -39.66
N ALA B 264 -19.77 -37.44 -39.77
CA ALA B 264 -18.87 -37.70 -40.89
C ALA B 264 -18.39 -39.15 -40.86
N ALA B 265 -17.99 -39.64 -39.69
CA ALA B 265 -17.56 -41.03 -39.61
C ALA B 265 -18.71 -41.96 -39.96
N PHE B 266 -19.93 -41.60 -39.58
CA PHE B 266 -21.06 -42.47 -39.81
C PHE B 266 -21.43 -42.52 -41.29
N SER B 267 -21.50 -41.36 -41.94
CA SER B 267 -21.81 -41.34 -43.36
C SER B 267 -20.79 -42.13 -44.16
N ALA B 268 -19.51 -41.99 -43.83
CA ALA B 268 -18.46 -42.68 -44.55
C ALA B 268 -18.60 -44.20 -44.45
N ALA B 269 -18.97 -44.70 -43.26
CA ALA B 269 -19.14 -46.15 -43.13
C ALA B 269 -20.29 -46.64 -43.99
N LEU B 270 -21.41 -45.93 -43.97
CA LEU B 270 -22.55 -46.28 -44.82
C LEU B 270 -22.17 -46.18 -46.29
N LYS B 271 -21.55 -45.07 -46.67
CA LYS B 271 -21.25 -44.81 -48.07
C LYS B 271 -20.34 -45.88 -48.67
N GLY B 272 -19.80 -46.78 -47.86
CA GLY B 272 -18.77 -47.68 -48.32
C GLY B 272 -17.38 -47.09 -48.28
N THR B 273 -17.28 -45.77 -48.13
CA THR B 273 -16.02 -45.07 -47.89
C THR B 273 -15.17 -45.81 -46.88
N ASP B 274 -14.06 -46.39 -47.36
CA ASP B 274 -12.98 -46.91 -46.55
C ASP B 274 -12.52 -45.97 -45.42
N GLY B 279 -8.30 -42.98 -41.12
CA GLY B 279 -8.22 -43.67 -39.85
C GLY B 279 -8.55 -42.79 -38.66
N LYS B 280 -8.87 -41.52 -38.92
CA LYS B 280 -9.43 -40.65 -37.89
C LYS B 280 -10.76 -41.19 -37.41
N TYR B 281 -11.55 -41.72 -38.36
CA TYR B 281 -12.86 -42.25 -38.07
C TYR B 281 -12.78 -43.58 -37.33
N SER B 282 -11.59 -44.20 -37.32
CA SER B 282 -11.41 -45.49 -36.64
C SER B 282 -11.60 -45.36 -35.12
N ASP B 283 -11.22 -44.22 -34.56
CA ASP B 283 -11.49 -43.96 -33.14
C ASP B 283 -12.98 -43.93 -32.88
N ILE B 284 -13.73 -43.23 -33.74
CA ILE B 284 -15.18 -43.20 -33.61
C ILE B 284 -15.76 -44.59 -33.84
N LEU B 285 -15.32 -45.27 -34.91
CA LEU B 285 -15.97 -46.52 -35.31
C LEU B 285 -15.60 -47.68 -34.40
N GLU B 286 -14.42 -47.67 -33.79
CA GLU B 286 -14.05 -48.77 -32.92
C GLU B 286 -14.85 -48.73 -31.62
N ASN B 287 -15.24 -47.52 -31.19
CA ASN B 287 -16.08 -47.35 -30.03
C ASN B 287 -17.54 -47.08 -30.42
N SER B 288 -17.96 -47.56 -31.58
CA SER B 288 -19.34 -47.43 -32.03
C SER B 288 -19.97 -48.81 -32.09
N SER B 289 -21.30 -48.83 -31.99
CA SER B 289 -22.06 -50.06 -32.09
C SER B 289 -23.02 -49.96 -33.29
N PHE B 290 -23.22 -51.08 -33.99
CA PHE B 290 -23.98 -51.13 -35.23
C PHE B 290 -25.11 -52.14 -35.16
N THR B 291 -26.29 -51.76 -35.64
CA THR B 291 -27.48 -52.61 -35.64
C THR B 291 -28.12 -52.58 -37.03
N ALA B 292 -28.36 -53.76 -37.59
CA ALA B 292 -29.02 -53.92 -38.89
C ALA B 292 -30.27 -54.76 -38.68
N VAL B 293 -31.39 -54.32 -39.27
CA VAL B 293 -32.65 -55.05 -39.16
C VAL B 293 -33.24 -55.21 -40.55
N VAL B 294 -33.67 -56.43 -40.86
CA VAL B 294 -34.38 -56.73 -42.10
C VAL B 294 -35.82 -57.06 -41.73
N LEU B 295 -36.76 -56.28 -42.26
CA LEU B 295 -38.14 -56.42 -41.85
C LEU B 295 -38.81 -57.57 -42.59
N GLY B 296 -39.86 -58.12 -41.96
CA GLY B 296 -40.62 -59.19 -42.56
C GLY B 296 -41.89 -58.71 -43.22
N HIS B 302 -38.20 -60.54 -37.96
CA HIS B 302 -37.21 -59.48 -37.92
C HIS B 302 -35.80 -59.97 -37.67
N ASN B 303 -35.12 -60.28 -38.77
CA ASN B 303 -33.73 -60.71 -38.76
C ASN B 303 -32.85 -59.56 -38.26
N LYS B 304 -32.61 -59.51 -36.94
CA LYS B 304 -31.84 -58.44 -36.32
C LYS B 304 -30.45 -58.91 -35.94
N VAL B 305 -29.44 -58.06 -36.18
CA VAL B 305 -28.06 -58.34 -35.80
C VAL B 305 -27.43 -57.09 -35.20
N VAL B 306 -26.79 -57.22 -34.04
CA VAL B 306 -25.92 -56.20 -33.48
C VAL B 306 -24.48 -56.68 -33.60
N THR B 307 -23.56 -55.74 -33.84
CA THR B 307 -22.16 -56.09 -34.05
C THR B 307 -21.32 -54.82 -34.00
N LYS B 308 -20.00 -55.02 -33.86
CA LYS B 308 -19.02 -53.95 -33.90
C LYS B 308 -18.15 -53.98 -35.14
N ASP B 309 -18.34 -54.98 -36.00
CA ASP B 309 -17.70 -55.06 -37.31
C ASP B 309 -18.69 -54.55 -38.34
N PHE B 310 -18.30 -53.55 -39.12
CA PHE B 310 -19.26 -52.97 -40.04
C PHE B 310 -19.43 -53.80 -41.31
N ASP B 311 -18.50 -54.70 -41.64
CA ASP B 311 -18.72 -55.55 -42.79
C ASP B 311 -19.97 -56.41 -42.62
N VAL B 312 -20.19 -56.92 -41.41
CA VAL B 312 -21.40 -57.70 -41.14
C VAL B 312 -22.63 -56.92 -41.57
N ILE B 313 -22.62 -55.61 -41.33
CA ILE B 313 -23.71 -54.76 -41.77
C ILE B 313 -23.82 -54.76 -43.29
N ARG B 314 -22.69 -54.48 -43.97
CA ARG B 314 -22.68 -54.36 -45.43
C ARG B 314 -23.17 -55.66 -46.07
N ASN B 315 -22.72 -56.79 -45.53
CA ASN B 315 -23.21 -58.11 -45.87
C ASN B 315 -24.71 -58.29 -45.73
N VAL B 316 -25.30 -57.80 -44.63
CA VAL B 316 -26.76 -57.88 -44.49
C VAL B 316 -27.46 -57.15 -45.64
N ILE B 317 -26.99 -55.94 -45.93
CA ILE B 317 -27.54 -55.14 -47.02
C ILE B 317 -27.34 -55.80 -48.37
N LYS B 318 -26.19 -56.43 -48.59
CA LYS B 318 -26.00 -57.06 -49.89
C LYS B 318 -26.74 -58.39 -50.01
N ASP B 319 -26.85 -59.13 -48.91
CA ASP B 319 -27.49 -60.45 -48.91
C ASP B 319 -29.01 -60.39 -48.91
N ASN B 320 -29.59 -59.19 -49.00
CA ASN B 320 -31.03 -58.93 -48.95
C ASN B 320 -31.47 -57.93 -50.00
N ALA B 321 -31.03 -58.13 -51.24
CA ALA B 321 -31.61 -57.51 -52.43
C ALA B 321 -32.12 -58.58 -53.40
N THR B 322 -32.47 -59.75 -52.87
CA THR B 322 -32.84 -60.94 -53.63
C THR B 322 -34.35 -61.13 -53.66
N PHE B 323 -34.90 -61.31 -54.86
CA PHE B 323 -36.35 -61.45 -55.02
C PHE B 323 -36.68 -62.83 -55.58
N SER B 324 -37.34 -63.67 -54.78
CA SER B 324 -37.78 -65.00 -55.17
C SER B 324 -38.97 -65.37 -54.32
N ARG B 325 -39.48 -66.59 -54.50
CA ARG B 325 -40.55 -67.10 -53.64
C ARG B 325 -40.04 -67.46 -52.23
N ASN B 327 -38.45 -65.84 -49.22
CA ASN B 327 -38.37 -64.36 -49.33
C ASN B 327 -39.11 -63.58 -50.45
N PRO B 328 -40.40 -63.38 -50.27
CA PRO B 328 -41.14 -62.47 -51.16
C PRO B 328 -40.89 -61.00 -50.83
N ALA B 329 -41.62 -60.14 -51.53
CA ALA B 329 -41.64 -58.73 -51.24
C ALA B 329 -42.86 -58.39 -50.38
N TYR B 330 -42.80 -57.24 -49.72
CA TYR B 330 -43.80 -56.78 -48.78
C TYR B 330 -44.24 -55.38 -49.18
N PRO B 331 -45.50 -55.01 -48.94
CA PRO B 331 -45.85 -53.60 -49.08
C PRO B 331 -44.93 -52.82 -48.19
N ILE B 332 -44.25 -51.82 -48.76
CA ILE B 332 -43.43 -50.93 -47.96
C ILE B 332 -43.83 -49.46 -48.08
N SER B 333 -44.52 -49.02 -49.14
CA SER B 333 -44.93 -47.63 -49.31
C SER B 333 -45.96 -47.51 -50.44
N TYR B 334 -46.79 -46.46 -50.37
CA TYR B 334 -47.78 -46.24 -51.41
C TYR B 334 -48.00 -44.76 -51.69
N THR B 335 -48.61 -44.52 -52.84
CA THR B 335 -48.94 -43.19 -53.36
C THR B 335 -50.44 -43.12 -53.55
N SER B 336 -51.04 -42.02 -53.12
CA SER B 336 -52.47 -41.83 -53.16
C SER B 336 -52.81 -40.53 -53.89
N VAL B 337 -53.99 -40.49 -54.50
CA VAL B 337 -54.51 -39.23 -55.04
C VAL B 337 -55.81 -38.90 -54.34
N PHE B 338 -56.15 -37.62 -54.35
CA PHE B 338 -57.48 -37.22 -53.93
C PHE B 338 -58.47 -37.69 -54.98
N LEU B 339 -59.56 -38.33 -54.53
CA LEU B 339 -60.53 -38.84 -55.47
C LEU B 339 -61.17 -37.73 -56.25
N LYS B 340 -61.44 -36.60 -55.58
CA LYS B 340 -62.16 -35.51 -56.21
C LYS B 340 -61.41 -34.99 -57.43
N ASN B 341 -60.10 -35.16 -57.45
CA ASN B 341 -59.21 -34.36 -58.27
C ASN B 341 -58.24 -35.18 -59.12
N ASN B 342 -57.89 -36.38 -58.64
CA ASN B 342 -56.76 -37.15 -59.14
C ASN B 342 -55.41 -36.42 -58.92
N LYS B 343 -55.33 -35.57 -57.90
CA LYS B 343 -54.06 -34.94 -57.54
C LYS B 343 -53.35 -35.77 -56.48
N ILE B 344 -52.02 -35.93 -56.66
CA ILE B 344 -51.25 -36.70 -55.70
C ILE B 344 -51.34 -36.05 -54.32
N ALA B 345 -51.64 -36.87 -53.33
CA ALA B 345 -51.78 -36.41 -51.96
C ALA B 345 -50.42 -36.48 -51.26
N GLY B 346 -50.00 -35.37 -50.66
CA GLY B 346 -48.79 -35.38 -49.87
C GLY B 346 -49.09 -35.21 -48.40
N VAL B 347 -48.15 -35.56 -47.53
CA VAL B 347 -48.30 -35.35 -46.09
C VAL B 347 -47.22 -34.35 -45.65
N ASN B 348 -47.64 -33.15 -45.25
CA ASN B 348 -46.72 -32.11 -44.83
C ASN B 348 -46.25 -32.31 -43.39
N ASN B 349 -44.97 -32.67 -43.24
CA ASN B 349 -44.33 -32.79 -41.93
C ASN B 349 -43.67 -31.45 -41.60
N ARG B 350 -44.11 -30.82 -40.53
CA ARG B 350 -43.48 -29.59 -40.04
C ARG B 350 -43.14 -29.79 -38.57
N SER B 351 -41.87 -29.67 -38.21
CA SER B 351 -41.53 -29.84 -36.80
C SER B 351 -40.25 -29.10 -36.48
N GLU B 352 -40.12 -28.80 -35.19
CA GLU B 352 -38.91 -28.24 -34.62
C GLU B 352 -38.15 -29.31 -33.86
N TYR B 353 -36.82 -29.21 -33.89
CA TYR B 353 -35.99 -30.10 -33.09
C TYR B 353 -34.74 -29.36 -32.67
N VAL B 354 -34.03 -29.96 -31.71
CA VAL B 354 -32.83 -29.38 -31.13
C VAL B 354 -31.64 -30.25 -31.49
N GLU B 355 -30.66 -29.67 -32.18
CA GLU B 355 -29.36 -30.31 -32.33
C GLU B 355 -28.51 -30.06 -31.08
N THR B 356 -28.04 -31.14 -30.45
CA THR B 356 -27.31 -31.07 -29.19
C THR B 356 -25.86 -31.52 -29.37
N THR B 357 -24.94 -30.64 -29.06
CA THR B 357 -23.53 -30.97 -29.00
C THR B 357 -23.05 -30.91 -27.56
N SER B 358 -21.81 -31.36 -27.37
CA SER B 358 -21.30 -31.49 -26.03
C SER B 358 -19.78 -31.42 -26.12
N THR B 359 -19.14 -30.86 -25.10
CA THR B 359 -17.69 -30.96 -24.96
C THR B 359 -17.33 -31.10 -23.49
N GLU B 360 -16.37 -31.97 -23.20
CA GLU B 360 -15.95 -32.22 -21.83
C GLU B 360 -14.54 -31.65 -21.63
N TYR B 361 -14.38 -30.81 -20.60
CA TYR B 361 -13.09 -30.27 -20.21
C TYR B 361 -12.69 -30.80 -18.85
N THR B 362 -11.37 -30.84 -18.59
CA THR B 362 -10.84 -31.39 -17.35
C THR B 362 -9.99 -30.36 -16.63
N SER B 363 -10.10 -30.35 -15.30
CA SER B 363 -9.32 -29.45 -14.48
C SER B 363 -7.83 -29.74 -14.64
N GLY B 364 -7.01 -28.76 -14.26
CA GLY B 364 -5.57 -28.87 -14.40
C GLY B 364 -4.88 -28.26 -13.19
N LYS B 365 -3.55 -28.19 -13.26
CA LYS B 365 -2.76 -27.71 -12.13
C LYS B 365 -1.53 -27.02 -12.66
N ILE B 366 -1.25 -25.80 -12.18
CA ILE B 366 0.01 -25.12 -12.48
C ILE B 366 0.97 -25.52 -11.38
N ASN B 367 2.11 -26.09 -11.78
CA ASN B 367 3.14 -26.50 -10.83
C ASN B 367 4.29 -25.54 -10.99
N LEU B 368 4.51 -24.70 -9.98
CA LEU B 368 5.63 -23.75 -10.01
C LEU B 368 6.84 -24.34 -9.31
N SER B 369 7.99 -24.27 -9.94
CA SER B 369 9.25 -24.69 -9.33
C SER B 369 10.31 -23.66 -9.58
N HIS B 370 10.96 -23.20 -8.52
CA HIS B 370 11.92 -22.11 -8.62
C HIS B 370 13.26 -22.67 -8.16
N GLN B 371 14.16 -22.89 -9.11
CA GLN B 371 15.47 -23.47 -8.85
C GLN B 371 16.59 -22.52 -9.22
N GLY B 372 16.28 -21.26 -9.45
CA GLY B 372 17.28 -20.29 -9.84
C GLY B 372 18.03 -19.74 -8.64
N ALA B 373 18.99 -18.89 -8.96
CA ALA B 373 19.83 -18.30 -7.93
C ALA B 373 19.31 -16.94 -7.47
N TYR B 374 18.17 -16.52 -7.97
CA TYR B 374 17.68 -15.15 -7.81
C TYR B 374 16.38 -15.10 -7.00
N VAL B 375 15.91 -13.88 -6.77
CA VAL B 375 14.57 -13.59 -6.26
C VAL B 375 13.64 -13.49 -7.47
N ALA B 376 12.57 -14.27 -7.47
CA ALA B 376 11.63 -14.29 -8.58
C ALA B 376 10.27 -13.81 -8.09
N GLN B 377 9.43 -13.45 -9.06
CA GLN B 377 8.04 -13.12 -8.80
C GLN B 377 7.21 -13.61 -9.99
N TYR B 378 5.97 -13.99 -9.69
CA TYR B 378 5.08 -14.49 -10.72
C TYR B 378 3.90 -13.56 -10.87
N GLU B 379 3.31 -13.55 -12.06
CA GLU B 379 1.96 -13.05 -12.26
C GLU B 379 1.16 -14.11 -12.98
N ILE B 380 0.20 -14.72 -12.29
CA ILE B 380 -0.55 -15.82 -12.86
C ILE B 380 -2.02 -15.43 -12.87
N LEU B 381 -2.59 -15.35 -14.06
CA LEU B 381 -3.97 -14.91 -14.23
C LEU B 381 -4.67 -15.90 -15.13
N TRP B 382 -5.98 -16.05 -14.90
CA TRP B 382 -6.82 -16.86 -15.77
C TRP B 382 -8.28 -16.48 -15.60
N ASP B 383 -9.12 -16.91 -16.54
CA ASP B 383 -10.57 -16.70 -16.49
C ASP B 383 -11.29 -18.01 -16.23
N GLU B 384 -12.44 -17.91 -15.55
CA GLU B 384 -13.34 -19.04 -15.34
C GLU B 384 -14.68 -18.76 -16.03
N ILE B 385 -15.12 -19.68 -16.92
CA ILE B 385 -16.34 -19.50 -17.73
C ILE B 385 -17.53 -20.20 -17.08
N ASN B 386 -18.69 -19.54 -17.13
CA ASN B 386 -19.97 -20.14 -16.77
C ASN B 386 -21.03 -19.60 -17.72
N TYR B 387 -22.27 -20.05 -17.54
CA TYR B 387 -23.36 -19.70 -18.44
C TYR B 387 -24.57 -19.37 -17.59
N ASP B 388 -25.18 -18.20 -17.88
CA ASP B 388 -26.36 -17.74 -17.15
C ASP B 388 -27.59 -18.55 -17.56
N ASP B 389 -28.76 -18.22 -17.00
CA ASP B 389 -29.97 -18.96 -17.38
C ASP B 389 -30.38 -18.71 -18.82
N LYS B 390 -29.71 -17.82 -19.55
CA LYS B 390 -29.97 -17.59 -20.96
C LYS B 390 -28.90 -18.21 -21.86
N GLY B 391 -27.86 -18.80 -21.28
CA GLY B 391 -26.76 -19.39 -22.04
C GLY B 391 -25.73 -18.41 -22.58
N LYS B 392 -25.55 -17.26 -21.92
CA LYS B 392 -24.50 -16.32 -22.26
C LYS B 392 -23.31 -16.50 -21.31
N GLU B 393 -22.10 -16.34 -21.85
CA GLU B 393 -20.89 -16.47 -21.05
C GLU B 393 -20.93 -15.56 -19.83
N VAL B 394 -20.23 -15.97 -18.77
CA VAL B 394 -20.03 -15.18 -17.58
C VAL B 394 -18.61 -15.39 -17.11
N ILE B 395 -17.75 -14.40 -17.33
CA ILE B 395 -16.32 -14.52 -17.06
C ILE B 395 -16.03 -14.09 -15.63
N THR B 396 -15.51 -15.00 -14.82
CA THR B 396 -14.93 -14.67 -13.52
C THR B 396 -13.41 -14.60 -13.65
N LYS B 397 -12.84 -13.40 -13.52
CA LYS B 397 -11.40 -13.25 -13.49
C LYS B 397 -10.83 -13.83 -12.20
N ARG B 398 -9.81 -14.66 -12.32
CA ARG B 398 -9.08 -15.15 -11.16
C ARG B 398 -7.60 -14.77 -11.26
N ARG B 399 -6.94 -14.78 -10.11
CA ARG B 399 -5.52 -14.39 -10.03
C ARG B 399 -4.93 -15.17 -8.86
N TRP B 400 -3.68 -15.57 -8.99
CA TRP B 400 -3.02 -16.28 -7.91
C TRP B 400 -2.78 -15.32 -6.76
N ASP B 401 -3.10 -15.73 -5.54
CA ASP B 401 -3.02 -14.76 -4.44
C ASP B 401 -1.60 -14.45 -4.00
N ASN B 402 -0.58 -15.16 -4.51
CA ASN B 402 0.80 -14.81 -4.21
C ASN B 402 1.43 -14.08 -5.38
N ASN B 403 0.62 -13.57 -6.30
CA ASN B 403 1.13 -12.76 -7.40
C ASN B 403 1.97 -11.62 -6.87
N TRP B 404 3.12 -11.39 -7.50
CA TRP B 404 4.07 -10.34 -7.16
C TRP B 404 4.83 -10.57 -5.86
N TYR B 405 4.66 -11.70 -5.16
CA TYR B 405 5.44 -11.96 -3.95
C TYR B 405 6.80 -12.52 -4.32
N SER B 406 7.84 -12.07 -3.63
CA SER B 406 9.19 -12.52 -3.92
C SER B 406 9.41 -13.96 -3.45
N LYS B 407 10.12 -14.72 -4.28
CA LYS B 407 10.33 -16.14 -4.02
C LYS B 407 11.79 -16.45 -4.24
N THR B 408 12.34 -17.34 -3.42
CA THR B 408 13.68 -17.83 -3.67
C THR B 408 13.65 -19.35 -3.74
N SER B 409 14.67 -19.92 -4.36
CA SER B 409 14.78 -21.37 -4.42
C SER B 409 14.87 -21.94 -3.00
N PRO B 410 14.31 -23.13 -2.75
CA PRO B 410 13.65 -24.11 -3.62
C PRO B 410 12.12 -24.05 -3.70
N PHE B 411 11.56 -22.84 -3.67
CA PHE B 411 10.11 -22.65 -3.63
C PHE B 411 9.41 -23.49 -4.68
N SER B 412 8.23 -24.00 -4.32
CA SER B 412 7.43 -24.72 -5.29
C SER B 412 6.01 -24.75 -4.76
N THR B 413 5.05 -24.96 -5.66
CA THR B 413 3.65 -24.92 -5.23
C THR B 413 2.80 -25.46 -6.38
N VAL B 414 1.53 -25.69 -6.06
CA VAL B 414 0.56 -26.28 -6.98
C VAL B 414 -0.64 -25.35 -6.94
N ILE B 415 -1.00 -24.80 -8.09
CA ILE B 415 -2.15 -23.91 -8.23
C ILE B 415 -3.25 -24.66 -8.98
N PRO B 416 -4.34 -25.03 -8.33
CA PRO B 416 -5.38 -25.75 -9.06
C PRO B 416 -6.20 -24.81 -9.94
N LEU B 417 -6.53 -25.30 -11.14
CA LEU B 417 -7.37 -24.61 -12.10
C LEU B 417 -8.62 -25.45 -12.33
N GLY B 418 -9.79 -24.81 -12.23
CA GLY B 418 -11.03 -25.47 -12.52
C GLY B 418 -11.12 -25.90 -13.98
N ALA B 419 -11.95 -26.91 -14.21
CA ALA B 419 -12.07 -27.45 -15.57
C ALA B 419 -12.59 -26.41 -16.57
N ASN B 420 -13.22 -25.34 -16.07
CA ASN B 420 -13.77 -24.26 -16.88
C ASN B 420 -12.83 -23.07 -16.97
N SER B 421 -11.52 -23.29 -16.86
CA SER B 421 -10.60 -22.16 -16.91
C SER B 421 -10.23 -21.89 -18.35
N ARG B 422 -9.91 -20.64 -18.63
CA ARG B 422 -9.32 -20.33 -19.94
C ARG B 422 -8.57 -19.00 -19.82
N ASN B 423 -7.92 -18.61 -20.90
CA ASN B 423 -7.15 -17.36 -20.94
C ASN B 423 -6.07 -17.35 -19.87
N ILE B 424 -5.33 -18.45 -19.78
CA ILE B 424 -4.32 -18.63 -18.74
C ILE B 424 -3.07 -17.85 -19.12
N ARG B 425 -2.70 -16.87 -18.29
CA ARG B 425 -1.48 -16.08 -18.50
C ARG B 425 -0.54 -16.29 -17.32
N ILE B 426 0.72 -16.63 -17.63
CA ILE B 426 1.74 -16.95 -16.63
C ILE B 426 3.01 -16.18 -16.95
N MET B 427 3.45 -15.35 -16.01
CA MET B 427 4.69 -14.58 -16.15
C MET B 427 5.56 -14.78 -14.91
N ALA B 428 6.83 -15.10 -15.13
CA ALA B 428 7.81 -15.16 -14.07
C ALA B 428 8.92 -14.15 -14.37
N ARG B 429 9.31 -13.35 -13.38
CA ARG B 429 10.37 -12.35 -13.56
C ARG B 429 11.33 -12.42 -12.39
N GLU B 430 12.55 -11.93 -12.58
CA GLU B 430 13.53 -12.04 -11.51
C GLU B 430 14.34 -10.76 -11.40
N CYS B 431 14.77 -10.48 -10.19
CA CYS B 431 15.29 -9.16 -9.84
C CYS B 431 16.77 -9.12 -10.20
N THR B 432 17.07 -8.56 -11.39
CA THR B 432 18.48 -8.40 -11.78
C THR B 432 19.16 -7.35 -10.92
N GLY B 433 18.44 -6.37 -10.42
CA GLY B 433 19.10 -5.43 -9.52
C GLY B 433 20.08 -4.47 -10.18
N LEU B 434 20.02 -4.33 -11.52
CA LEU B 434 20.86 -3.40 -12.26
C LEU B 434 20.16 -2.05 -12.35
N ALA B 435 21.00 -0.99 -12.33
CA ALA B 435 20.52 0.39 -12.26
C ALA B 435 19.56 0.72 -13.39
N TRP B 436 19.77 0.11 -14.55
CA TRP B 436 18.88 0.21 -15.70
C TRP B 436 17.89 -0.95 -15.83
N GLU B 437 18.17 -2.12 -15.23
CA GLU B 437 17.33 -3.32 -15.32
C GLU B 437 17.09 -3.84 -13.90
N TRP B 438 16.02 -3.36 -13.25
CA TRP B 438 15.82 -3.85 -11.89
C TRP B 438 15.17 -5.24 -11.88
N TRP B 439 14.24 -5.49 -12.81
CA TRP B 439 13.53 -6.75 -12.98
C TRP B 439 13.62 -7.21 -14.44
N ARG B 440 13.83 -8.50 -14.62
CA ARG B 440 13.89 -9.07 -15.95
C ARG B 440 12.85 -10.19 -16.02
N LYS B 441 12.16 -10.28 -17.15
CA LYS B 441 11.22 -11.38 -17.36
C LYS B 441 11.96 -12.64 -17.77
N VAL B 442 11.58 -13.77 -17.20
CA VAL B 442 12.14 -15.06 -17.58
C VAL B 442 11.15 -15.87 -18.41
N ILE B 443 9.88 -15.74 -18.09
CA ILE B 443 8.80 -16.46 -18.75
C ILE B 443 7.68 -15.47 -18.94
N ASP B 444 7.10 -15.43 -20.14
CA ASP B 444 5.97 -14.51 -20.38
C ASP B 444 5.06 -15.18 -21.40
N GLU B 445 3.96 -15.74 -20.94
CA GLU B 445 3.13 -16.58 -21.78
C GLU B 445 1.67 -16.24 -21.60
N ARG B 446 0.97 -16.10 -22.71
CA ARG B 446 -0.46 -15.88 -22.75
C ARG B 446 -1.05 -17.12 -23.40
N ASP B 447 -2.37 -17.28 -23.28
CA ASP B 447 -3.00 -18.52 -23.71
C ASP B 447 -2.17 -19.76 -23.39
N VAL B 448 -1.99 -20.06 -22.13
CA VAL B 448 -1.31 -21.28 -21.74
C VAL B 448 -2.32 -22.41 -21.84
N LYS B 449 -1.89 -23.56 -22.36
CA LYS B 449 -2.79 -24.67 -22.56
C LYS B 449 -3.23 -25.27 -21.22
N LEU B 450 -4.56 -25.28 -20.97
CA LEU B 450 -5.09 -26.03 -19.84
C LEU B 450 -4.79 -27.53 -20.00
N SER B 451 -3.96 -28.09 -19.10
CA SER B 451 -3.56 -29.49 -19.15
C SER B 451 -3.56 -30.01 -17.72
N LYS B 452 -3.47 -31.33 -17.58
CA LYS B 452 -3.44 -31.91 -16.24
C LYS B 452 -2.27 -31.37 -15.42
N GLU B 453 -1.15 -31.10 -16.10
CA GLU B 453 0.05 -30.55 -15.48
C GLU B 453 0.52 -29.43 -16.37
N ILE B 454 0.67 -28.24 -15.77
CA ILE B 454 1.31 -27.09 -16.40
C ILE B 454 2.56 -26.85 -15.56
N ASN B 455 3.71 -27.31 -16.05
CA ASN B 455 4.94 -27.33 -15.27
C ASN B 455 5.77 -26.10 -15.60
N VAL B 456 5.79 -25.14 -14.66
CA VAL B 456 6.46 -23.86 -14.85
C VAL B 456 7.78 -23.90 -14.10
N ASN B 457 8.88 -24.02 -14.82
CA ASN B 457 10.20 -24.11 -14.19
C ASN B 457 10.99 -22.86 -14.51
N ILE B 458 11.68 -22.34 -13.50
CA ILE B 458 12.66 -21.28 -13.72
C ILE B 458 13.94 -21.67 -13.02
N SER B 459 15.05 -21.20 -13.58
CA SER B 459 16.33 -21.62 -13.08
C SER B 459 17.40 -20.67 -13.60
N GLY B 460 18.64 -21.10 -13.54
CA GLY B 460 19.73 -20.25 -13.99
C GLY B 460 20.26 -19.32 -12.93
N SER B 461 21.01 -18.31 -13.40
CA SER B 461 21.63 -17.32 -12.55
C SER B 461 20.91 -16.00 -12.73
N THR B 462 21.30 -15.01 -11.91
CA THR B 462 20.72 -13.68 -12.02
C THR B 462 20.95 -13.10 -13.40
N LEU B 463 22.17 -13.23 -13.92
CA LEU B 463 22.51 -12.63 -15.21
C LEU B 463 22.02 -13.48 -16.37
N SER B 464 22.02 -14.81 -16.23
CA SER B 464 21.55 -15.72 -17.29
C SER B 464 20.48 -16.65 -16.73
N PRO B 465 19.25 -16.18 -16.63
CA PRO B 465 18.16 -17.05 -16.21
C PRO B 465 17.50 -17.72 -17.40
N TYR B 466 16.81 -18.83 -17.12
CA TYR B 466 16.01 -19.52 -18.13
C TYR B 466 14.86 -20.25 -17.47
N GLY B 467 13.83 -20.50 -18.27
CA GLY B 467 12.66 -21.21 -17.80
C GLY B 467 11.88 -21.76 -18.99
N SER B 468 10.82 -22.49 -18.65
CA SER B 468 9.96 -23.13 -19.63
C SER B 468 8.65 -23.52 -18.97
N ILE B 469 7.61 -23.54 -19.77
CA ILE B 469 6.34 -24.16 -19.40
C ILE B 469 6.24 -25.41 -20.26
N THR B 470 6.16 -26.57 -19.63
CA THR B 470 5.95 -27.82 -20.33
C THR B 470 4.69 -28.46 -19.78
N TYR B 471 4.10 -29.36 -20.56
CA TYR B 471 2.80 -29.90 -20.20
C TYR B 471 2.85 -31.42 -20.09
N LYS B 472 2.08 -31.96 -19.14
CA LYS B 472 1.92 -33.41 -19.00
C LYS B 472 0.48 -33.84 -18.66
N GLU C 4 80.07 47.41 61.18
CA GLU C 4 80.41 47.59 59.77
C GLU C 4 79.26 48.23 58.97
N ASP C 5 79.57 48.69 57.75
CA ASP C 5 78.59 49.33 56.85
C ASP C 5 78.04 48.26 55.91
N HIS C 6 76.83 47.79 56.20
CA HIS C 6 76.15 46.74 55.45
C HIS C 6 75.63 47.22 54.09
N THR C 7 75.94 48.47 53.70
CA THR C 7 75.39 49.01 52.46
C THR C 7 75.84 48.20 51.26
N GLU C 8 77.12 47.82 51.20
CA GLU C 8 77.59 47.07 50.04
C GLU C 8 77.09 45.64 50.00
N GLU C 9 76.72 45.04 51.15
CA GLU C 9 76.18 43.69 51.07
C GLU C 9 74.73 43.72 50.62
N ILE C 10 73.95 44.67 51.15
CA ILE C 10 72.55 44.75 50.80
C ILE C 10 72.39 45.05 49.33
N ASN C 11 73.19 45.98 48.79
CA ASN C 11 73.17 46.25 47.36
C ASN C 11 73.57 45.01 46.56
N ASP C 12 74.68 44.36 46.93
CA ASP C 12 75.12 43.15 46.25
C ASP C 12 74.02 42.07 46.26
N LYS C 13 73.45 41.79 47.42
CA LYS C 13 72.54 40.65 47.52
C LYS C 13 71.25 40.92 46.78
N ILE C 14 70.69 42.12 46.95
CA ILE C 14 69.48 42.48 46.21
C ILE C 14 69.74 42.46 44.71
N TYR C 15 70.88 43.02 44.28
CA TYR C 15 71.26 42.94 42.87
C TYR C 15 71.34 41.51 42.39
N SER C 16 71.74 40.58 43.25
CA SER C 16 71.95 39.20 42.83
C SER C 16 70.68 38.37 42.84
N LEU C 17 69.57 38.95 43.32
CA LEU C 17 68.34 38.18 43.47
C LEU C 17 67.93 37.63 42.12
N ASN C 18 67.39 36.42 42.12
CA ASN C 18 67.16 35.68 40.89
C ASN C 18 65.66 35.37 40.81
N TYR C 19 64.96 36.02 39.88
CA TYR C 19 63.51 35.79 39.74
C TYR C 19 62.99 36.30 38.40
N ASN C 20 61.93 35.69 37.89
CA ASN C 20 61.19 36.27 36.78
C ASN C 20 60.22 37.32 37.30
N GLU C 21 60.31 38.55 36.76
CA GLU C 21 59.43 39.63 37.23
C GLU C 21 57.96 39.29 36.98
N LEU C 22 57.66 38.85 35.77
CA LEU C 22 56.30 38.44 35.42
C LEU C 22 55.83 37.33 36.34
N GLU C 23 56.64 36.30 36.54
CA GLU C 23 56.13 35.10 37.20
C GLU C 23 56.04 35.23 38.72
N VAL C 24 56.85 36.08 39.34
CA VAL C 24 56.80 36.12 40.79
C VAL C 24 55.55 36.86 41.27
N LEU C 25 54.93 37.67 40.41
CA LEU C 25 53.68 38.34 40.73
C LEU C 25 52.56 37.86 39.82
N ALA C 26 52.67 36.63 39.34
CA ALA C 26 51.58 36.03 38.57
C ALA C 26 50.38 35.76 39.50
N LYS C 27 49.20 36.07 39.00
CA LYS C 27 47.96 35.80 39.71
C LYS C 27 47.16 34.89 38.77
N ASN C 28 47.36 33.58 38.92
CA ASN C 28 46.71 32.61 38.05
C ASN C 28 45.33 32.29 38.61
N GLY C 29 44.32 32.41 37.75
CA GLY C 29 42.95 32.42 38.22
C GLY C 29 42.45 31.05 38.64
N GLU C 30 41.20 31.06 39.09
CA GLU C 30 40.55 29.87 39.61
C GLU C 30 40.37 28.84 38.48
N THR C 31 40.75 27.60 38.75
CA THR C 31 40.80 26.59 37.70
C THR C 31 39.40 26.24 37.23
N ILE C 32 39.20 26.33 35.92
CA ILE C 32 37.88 26.12 35.32
C ILE C 32 37.58 24.62 35.30
N GLU C 33 36.61 24.20 36.11
CA GLU C 33 36.15 22.83 36.14
C GLU C 33 35.24 22.48 34.96
N ASN C 34 35.32 21.20 34.58
CA ASN C 34 34.63 20.61 33.43
C ASN C 34 33.23 21.17 33.27
N PHE C 35 32.78 21.24 32.03
CA PHE C 35 31.54 21.96 31.78
C PHE C 35 30.93 21.45 30.48
N VAL C 36 29.63 21.63 30.39
CA VAL C 36 28.85 21.31 29.20
C VAL C 36 28.67 22.60 28.42
N PRO C 37 29.05 22.65 27.14
CA PRO C 37 28.81 23.86 26.35
C PRO C 37 27.33 24.23 26.15
N LYS C 38 26.44 23.25 25.98
CA LYS C 38 25.02 23.53 25.78
C LYS C 38 24.19 22.51 26.55
N GLU C 39 23.11 23.00 27.17
CA GLU C 39 22.16 22.11 27.82
C GLU C 39 20.76 22.71 27.70
N GLY C 40 19.76 21.83 27.68
CA GLY C 40 18.38 22.26 27.56
C GLY C 40 17.52 21.52 28.57
N VAL C 41 16.52 22.19 29.15
CA VAL C 41 15.62 21.58 30.11
C VAL C 41 14.19 21.93 29.74
N LYS C 42 13.30 20.93 29.77
CA LYS C 42 11.87 21.15 29.57
C LYS C 42 11.19 21.42 30.90
N LYS C 43 10.30 22.42 30.91
CA LYS C 43 9.51 22.76 32.09
C LYS C 43 8.19 23.29 31.59
N ALA C 44 7.09 22.59 31.89
CA ALA C 44 5.73 22.99 31.43
C ALA C 44 5.83 23.19 29.92
N ASP C 45 5.39 24.33 29.38
CA ASP C 45 5.50 24.63 27.96
C ASP C 45 6.78 25.36 27.60
N LYS C 46 7.78 25.36 28.49
CA LYS C 46 9.03 26.09 28.29
C LYS C 46 10.21 25.14 28.03
N PHE C 47 11.15 25.64 27.24
CA PHE C 47 12.46 25.03 27.02
C PHE C 47 13.50 26.09 27.36
N ILE C 48 14.24 25.89 28.44
CA ILE C 48 15.30 26.80 28.86
C ILE C 48 16.63 26.21 28.40
N VAL C 49 17.35 26.96 27.56
CA VAL C 49 18.65 26.56 27.04
C VAL C 49 19.74 27.40 27.70
N ILE C 50 20.63 26.75 28.44
CA ILE C 50 21.81 27.39 29.00
C ILE C 50 22.98 27.13 28.05
N GLU C 51 23.60 28.20 27.57
CA GLU C 51 24.79 28.09 26.72
C GLU C 51 26.01 28.64 27.47
N ARG C 52 27.12 27.90 27.40
CA ARG C 52 28.35 28.22 28.14
C ARG C 52 29.51 28.36 27.18
N LYS C 53 30.07 29.57 27.12
CA LYS C 53 31.24 29.91 26.33
C LYS C 53 32.46 30.20 27.24
N LYS C 54 33.60 29.57 26.92
CA LYS C 54 34.82 29.67 27.73
C LYS C 54 35.74 30.74 27.16
N LYS C 55 36.10 31.72 27.99
CA LYS C 55 36.87 32.86 27.55
C LYS C 55 38.09 33.08 28.45
N ASN C 56 39.00 33.92 27.96
CA ASN C 56 40.29 34.18 28.60
C ASN C 56 40.44 35.65 28.93
N ILE C 57 41.06 35.92 30.07
CA ILE C 57 41.45 37.25 30.49
C ILE C 57 42.96 37.27 30.61
N ASN C 58 43.57 38.39 30.19
CA ASN C 58 45.02 38.56 30.30
C ASN C 58 45.30 40.05 30.45
N THR C 59 45.47 40.49 31.69
CA THR C 59 45.83 41.87 31.95
C THR C 59 47.01 41.89 32.92
N THR C 60 47.77 42.97 32.85
CA THR C 60 48.92 43.17 33.73
C THR C 60 48.83 44.60 34.25
N PRO C 61 47.96 44.86 35.22
CA PRO C 61 47.85 46.22 35.76
C PRO C 61 49.09 46.57 36.59
N VAL C 62 49.47 47.85 36.51
CA VAL C 62 50.55 48.38 37.33
C VAL C 62 50.03 49.31 38.42
N ASP C 63 48.71 49.53 38.48
CA ASP C 63 48.06 50.20 39.61
C ASP C 63 47.28 49.13 40.39
N ILE C 64 47.65 48.93 41.64
CA ILE C 64 47.09 47.86 42.46
C ILE C 64 46.05 48.48 43.41
N SER C 65 44.83 47.94 43.38
CA SER C 65 43.76 48.35 44.30
C SER C 65 44.23 48.28 45.74
N ILE C 66 43.91 49.31 46.51
CA ILE C 66 44.16 49.32 47.95
C ILE C 66 42.86 48.98 48.68
N ILE C 67 42.94 48.08 49.67
CA ILE C 67 41.83 47.72 50.56
C ILE C 67 42.23 48.16 51.96
N ASP C 68 41.61 49.20 52.52
CA ASP C 68 42.04 49.66 53.83
C ASP C 68 41.85 48.61 54.92
N SER C 69 41.00 47.61 54.68
CA SER C 69 40.74 46.54 55.65
C SER C 69 42.03 45.85 56.12
N ASP C 72 46.92 51.71 55.80
CA ASP C 72 47.04 50.37 56.30
C ASP C 72 48.44 49.90 56.16
N ARG C 73 48.89 49.03 55.27
CA ARG C 73 50.36 48.88 55.13
C ARG C 73 50.92 49.34 53.79
N THR C 74 50.12 50.10 53.05
CA THR C 74 50.48 50.67 51.77
C THR C 74 50.56 52.19 51.91
N TYR C 75 51.66 52.75 51.46
CA TYR C 75 51.94 54.17 51.61
C TYR C 75 53.20 54.53 50.83
N PRO C 76 53.33 55.78 50.38
CA PRO C 76 54.47 56.16 49.53
C PRO C 76 55.80 55.91 50.21
N ALA C 77 56.64 55.10 49.57
CA ALA C 77 57.98 54.64 50.01
C ALA C 77 57.89 53.40 50.90
N ALA C 78 56.71 52.81 51.06
CA ALA C 78 56.64 51.56 51.81
C ALA C 78 57.45 50.48 51.09
N LEU C 79 57.89 49.50 51.86
CA LEU C 79 58.52 48.29 51.34
C LEU C 79 57.57 47.12 51.53
N GLN C 80 57.32 46.39 50.44
CA GLN C 80 56.44 45.24 50.49
C GLN C 80 57.18 44.06 49.86
N LEU C 81 56.60 42.87 50.00
CA LEU C 81 57.12 41.64 49.43
C LEU C 81 56.38 41.30 48.15
N ALA C 82 57.11 40.83 47.15
CA ALA C 82 56.47 40.48 45.88
C ALA C 82 56.12 39.00 45.95
N ASN C 83 54.95 38.69 46.48
CA ASN C 83 54.53 37.30 46.62
C ASN C 83 53.05 37.18 46.21
N LYS C 84 52.49 35.98 46.43
CA LYS C 84 51.09 35.74 46.12
C LYS C 84 50.17 36.65 46.95
N GLY C 85 50.61 37.04 48.15
CA GLY C 85 49.75 37.89 48.96
C GLY C 85 49.59 39.28 48.40
N PHE C 86 50.62 39.76 47.70
CA PHE C 86 50.50 41.02 46.98
C PHE C 86 49.43 40.94 45.90
N THR C 87 49.42 39.84 45.13
CA THR C 87 48.51 39.67 44.01
C THR C 87 47.05 39.58 44.42
N GLU C 88 46.77 39.37 45.72
CA GLU C 88 45.40 39.36 46.23
C GLU C 88 45.18 40.51 47.21
N ASN C 89 45.88 41.63 47.00
CA ASN C 89 45.64 42.86 47.74
C ASN C 89 45.84 42.67 49.23
N LYS C 90 46.70 41.73 49.60
CA LYS C 90 47.09 41.52 50.99
C LYS C 90 48.60 41.49 51.07
N PRO C 91 49.26 42.59 50.70
CA PRO C 91 50.72 42.58 50.70
C PRO C 91 51.27 42.38 52.12
N ASP C 92 52.46 41.82 52.19
CA ASP C 92 53.23 41.77 53.43
C ASP C 92 54.22 42.91 53.38
N ALA C 93 54.30 43.68 54.45
CA ALA C 93 55.26 44.78 54.49
C ALA C 93 56.61 44.31 55.02
N VAL C 94 57.61 45.15 54.81
CA VAL C 94 58.95 44.91 55.33
C VAL C 94 59.25 46.15 56.14
N VAL C 95 59.19 46.04 57.46
CA VAL C 95 59.33 47.19 58.33
C VAL C 95 60.74 47.13 58.95
N THR C 96 61.57 48.10 58.61
CA THR C 96 62.90 48.26 59.21
C THR C 96 63.11 49.72 59.52
N LYS C 97 64.30 50.04 60.02
CA LYS C 97 64.65 51.43 60.27
C LYS C 97 65.12 52.06 58.97
N ARG C 98 64.43 53.12 58.55
CA ARG C 98 64.59 53.66 57.22
C ARG C 98 65.41 54.95 57.26
N ASN C 99 65.55 55.57 56.11
CA ASN C 99 66.44 56.70 55.87
C ASN C 99 65.65 57.83 55.26
N PRO C 100 66.24 59.04 55.20
CA PRO C 100 65.46 60.19 54.70
C PRO C 100 64.97 59.91 53.29
N GLN C 101 63.71 60.28 53.04
CA GLN C 101 63.04 59.92 51.80
C GLN C 101 62.13 61.06 51.39
N LYS C 102 62.33 61.57 50.19
CA LYS C 102 61.48 62.64 49.71
C LYS C 102 60.17 62.07 49.16
N ILE C 103 59.09 62.83 49.39
CA ILE C 103 57.81 62.54 48.75
C ILE C 103 57.36 63.80 48.04
N HIS C 104 56.41 63.63 47.10
CA HIS C 104 55.94 64.74 46.29
C HIS C 104 54.46 64.57 46.02
N ILE C 105 53.69 65.63 46.17
CA ILE C 105 52.27 65.63 45.90
C ILE C 105 52.00 66.56 44.73
N ASP C 106 51.07 66.15 43.85
CA ASP C 106 50.79 66.85 42.61
C ASP C 106 49.64 67.85 42.76
N LEU C 107 49.35 68.30 43.97
CA LEU C 107 48.32 69.30 44.13
C LEU C 107 48.71 70.58 43.38
N PRO C 108 47.75 71.19 42.67
CA PRO C 108 48.07 72.16 41.61
C PRO C 108 49.03 73.29 41.96
N GLY C 109 48.68 74.17 42.88
CA GLY C 109 49.41 75.42 42.91
C GLY C 109 50.63 75.52 43.81
N MET C 110 51.26 74.41 44.20
CA MET C 110 52.06 74.43 45.40
C MET C 110 53.56 74.64 45.21
N GLY C 111 54.08 74.53 43.99
CA GLY C 111 55.50 74.81 43.78
C GLY C 111 56.40 73.88 44.57
N ASP C 112 57.47 74.42 45.12
CA ASP C 112 58.40 73.66 45.94
C ASP C 112 57.81 73.22 47.27
N LYS C 113 56.65 73.77 47.65
CA LYS C 113 56.02 73.30 48.87
C LYS C 113 55.36 71.93 48.69
N ALA C 114 55.24 71.43 47.44
CA ALA C 114 54.72 70.09 47.20
C ALA C 114 55.71 69.02 47.66
N THR C 115 57.00 69.24 47.46
CA THR C 115 58.02 68.30 47.92
C THR C 115 58.29 68.52 49.41
N VAL C 116 58.58 67.41 50.09
CA VAL C 116 58.85 67.38 51.52
C VAL C 116 59.66 66.11 51.80
N GLU C 117 60.65 66.23 52.67
CA GLU C 117 61.50 65.10 53.02
C GLU C 117 61.16 64.62 54.43
N VAL C 118 60.76 63.36 54.55
CA VAL C 118 60.51 62.77 55.86
C VAL C 118 61.80 62.14 56.38
N ASN C 119 62.17 62.50 57.61
CA ASN C 119 63.43 62.02 58.16
C ASN C 119 63.41 60.51 58.38
N ASP C 120 62.39 60.00 59.08
CA ASP C 120 62.19 58.56 59.24
C ASP C 120 60.84 58.21 58.64
N PRO C 121 60.80 57.61 57.42
CA PRO C 121 59.55 57.39 56.65
C PRO C 121 58.79 56.12 57.02
N THR C 122 58.23 56.12 58.23
CA THR C 122 57.27 55.10 58.59
C THR C 122 55.92 55.45 58.04
N TYR C 123 54.95 54.55 58.22
CA TYR C 123 53.60 54.86 57.76
C TYR C 123 53.06 56.12 58.42
N ALA C 124 53.30 56.27 59.73
CA ALA C 124 52.78 57.41 60.47
C ALA C 124 53.36 58.71 59.93
N ASN C 125 54.70 58.79 59.85
CA ASN C 125 55.35 60.02 59.45
C ASN C 125 54.94 60.46 58.04
N VAL C 126 54.87 59.52 57.10
CA VAL C 126 54.46 59.87 55.74
C VAL C 126 52.98 60.22 55.71
N SER C 127 52.16 59.55 56.52
CA SER C 127 50.76 59.93 56.58
C SER C 127 50.61 61.33 57.13
N THR C 128 51.42 61.68 58.14
CA THR C 128 51.37 63.02 58.68
C THR C 128 51.71 64.04 57.61
N ALA C 129 52.83 63.86 56.90
CA ALA C 129 53.17 64.79 55.84
C ALA C 129 52.07 64.84 54.79
N ILE C 130 51.46 63.70 54.48
CA ILE C 130 50.36 63.75 53.52
C ILE C 130 49.21 64.57 54.11
N ASP C 131 49.02 64.49 55.41
CA ASP C 131 47.92 65.22 56.06
C ASP C 131 48.17 66.73 56.01
N ASN C 132 49.36 67.18 56.43
CA ASN C 132 49.72 68.60 56.37
C ASN C 132 49.49 69.16 54.97
N LEU C 133 50.12 68.50 54.00
CA LEU C 133 50.17 68.98 52.63
C LEU C 133 48.77 69.25 52.07
N VAL C 134 47.86 68.28 52.22
CA VAL C 134 46.50 68.41 51.67
C VAL C 134 45.72 69.51 52.39
N ASN C 135 45.93 69.66 53.69
CA ASN C 135 45.23 70.69 54.44
C ASN C 135 45.61 72.07 53.94
N GLN C 136 46.91 72.31 53.76
CA GLN C 136 47.38 73.61 53.28
C GLN C 136 46.76 73.96 51.94
N TRP C 137 46.60 72.97 51.06
CA TRP C 137 46.08 73.24 49.74
C TRP C 137 44.62 73.73 49.79
N HIS C 138 43.74 72.93 50.40
CA HIS C 138 42.40 73.39 50.78
C HIS C 138 42.38 74.81 51.35
N ASP C 139 43.19 75.09 52.36
CA ASP C 139 43.09 76.37 53.05
C ASP C 139 43.51 77.52 52.15
N ASN C 140 44.67 77.42 51.52
CA ASN C 140 45.29 78.57 50.86
C ASN C 140 45.48 78.41 49.37
N TYR C 141 44.84 77.42 48.74
CA TYR C 141 45.10 77.20 47.32
C TYR C 141 43.85 76.94 46.49
N SER C 142 42.87 76.23 47.02
CA SER C 142 41.65 75.95 46.25
C SER C 142 40.71 77.17 46.23
N THR C 151 40.51 61.28 36.48
CA THR C 151 39.55 60.23 36.82
C THR C 151 39.49 59.09 35.77
N GLN C 152 39.54 57.84 36.26
CA GLN C 152 39.57 56.63 35.43
C GLN C 152 38.32 55.79 35.65
N TYR C 153 37.68 55.39 34.55
CA TYR C 153 36.37 54.75 34.60
C TYR C 153 36.39 53.41 33.88
N THR C 154 35.89 52.36 34.54
CA THR C 154 35.88 51.00 34.02
C THR C 154 34.48 50.41 34.15
N GLU C 155 34.05 49.66 33.14
CA GLU C 155 32.75 48.98 33.15
C GLU C 155 32.91 47.59 32.55
N SER C 156 32.09 46.64 33.02
CA SER C 156 32.20 45.26 32.54
C SER C 156 31.09 44.39 33.11
N MET C 157 30.57 43.48 32.28
CA MET C 157 29.63 42.47 32.76
C MET C 157 30.32 41.55 33.76
N VAL C 158 29.54 40.72 34.44
CA VAL C 158 30.04 39.92 35.57
C VAL C 158 29.84 38.46 35.26
N TYR C 159 30.91 37.68 35.34
CA TYR C 159 30.88 36.26 35.01
C TYR C 159 31.52 35.40 36.12
N SER C 160 32.55 35.92 36.78
CA SER C 160 33.16 35.25 37.94
C SER C 160 34.04 36.24 38.66
N LYS C 161 34.39 35.91 39.92
CA LYS C 161 35.16 36.84 40.74
C LYS C 161 36.51 37.16 40.12
N SER C 162 37.15 36.14 39.51
CA SER C 162 38.47 36.35 38.91
C SER C 162 38.38 37.23 37.68
N GLN C 163 37.31 37.04 36.90
CA GLN C 163 37.12 37.83 35.69
C GLN C 163 36.75 39.28 36.02
N ILE C 164 35.80 39.45 36.94
CA ILE C 164 35.38 40.80 37.27
C ILE C 164 36.52 41.53 37.96
N GLU C 165 37.38 40.81 38.68
CA GLU C 165 38.56 41.44 39.25
C GLU C 165 39.47 41.97 38.15
N ALA C 166 39.84 41.10 37.20
CA ALA C 166 40.73 41.54 36.14
C ALA C 166 40.06 42.63 35.30
N ALA C 167 38.75 42.52 35.09
CA ALA C 167 38.09 43.48 34.21
C ALA C 167 38.06 44.87 34.81
N LEU C 168 37.96 44.98 36.15
CA LEU C 168 37.83 46.26 36.83
C LEU C 168 39.04 46.63 37.68
N ASN C 169 40.00 45.73 37.88
CA ASN C 169 41.13 45.95 38.77
C ASN C 169 40.64 46.39 40.16
N VAL C 170 39.68 45.63 40.69
CA VAL C 170 39.19 45.85 42.05
C VAL C 170 38.96 44.49 42.68
N ASN C 171 39.37 44.35 43.94
CA ASN C 171 39.17 43.08 44.63
C ASN C 171 37.69 42.69 44.66
N SER C 172 37.43 41.39 44.43
CA SER C 172 36.05 40.94 44.33
C SER C 172 35.35 40.91 45.70
N LYS C 173 36.11 40.72 46.79
CA LYS C 173 35.50 40.75 48.12
C LYS C 173 34.90 42.12 48.43
N ILE C 174 35.57 43.18 47.99
CA ILE C 174 35.05 44.52 48.23
C ILE C 174 33.76 44.73 47.45
N LEU C 175 33.75 44.36 46.17
CA LEU C 175 32.51 44.39 45.39
C LEU C 175 31.43 43.56 46.08
N ASP C 176 31.74 42.31 46.40
CA ASP C 176 30.75 41.45 47.05
C ASP C 176 30.29 42.01 48.38
N GLY C 177 31.17 42.68 49.12
CA GLY C 177 30.74 43.29 50.36
C GLY C 177 29.81 44.46 50.13
N THR C 178 30.15 45.34 49.17
CA THR C 178 29.38 46.56 48.96
C THR C 178 28.16 46.37 48.07
N LEU C 179 28.19 45.44 47.11
CA LEU C 179 27.02 45.23 46.27
C LEU C 179 26.76 43.73 46.28
N GLY C 180 25.50 43.32 46.26
CA GLY C 180 25.24 41.90 46.14
C GLY C 180 25.75 41.42 44.78
N ILE C 181 26.59 40.40 44.79
CA ILE C 181 26.96 39.69 43.55
C ILE C 181 26.66 38.19 43.70
N ASP C 182 25.71 37.69 42.91
CA ASP C 182 25.25 36.32 43.01
C ASP C 182 25.92 35.48 41.91
N PHE C 183 27.14 35.06 42.20
CA PHE C 183 27.95 34.33 41.21
C PHE C 183 27.31 32.97 40.89
N LYS C 184 26.94 32.20 41.92
CA LYS C 184 26.37 30.86 41.70
C LYS C 184 25.20 30.89 40.73
N SER C 185 24.37 31.92 40.84
CA SER C 185 23.14 32.00 40.07
C SER C 185 23.25 32.94 38.88
N ILE C 186 24.37 33.67 38.74
CA ILE C 186 24.72 34.17 37.42
C ILE C 186 25.10 33.01 36.50
N SER C 187 25.67 31.95 37.06
CA SER C 187 26.10 30.78 36.30
C SER C 187 24.94 30.02 35.70
N LYS C 188 23.72 30.22 36.20
CA LYS C 188 22.54 29.56 35.65
C LYS C 188 21.82 30.41 34.61
N GLY C 189 22.44 31.49 34.14
CA GLY C 189 21.84 32.40 33.19
C GLY C 189 20.65 33.16 33.71
N GLU C 190 20.42 33.18 35.02
CA GLU C 190 19.22 33.79 35.57
C GLU C 190 19.38 35.30 35.74
N LYS C 191 20.62 35.78 35.87
CA LYS C 191 20.92 37.18 36.13
C LYS C 191 22.01 37.67 35.15
N LYS C 192 21.80 38.79 34.46
CA LYS C 192 22.82 39.51 33.71
C LYS C 192 23.29 40.72 34.57
N VAL C 193 24.41 40.58 35.27
CA VAL C 193 24.90 41.67 36.12
C VAL C 193 26.06 42.43 35.47
N MET C 194 26.02 43.76 35.59
CA MET C 194 27.11 44.63 35.14
C MET C 194 27.54 45.54 36.26
N ILE C 195 28.83 45.85 36.34
CA ILE C 195 29.39 46.69 37.38
C ILE C 195 30.28 47.73 36.72
N ALA C 196 30.22 48.96 37.22
CA ALA C 196 31.07 50.04 36.76
C ALA C 196 31.82 50.61 37.95
N ALA C 197 33.05 51.01 37.73
CA ALA C 197 33.87 51.60 38.77
C ALA C 197 34.25 53.01 38.36
N TYR C 198 34.27 53.91 39.33
CA TYR C 198 34.56 55.33 39.10
C TYR C 198 35.73 55.69 39.99
N LYS C 199 36.94 55.42 39.51
CA LYS C 199 38.16 55.71 40.25
C LYS C 199 38.76 56.96 39.63
N ILE C 201 42.30 59.93 41.82
CA ILE C 201 41.53 61.03 41.22
C ILE C 201 41.95 62.38 41.74
N PHE C 202 41.82 62.64 43.04
CA PHE C 202 42.03 64.00 43.52
C PHE C 202 43.50 64.37 43.61
N TYR C 203 44.37 63.41 43.93
CA TYR C 203 45.79 63.74 44.03
C TYR C 203 46.58 62.45 44.11
N THR C 204 47.89 62.58 43.90
CA THR C 204 48.85 61.48 43.91
C THR C 204 50.06 61.92 44.69
N VAL C 205 50.44 61.15 45.72
CA VAL C 205 51.72 61.37 46.40
C VAL C 205 52.69 60.32 45.89
N SER C 206 53.91 60.74 45.59
CA SER C 206 54.93 59.89 45.02
C SER C 206 56.16 59.92 45.91
N ALA C 207 56.99 58.89 45.79
CA ALA C 207 58.18 58.76 46.61
C ALA C 207 59.37 58.62 45.68
N ASN C 208 60.35 59.48 45.86
CA ASN C 208 61.53 59.45 45.01
C ASN C 208 62.18 58.07 45.09
N LEU C 209 62.70 57.58 43.94
CA LEU C 209 63.27 56.24 43.89
C LEU C 209 64.72 56.28 44.36
N PRO C 210 65.16 55.27 45.12
CA PRO C 210 66.53 55.32 45.66
C PRO C 210 67.56 55.22 44.55
N ASN C 211 68.71 55.89 44.76
CA ASN C 211 69.82 55.79 43.80
C ASN C 211 70.30 54.34 43.69
N ASN C 212 70.44 53.68 44.83
CA ASN C 212 70.80 52.27 44.94
C ASN C 212 69.88 51.58 45.91
N PRO C 213 69.69 50.25 45.79
CA PRO C 213 68.72 49.55 46.66
C PRO C 213 68.94 49.81 48.14
N ALA C 214 70.20 49.83 48.61
CA ALA C 214 70.45 49.94 50.05
C ALA C 214 70.03 51.29 50.64
N ASP C 215 69.93 52.34 49.82
CA ASP C 215 69.75 53.69 50.37
C ASP C 215 68.46 53.86 51.15
N VAL C 216 67.54 52.89 51.11
CA VAL C 216 66.33 53.03 51.90
C VAL C 216 66.51 52.51 53.31
N PHE C 217 67.57 51.76 53.58
CA PHE C 217 67.77 51.12 54.87
C PHE C 217 68.77 51.89 55.73
N ASP C 218 68.55 51.85 57.05
CA ASP C 218 69.50 52.40 58.00
C ASP C 218 70.69 51.46 58.19
N LYS C 219 71.76 52.01 58.76
CA LYS C 219 73.02 51.28 58.90
C LYS C 219 72.85 50.02 59.74
N SER C 220 71.88 50.01 60.64
CA SER C 220 71.66 48.84 61.47
C SER C 220 70.97 47.71 60.72
N VAL C 221 70.31 48.01 59.59
CA VAL C 221 69.63 46.97 58.83
C VAL C 221 70.67 46.14 58.08
N THR C 222 70.62 44.82 58.26
CA THR C 222 71.50 43.87 57.59
C THR C 222 70.69 43.01 56.62
N PHE C 223 71.40 42.37 55.68
CA PHE C 223 70.67 41.50 54.76
C PHE C 223 70.03 40.31 55.49
N LYS C 224 70.67 39.80 56.54
CA LYS C 224 70.09 38.68 57.29
C LYS C 224 68.76 39.09 57.91
N GLU C 225 68.70 40.32 58.45
CA GLU C 225 67.45 40.85 58.99
C GLU C 225 66.40 40.98 57.89
N LEU C 226 66.82 41.39 56.68
CA LEU C 226 65.87 41.47 55.58
C LEU C 226 65.32 40.11 55.22
N GLN C 227 66.17 39.08 55.22
CA GLN C 227 65.71 37.74 54.93
C GLN C 227 64.74 37.26 55.97
N ARG C 228 64.98 37.61 57.24
CA ARG C 228 64.07 37.16 58.29
C ARG C 228 62.68 37.75 58.10
N LYS C 229 62.59 38.98 57.61
CA LYS C 229 61.30 39.59 57.33
C LYS C 229 60.72 39.22 55.97
N GLY C 230 61.36 38.30 55.23
CA GLY C 230 60.70 37.66 54.10
C GLY C 230 61.39 37.82 52.76
N VAL C 231 62.55 38.44 52.66
CA VAL C 231 63.12 38.77 51.36
C VAL C 231 63.87 37.59 50.80
N SER C 232 63.52 37.17 49.59
CA SER C 232 64.10 35.97 48.99
C SER C 232 63.97 36.08 47.47
N ASN C 233 64.53 35.09 46.76
CA ASN C 233 64.28 35.02 45.32
C ASN C 233 62.82 34.79 45.02
N GLU C 234 62.10 34.12 45.94
CA GLU C 234 60.70 33.81 45.76
C GLU C 234 59.81 34.96 46.21
N ALA C 235 60.38 35.94 46.90
CA ALA C 235 59.62 37.11 47.36
C ALA C 235 60.54 38.33 47.34
N PRO C 236 60.84 38.86 46.15
CA PRO C 236 61.79 39.96 46.06
C PRO C 236 61.22 41.24 46.61
N PRO C 237 62.05 42.16 47.05
CA PRO C 237 61.54 43.38 47.70
C PRO C 237 60.97 44.37 46.69
N LEU C 238 59.88 45.04 47.12
CA LEU C 238 59.15 46.04 46.34
C LEU C 238 59.15 47.37 47.07
N PHE C 239 59.23 48.45 46.30
CA PHE C 239 59.22 49.80 46.83
C PHE C 239 57.99 50.51 46.26
N VAL C 240 57.21 51.14 47.14
CA VAL C 240 55.94 51.77 46.73
C VAL C 240 56.25 53.18 46.25
N SER C 241 56.11 53.41 44.95
CA SER C 241 56.52 54.69 44.41
C SER C 241 55.39 55.71 44.29
N ASN C 242 54.14 55.29 44.12
CA ASN C 242 53.06 56.24 43.93
C ASN C 242 51.79 55.67 44.52
N VAL C 243 51.04 56.52 45.23
CA VAL C 243 49.71 56.17 45.70
C VAL C 243 48.74 57.20 45.14
N ALA C 244 47.60 56.74 44.64
CA ALA C 244 46.54 57.62 44.18
C ALA C 244 45.47 57.70 45.26
N TYR C 245 44.91 58.91 45.43
CA TYR C 245 43.94 59.17 46.49
C TYR C 245 42.67 59.75 45.90
N GLY C 246 41.57 59.49 46.59
CA GLY C 246 40.30 59.98 46.12
C GLY C 246 39.13 59.17 46.64
N ARG C 247 38.19 58.89 45.74
CA ARG C 247 36.96 58.22 46.09
C ARG C 247 36.54 57.36 44.93
N THR C 248 35.92 56.23 45.24
CA THR C 248 35.52 55.31 44.22
C THR C 248 33.99 55.27 44.26
N VAL C 249 33.36 55.08 43.11
CA VAL C 249 31.90 55.05 43.07
C VAL C 249 31.52 53.77 42.34
N PHE C 250 31.07 52.76 43.07
CA PHE C 250 30.67 51.49 42.48
C PHE C 250 29.22 51.57 42.07
N VAL C 251 28.91 51.09 40.87
CA VAL C 251 27.56 51.01 40.36
C VAL C 251 27.31 49.56 39.97
N LYS C 252 26.15 49.03 40.32
CA LYS C 252 25.72 47.71 39.86
C LYS C 252 24.40 47.82 39.15
N LEU C 253 24.26 47.10 38.04
CA LEU C 253 22.99 47.00 37.33
C LEU C 253 22.62 45.53 37.22
N GLU C 254 21.48 45.15 37.80
CA GLU C 254 21.09 43.75 37.94
C GLU C 254 19.72 43.54 37.32
N THR C 255 19.63 42.65 36.35
CA THR C 255 18.38 42.31 35.67
C THR C 255 18.19 40.81 35.62
N SER C 256 16.96 40.39 35.40
CA SER C 256 16.68 38.99 35.20
C SER C 256 16.14 38.73 33.79
N SER C 257 16.24 39.72 32.91
CA SER C 257 15.94 39.55 31.49
C SER C 257 16.83 38.46 30.86
N LYS C 258 16.50 38.12 29.61
CA LYS C 258 17.31 37.18 28.85
C LYS C 258 17.65 37.70 27.45
N SER C 259 17.37 38.97 27.17
CA SER C 259 17.68 39.54 25.86
C SER C 259 19.18 39.74 25.67
N ASN C 260 19.65 39.48 24.44
CA ASN C 260 21.06 39.67 24.09
C ASN C 260 21.49 41.12 24.21
N ASP C 261 20.55 42.05 24.27
CA ASP C 261 20.80 43.49 24.21
C ASP C 261 21.06 44.09 25.59
N VAL C 262 21.06 43.26 26.63
CA VAL C 262 21.19 43.73 28.00
C VAL C 262 22.44 44.58 28.17
N GLU C 263 23.61 44.08 27.73
CA GLU C 263 24.87 44.80 27.94
C GLU C 263 24.88 46.19 27.29
N ALA C 264 24.15 46.37 26.19
CA ALA C 264 24.08 47.69 25.58
C ALA C 264 22.82 48.40 26.04
N PHE C 266 22.30 48.80 29.31
CA PHE C 266 23.15 48.90 30.49
C PHE C 266 24.30 49.84 30.23
N SER C 267 25.06 49.59 29.17
CA SER C 267 26.22 50.43 28.90
C SER C 267 25.81 51.74 28.25
N ALA C 269 24.26 54.32 28.56
CA ALA C 269 23.60 54.64 29.82
C ALA C 269 24.61 55.10 30.85
N LEU C 270 25.88 54.83 30.58
CA LEU C 270 26.92 55.11 31.58
C LEU C 270 27.71 56.38 31.27
N TYR C 281 13.23 53.85 25.72
CA TYR C 281 14.07 53.10 24.81
C TYR C 281 14.08 51.63 25.19
N SER C 282 14.66 51.33 26.35
CA SER C 282 14.79 49.94 26.80
C SER C 282 13.73 49.62 27.84
N ASP C 283 12.95 48.59 27.53
CA ASP C 283 11.98 48.03 28.47
C ASP C 283 12.68 47.40 29.66
N ILE C 284 13.79 46.70 29.41
CA ILE C 284 14.49 45.89 30.41
C ILE C 284 14.61 46.60 31.75
N LEU C 285 14.71 47.93 31.72
CA LEU C 285 14.95 48.73 32.91
C LEU C 285 13.74 48.73 33.85
N SER C 288 16.74 45.92 35.01
CA SER C 288 15.76 46.12 36.08
C SER C 288 16.31 46.95 37.22
N SER C 289 16.77 46.26 38.27
CA SER C 289 17.14 46.87 39.54
C SER C 289 18.58 47.36 39.56
N PHE C 290 18.81 48.41 40.34
CA PHE C 290 20.06 49.14 40.34
C PHE C 290 20.64 49.15 41.73
N THR C 291 21.86 49.64 41.83
CA THR C 291 22.55 49.83 43.10
C THR C 291 23.76 50.69 42.82
N ALA C 292 24.07 51.57 43.76
CA ALA C 292 25.25 52.42 43.66
C ALA C 292 25.83 52.54 45.05
N VAL C 293 27.15 52.60 45.15
CA VAL C 293 27.85 52.73 46.42
C VAL C 293 28.98 53.73 46.25
N VAL C 294 29.11 54.62 47.22
CA VAL C 294 30.26 55.51 47.33
C VAL C 294 31.14 54.94 48.42
N LEU C 295 32.40 54.72 48.10
CA LEU C 295 33.30 54.19 49.10
C LEU C 295 33.52 55.26 50.16
N GLY C 296 33.18 54.93 51.40
CA GLY C 296 33.55 55.74 52.54
C GLY C 296 34.95 55.41 53.00
N GLY C 297 35.33 56.02 54.11
CA GLY C 297 36.55 55.60 54.75
C GLY C 297 36.42 54.18 55.27
N ASP C 298 35.42 53.95 56.12
CA ASP C 298 35.38 52.76 56.96
C ASP C 298 34.54 51.64 56.36
N ALA C 299 34.93 50.40 56.72
CA ALA C 299 34.22 49.19 56.40
C ALA C 299 34.57 48.14 57.45
N HIS C 302 29.62 53.12 54.28
CA HIS C 302 29.52 53.57 52.89
C HIS C 302 28.11 54.06 52.57
N ASN C 303 27.94 54.57 51.35
CA ASN C 303 26.73 55.24 50.90
C ASN C 303 26.00 54.35 49.90
N LYS C 304 25.18 53.42 50.39
CA LYS C 304 24.50 52.45 49.53
C LYS C 304 23.09 52.96 49.19
N VAL C 305 22.81 53.09 47.89
CA VAL C 305 21.51 53.53 47.39
C VAL C 305 21.06 52.54 46.32
N VAL C 306 19.78 52.19 46.33
CA VAL C 306 19.20 51.17 45.46
C VAL C 306 17.86 51.71 44.94
N THR C 307 17.72 51.77 43.62
CA THR C 307 16.54 52.39 43.01
C THR C 307 16.06 51.51 41.88
N LYS C 308 14.94 51.90 41.23
CA LYS C 308 14.57 51.27 39.97
C LYS C 308 14.56 52.26 38.83
N ASP C 309 15.11 53.45 39.06
CA ASP C 309 15.29 54.49 38.06
C ASP C 309 16.78 54.83 38.05
N PHE C 310 17.35 55.11 36.88
CA PHE C 310 18.80 55.34 36.83
C PHE C 310 19.18 56.78 37.10
N ASP C 311 18.33 57.77 36.84
CA ASP C 311 18.88 59.12 36.90
C ASP C 311 19.18 59.51 38.35
N VAL C 312 18.50 58.87 39.31
CA VAL C 312 18.89 59.00 40.71
C VAL C 312 20.33 58.59 40.93
N ILE C 313 20.72 57.40 40.46
CA ILE C 313 22.12 57.02 40.52
C ILE C 313 22.97 58.01 39.75
N ARG C 314 22.62 58.26 38.47
CA ARG C 314 23.56 58.99 37.63
C ARG C 314 23.79 60.42 38.08
N ASN C 315 22.92 60.99 38.92
CA ASN C 315 23.28 62.25 39.54
C ASN C 315 24.03 62.03 40.86
N VAL C 316 23.82 60.86 41.50
CA VAL C 316 24.61 60.48 42.67
C VAL C 316 26.10 60.54 42.38
N ILE C 317 26.53 60.14 41.19
CA ILE C 317 27.97 60.16 40.92
C ILE C 317 28.49 61.59 40.95
N LYS C 318 27.80 62.52 40.27
CA LYS C 318 28.27 63.91 40.26
C LYS C 318 28.21 64.53 41.65
N ASP C 319 27.16 64.18 42.42
CA ASP C 319 27.06 64.64 43.81
C ASP C 319 28.24 64.15 44.64
N ASN C 320 28.80 63.00 44.31
CA ASN C 320 29.95 62.44 45.02
C ASN C 320 31.23 62.65 44.22
N ALA C 321 31.55 63.92 43.99
CA ALA C 321 32.65 64.26 43.09
C ALA C 321 33.42 65.47 43.58
N THR C 322 33.25 65.86 44.83
CA THR C 322 33.86 67.06 45.36
C THR C 322 34.97 66.70 46.34
N PHE C 323 36.06 67.46 46.27
CA PHE C 323 37.20 67.25 47.13
C PHE C 323 37.19 68.37 48.17
N SER C 324 36.79 68.03 49.40
CA SER C 324 36.71 68.97 50.52
C SER C 324 37.34 68.30 51.75
N ARG C 325 37.16 68.94 52.91
CA ARG C 325 37.68 68.39 54.17
C ARG C 325 36.66 67.52 54.90
N ASN C 327 34.00 65.98 52.71
CA ASN C 327 34.40 64.90 51.79
C ASN C 327 35.86 64.85 51.32
N PRO C 328 36.67 64.11 52.10
CA PRO C 328 38.11 64.00 51.78
C PRO C 328 38.40 62.94 50.73
N ALA C 329 39.67 62.56 50.65
CA ALA C 329 40.15 61.58 49.68
C ALA C 329 40.84 60.44 50.41
N TYR C 330 40.53 59.22 49.97
CA TYR C 330 41.03 57.98 50.55
C TYR C 330 41.92 57.25 49.55
N PRO C 331 42.92 56.50 50.02
CA PRO C 331 43.72 55.66 49.11
C PRO C 331 42.83 54.79 48.23
N ILE C 332 43.23 54.65 46.95
CA ILE C 332 42.44 53.88 45.99
C ILE C 332 43.30 52.92 45.17
N SER C 333 44.57 53.26 44.94
CA SER C 333 45.43 52.35 44.19
C SER C 333 46.87 52.83 44.39
N TYR C 334 47.81 51.96 44.03
CA TYR C 334 49.21 52.33 44.18
C TYR C 334 50.09 51.57 43.20
N THR C 335 51.27 52.14 42.98
CA THR C 335 52.26 51.63 42.05
C THR C 335 53.55 51.33 42.80
N SER C 336 54.15 50.20 42.46
CA SER C 336 55.38 49.73 43.09
C SER C 336 56.39 49.39 42.03
N VAL C 337 57.68 49.42 42.42
CA VAL C 337 58.79 48.94 41.59
C VAL C 337 59.54 47.86 42.35
N PHE C 338 60.17 46.96 41.60
CA PHE C 338 61.12 46.03 42.19
C PHE C 338 62.37 46.80 42.65
N LEU C 339 62.77 46.59 43.91
CA LEU C 339 63.89 47.38 44.41
C LEU C 339 65.19 47.03 43.67
N LYS C 340 65.30 45.82 43.12
CA LYS C 340 66.53 45.42 42.45
C LYS C 340 66.92 46.40 41.35
N ASN C 341 65.98 46.73 40.47
CA ASN C 341 66.29 47.54 39.29
C ASN C 341 65.29 48.66 39.05
N ASN C 342 64.36 48.90 39.99
CA ASN C 342 63.32 49.91 39.85
C ASN C 342 62.43 49.68 38.61
N LYS C 343 62.29 48.43 38.17
CA LYS C 343 61.25 48.10 37.20
C LYS C 343 59.86 48.11 37.84
N ILE C 344 58.91 48.72 37.13
CA ILE C 344 57.53 48.77 37.61
C ILE C 344 57.00 47.35 37.75
N ALA C 345 56.32 47.09 38.85
CA ALA C 345 55.81 45.76 39.18
C ALA C 345 54.39 45.60 38.65
N GLY C 346 54.19 44.69 37.71
CA GLY C 346 52.87 44.34 37.23
C GLY C 346 52.42 42.99 37.78
N VAL C 347 51.17 42.93 38.20
CA VAL C 347 50.51 41.69 38.60
C VAL C 347 49.83 41.12 37.36
N ASN C 348 50.33 39.99 36.85
CA ASN C 348 49.79 39.40 35.62
C ASN C 348 48.59 38.51 35.94
N ASN C 349 47.41 38.90 35.44
CA ASN C 349 46.16 38.15 35.56
C ASN C 349 45.96 37.35 34.28
N ARG C 350 46.29 36.07 34.31
CA ARG C 350 46.05 35.17 33.18
C ARG C 350 45.07 34.12 33.69
N SER C 351 43.80 34.23 33.31
CA SER C 351 42.76 33.36 33.86
C SER C 351 41.68 33.12 32.82
N GLU C 352 40.81 32.15 33.10
CA GLU C 352 39.74 31.81 32.17
C GLU C 352 38.43 31.66 32.92
N TYR C 353 37.35 32.10 32.27
CA TYR C 353 36.02 32.11 32.85
C TYR C 353 35.01 31.63 31.82
N VAL C 354 33.75 31.56 32.23
CA VAL C 354 32.65 31.06 31.42
C VAL C 354 31.64 32.18 31.21
N GLU C 355 31.26 32.43 29.96
CA GLU C 355 30.08 33.22 29.67
C GLU C 355 28.86 32.29 29.67
N THR C 356 27.86 32.59 30.50
CA THR C 356 26.60 31.85 30.51
C THR C 356 25.53 32.68 29.82
N THR C 357 24.86 32.07 28.85
CA THR C 357 23.76 32.70 28.14
C THR C 357 22.55 31.78 28.25
N SER C 358 21.44 32.35 28.71
CA SER C 358 20.21 31.61 28.95
C SER C 358 19.12 32.13 28.02
N THR C 359 18.46 31.23 27.32
CA THR C 359 17.34 31.57 26.45
C THR C 359 16.17 30.64 26.77
N GLU C 360 14.96 31.17 26.69
CA GLU C 360 13.76 30.39 27.00
C GLU C 360 12.81 30.42 25.81
N TYR C 361 12.44 29.23 25.33
CA TYR C 361 11.51 29.08 24.23
C TYR C 361 10.17 28.57 24.76
N THR C 362 9.13 28.76 23.96
CA THR C 362 7.78 28.45 24.41
C THR C 362 7.11 27.62 23.35
N SER C 363 6.38 26.59 23.78
CA SER C 363 5.72 25.72 22.82
C SER C 363 4.69 26.50 22.03
N GLY C 364 4.35 25.96 20.87
CA GLY C 364 3.41 26.62 19.99
C GLY C 364 2.41 25.63 19.42
N LYS C 365 1.57 26.15 18.53
CA LYS C 365 0.54 25.35 17.89
C LYS C 365 0.45 25.77 16.43
N ILE C 366 0.48 24.79 15.53
CA ILE C 366 0.20 25.00 14.10
C ILE C 366 -1.30 24.91 13.89
N ASN C 367 -1.93 26.03 13.55
CA ASN C 367 -3.37 26.06 13.27
C ASN C 367 -3.58 25.99 11.77
N LEU C 368 -4.21 24.91 11.32
CA LEU C 368 -4.50 24.71 9.91
C LEU C 368 -5.98 24.99 9.72
N SER C 369 -6.28 25.69 8.63
CA SER C 369 -7.64 26.08 8.28
C SER C 369 -7.72 26.01 6.76
N HIS C 370 -8.66 25.23 6.24
CA HIS C 370 -8.77 25.06 4.79
C HIS C 370 -10.15 25.58 4.33
N GLN C 371 -10.12 26.74 3.67
CA GLN C 371 -11.29 27.42 3.15
C GLN C 371 -11.29 27.50 1.62
N GLY C 372 -10.50 26.64 0.95
CA GLY C 372 -10.52 26.62 -0.50
C GLY C 372 -11.46 25.57 -1.06
N ALA C 373 -11.74 25.70 -2.35
CA ALA C 373 -12.70 24.84 -3.02
C ALA C 373 -12.06 23.59 -3.62
N TYR C 374 -10.84 23.26 -3.24
CA TYR C 374 -10.08 22.16 -3.81
C TYR C 374 -9.79 21.12 -2.73
N VAL C 375 -9.24 19.98 -3.15
CA VAL C 375 -8.70 19.00 -2.20
C VAL C 375 -7.25 19.39 -1.91
N ALA C 376 -6.90 19.44 -0.63
CA ALA C 376 -5.58 19.86 -0.20
C ALA C 376 -4.87 18.74 0.53
N GLN C 377 -3.55 18.82 0.55
CA GLN C 377 -2.73 17.88 1.31
C GLN C 377 -1.59 18.65 1.97
N TYR C 378 -1.18 18.20 3.14
CA TYR C 378 -0.14 18.91 3.87
C TYR C 378 1.11 18.03 4.02
N GLU C 379 2.26 18.69 4.03
CA GLU C 379 3.51 18.10 4.53
C GLU C 379 4.06 19.02 5.59
N ILE C 380 3.99 18.59 6.84
CA ILE C 380 4.41 19.40 7.96
C ILE C 380 5.49 18.62 8.70
N LEU C 381 6.67 19.25 8.80
CA LEU C 381 7.90 18.61 9.23
C LEU C 381 8.58 19.58 10.18
N TRP C 382 9.15 19.04 11.26
CA TRP C 382 9.97 19.88 12.14
C TRP C 382 10.95 18.99 12.88
N ASP C 383 11.97 19.62 13.45
CA ASP C 383 12.90 18.93 14.33
C ASP C 383 12.65 19.33 15.77
N GLU C 384 12.91 18.39 16.67
CA GLU C 384 13.01 18.69 18.08
C GLU C 384 14.48 18.58 18.48
N ILE C 385 14.92 19.46 19.38
CA ILE C 385 16.34 19.64 19.66
C ILE C 385 16.60 19.36 21.14
N ASN C 386 17.60 18.55 21.42
CA ASN C 386 18.06 18.32 22.79
C ASN C 386 19.59 18.29 22.80
N TYR C 387 20.16 18.18 23.98
CA TYR C 387 21.61 18.22 24.12
C TYR C 387 22.04 17.05 24.98
N ASP C 388 23.05 16.31 24.49
CA ASP C 388 23.68 15.22 25.24
C ASP C 388 24.56 15.77 26.35
N ASP C 389 24.98 14.89 27.27
CA ASP C 389 25.82 15.28 28.40
C ASP C 389 27.16 15.85 27.97
N LYS C 390 27.51 15.73 26.69
CA LYS C 390 28.68 16.37 26.09
C LYS C 390 28.34 17.73 25.50
N GLY C 391 27.06 18.11 25.51
CA GLY C 391 26.61 19.39 25.03
C GLY C 391 26.40 19.53 23.54
N LYS C 392 26.48 18.44 22.79
CA LYS C 392 26.21 18.52 21.36
C LYS C 392 24.71 18.33 21.11
N GLU C 393 24.25 18.92 20.01
CA GLU C 393 22.82 18.90 19.74
C GLU C 393 22.41 17.57 19.12
N VAL C 394 21.24 17.06 19.57
CA VAL C 394 20.65 15.80 19.11
C VAL C 394 19.33 16.13 18.42
N ILE C 395 19.23 15.81 17.13
CA ILE C 395 18.08 16.18 16.33
C ILE C 395 17.10 15.01 16.32
N THR C 396 15.87 15.27 16.75
CA THR C 396 14.78 14.32 16.61
C THR C 396 13.86 14.79 15.48
N LYS C 397 13.84 14.04 14.40
CA LYS C 397 12.98 14.41 13.30
C LYS C 397 11.54 14.07 13.65
N ARG C 398 10.63 14.63 12.88
CA ARG C 398 9.30 14.83 13.41
C ARG C 398 8.35 15.22 12.28
N ARG C 399 7.20 14.56 12.19
CA ARG C 399 6.25 14.83 11.10
C ARG C 399 4.81 14.71 11.62
N TRP C 400 3.92 15.49 11.02
CA TRP C 400 2.48 15.38 11.31
C TRP C 400 1.94 14.08 10.74
N ASP C 401 1.26 13.30 11.58
CA ASP C 401 0.82 11.96 11.21
C ASP C 401 -0.24 11.96 10.09
N ASN C 402 -0.80 13.11 9.72
CA ASN C 402 -1.78 13.21 8.63
C ASN C 402 -1.21 13.80 7.36
N ASN C 403 0.12 13.96 7.27
CA ASN C 403 0.75 14.37 6.03
C ASN C 403 0.25 13.51 4.88
N TRP C 404 0.01 14.18 3.74
CA TRP C 404 -0.48 13.60 2.50
C TRP C 404 -1.91 13.07 2.59
N TYR C 405 -2.55 13.11 3.77
CA TYR C 405 -3.98 12.87 3.81
C TYR C 405 -4.73 13.96 3.06
N SER C 406 -5.80 13.58 2.37
CA SER C 406 -6.59 14.56 1.64
C SER C 406 -7.50 15.31 2.58
N LYS C 407 -7.68 16.60 2.31
CA LYS C 407 -8.47 17.47 3.18
C LYS C 407 -9.34 18.37 2.32
N THR C 408 -10.62 18.46 2.64
CA THR C 408 -11.53 19.39 1.98
C THR C 408 -12.03 20.44 2.96
N SER C 409 -12.62 21.47 2.43
CA SER C 409 -13.08 22.51 3.32
C SER C 409 -14.42 22.11 3.98
N PRO C 410 -14.64 22.49 5.25
CA PRO C 410 -13.93 23.43 6.13
C PRO C 410 -12.97 22.82 7.15
N PHE C 411 -12.07 21.95 6.71
CA PHE C 411 -11.21 21.26 7.65
C PHE C 411 -10.39 22.25 8.48
N SER C 412 -10.21 21.94 9.76
CA SER C 412 -9.29 22.73 10.57
C SER C 412 -8.85 21.87 11.74
N THR C 413 -7.65 22.16 12.25
CA THR C 413 -7.08 21.33 13.31
C THR C 413 -5.94 22.09 13.96
N VAL C 414 -5.49 21.58 15.10
CA VAL C 414 -4.44 22.18 15.93
C VAL C 414 -3.34 21.16 16.11
N ILE C 415 -2.12 21.51 15.70
CA ILE C 415 -0.98 20.60 15.72
C ILE C 415 0.02 21.14 16.74
N PRO C 416 0.18 20.51 17.91
CA PRO C 416 1.10 21.05 18.92
C PRO C 416 2.56 20.90 18.54
N LEU C 417 3.35 21.93 18.82
CA LEU C 417 4.80 21.89 18.64
C LEU C 417 5.44 22.15 19.99
N GLY C 418 6.39 21.30 20.38
CA GLY C 418 7.03 21.48 21.66
C GLY C 418 7.94 22.68 21.68
N ALA C 419 8.22 23.16 22.90
CA ALA C 419 9.07 24.32 23.10
C ALA C 419 10.45 24.21 22.45
N ASN C 420 10.91 23.00 22.10
CA ASN C 420 12.22 22.80 21.50
C ASN C 420 12.11 22.51 20.01
N SER C 421 10.99 22.83 19.40
CA SER C 421 10.87 22.60 17.98
C SER C 421 11.77 23.54 17.20
N ARG C 422 12.12 23.12 15.99
CA ARG C 422 13.08 23.84 15.16
C ARG C 422 12.92 23.33 13.74
N ASN C 423 13.45 24.11 12.79
CA ASN C 423 13.46 23.70 11.38
C ASN C 423 12.05 23.33 10.92
N ILE C 424 11.09 24.19 11.22
CA ILE C 424 9.70 23.91 10.92
C ILE C 424 9.44 24.15 9.44
N ARG C 425 8.99 23.11 8.75
CA ARG C 425 8.62 23.13 7.34
C ARG C 425 7.11 22.92 7.24
N ILE C 426 6.40 23.84 6.59
CA ILE C 426 4.96 23.68 6.34
C ILE C 426 4.72 23.79 4.84
N MET C 427 4.10 22.76 4.26
CA MET C 427 3.72 22.80 2.86
C MET C 427 2.27 22.38 2.73
N ALA C 428 1.49 23.18 1.99
CA ALA C 428 0.12 22.84 1.63
C ALA C 428 0.03 22.81 0.12
N ARG C 429 -0.60 21.76 -0.43
CA ARG C 429 -0.65 21.65 -1.87
C ARG C 429 -2.03 21.22 -2.37
N GLU C 430 -2.29 21.61 -3.62
CA GLU C 430 -3.59 21.64 -4.29
C GLU C 430 -3.64 20.57 -5.38
N CYS C 431 -4.76 19.85 -5.46
CA CYS C 431 -4.95 18.90 -6.56
C CYS C 431 -5.69 19.64 -7.67
N THR C 432 -4.91 20.23 -8.59
CA THR C 432 -5.53 20.88 -9.75
C THR C 432 -6.18 19.85 -10.64
N GLY C 433 -5.53 18.70 -10.76
CA GLY C 433 -6.01 17.63 -11.60
C GLY C 433 -5.77 17.82 -13.08
N LEU C 434 -5.16 18.92 -13.48
CA LEU C 434 -4.60 19.03 -14.82
C LEU C 434 -3.60 17.90 -15.03
N ALA C 435 -3.56 17.36 -16.26
CA ALA C 435 -2.74 16.17 -16.53
C ALA C 435 -1.25 16.49 -16.66
N TRP C 436 -0.83 17.72 -16.40
CA TRP C 436 0.58 18.11 -16.40
C TRP C 436 1.05 18.70 -15.08
N GLU C 437 0.14 19.18 -14.22
CA GLU C 437 0.41 19.64 -12.85
C GLU C 437 -0.71 19.06 -11.99
N TRP C 438 -0.59 17.77 -11.65
CA TRP C 438 -1.59 17.13 -10.80
C TRP C 438 -1.65 17.78 -9.41
N TRP C 439 -0.53 18.33 -8.93
CA TRP C 439 -0.46 19.05 -7.67
C TRP C 439 0.41 20.28 -7.83
N ARG C 440 -0.03 21.41 -7.30
CA ARG C 440 0.76 22.64 -7.26
C ARG C 440 0.89 23.10 -5.82
N LYS C 441 2.06 23.61 -5.47
CA LYS C 441 2.31 24.16 -4.15
C LYS C 441 1.51 25.45 -3.99
N VAL C 442 0.68 25.51 -2.96
CA VAL C 442 0.03 26.75 -2.57
C VAL C 442 0.84 27.47 -1.50
N ILE C 443 1.17 26.75 -0.43
CA ILE C 443 2.09 27.21 0.59
C ILE C 443 3.30 26.31 0.62
N ASP C 444 4.49 26.91 0.70
CA ASP C 444 5.74 26.20 0.95
C ASP C 444 6.69 27.13 1.71
N GLU C 445 6.64 27.07 3.03
CA GLU C 445 7.61 27.73 3.88
C GLU C 445 8.52 26.67 4.49
N ARG C 446 9.77 27.07 4.75
CA ARG C 446 10.77 26.12 5.22
C ARG C 446 11.47 26.55 6.51
N ASP C 447 11.29 27.78 6.95
CA ASP C 447 11.97 28.26 8.13
C ASP C 447 10.94 28.94 9.02
N VAL C 448 9.89 28.17 9.35
CA VAL C 448 8.71 28.70 10.02
C VAL C 448 9.07 29.08 11.46
N LYS C 449 8.67 30.27 11.86
CA LYS C 449 8.86 30.75 13.21
C LYS C 449 8.06 29.93 14.20
N LEU C 450 8.75 29.33 15.16
CA LEU C 450 8.06 28.78 16.32
C LEU C 450 7.46 29.93 17.10
N SER C 451 6.13 30.04 17.09
CA SER C 451 5.47 31.01 17.95
C SER C 451 4.22 30.36 18.52
N LYS C 452 3.58 31.07 19.46
CA LYS C 452 2.46 30.47 20.18
C LYS C 452 1.36 30.04 19.24
N GLU C 453 1.05 30.87 18.25
CA GLU C 453 0.10 30.54 17.19
C GLU C 453 0.81 30.62 15.84
N ILE C 454 0.78 29.52 15.07
CA ILE C 454 1.22 29.48 13.68
C ILE C 454 -0.01 29.24 12.83
N ASN C 455 -0.60 30.33 12.32
CA ASN C 455 -1.86 30.26 11.60
C ASN C 455 -1.58 30.05 10.12
N VAL C 456 -1.88 28.85 9.62
CA VAL C 456 -1.66 28.46 8.23
C VAL C 456 -3.03 28.35 7.57
N ASN C 457 -3.43 29.38 6.83
CA ASN C 457 -4.71 29.42 6.14
C ASN C 457 -4.51 29.25 4.63
N ILE C 458 -5.36 28.43 4.03
CA ILE C 458 -5.42 28.29 2.59
C ILE C 458 -6.88 28.46 2.15
N SER C 459 -7.07 29.07 0.98
CA SER C 459 -8.40 29.21 0.38
C SER C 459 -8.23 29.53 -1.11
N GLY C 460 -9.21 30.23 -1.67
CA GLY C 460 -9.22 30.52 -3.09
C GLY C 460 -9.93 29.48 -3.93
N SER C 461 -9.74 29.59 -5.24
CA SER C 461 -10.31 28.66 -6.21
C SER C 461 -9.26 27.65 -6.66
N THR C 462 -9.73 26.60 -7.35
CA THR C 462 -8.81 25.62 -7.91
C THR C 462 -7.88 26.26 -8.93
N LEU C 463 -8.37 27.28 -9.65
CA LEU C 463 -7.56 27.94 -10.67
C LEU C 463 -6.58 28.95 -10.08
N SER C 464 -6.91 29.56 -8.94
CA SER C 464 -6.01 30.51 -8.29
C SER C 464 -6.09 30.38 -6.78
N PRO C 465 -5.31 29.47 -6.20
CA PRO C 465 -5.31 29.30 -4.74
C PRO C 465 -4.53 30.41 -4.04
N TYR C 466 -4.87 30.59 -2.77
CA TYR C 466 -4.22 31.56 -1.90
C TYR C 466 -3.88 30.91 -0.58
N GLY C 467 -2.73 31.24 -0.02
CA GLY C 467 -2.33 30.70 1.27
C GLY C 467 -1.42 31.68 1.99
N SER C 468 -1.44 31.64 3.31
CA SER C 468 -0.58 32.52 4.09
C SER C 468 -0.31 31.90 5.45
N ILE C 469 0.81 32.30 6.03
CA ILE C 469 1.17 31.93 7.39
C ILE C 469 1.34 33.22 8.16
N THR C 470 0.60 33.36 9.26
CA THR C 470 0.76 34.49 10.16
C THR C 470 1.13 33.97 11.54
N TYR C 471 1.53 34.89 12.42
CA TYR C 471 2.00 34.54 13.76
C TYR C 471 1.26 35.36 14.81
N LYS C 472 0.83 34.70 15.87
CA LYS C 472 0.15 35.44 16.93
C LYS C 472 0.70 35.00 18.30
N ASN D 3 -17.07 5.63 28.98
CA ASN D 3 -17.67 6.85 28.44
C ASN D 3 -19.09 6.53 28.04
N MET D 4 -20.06 7.17 28.69
CA MET D 4 -21.46 6.82 28.44
C MET D 4 -21.81 6.92 26.96
N GLU D 5 -21.12 7.80 26.22
CA GLU D 5 -21.40 7.92 24.80
C GLU D 5 -20.79 6.76 24.00
N ARG D 6 -19.52 6.43 24.25
CA ARG D 6 -18.91 5.29 23.56
C ARG D 6 -19.72 4.01 23.81
N ASP D 7 -20.07 3.76 25.08
CA ASP D 7 -20.87 2.58 25.41
C ASP D 7 -22.21 2.58 24.68
N LEU D 8 -22.92 3.72 24.70
CA LEU D 8 -24.20 3.80 23.99
C LEU D 8 -23.98 3.66 22.49
N PHE D 9 -22.91 4.24 21.95
CA PHE D 9 -22.57 4.06 20.54
C PHE D 9 -22.29 2.60 20.25
N GLU D 10 -21.23 2.07 20.86
CA GLU D 10 -20.86 0.68 20.71
C GLU D 10 -22.08 -0.23 20.82
N LYS D 11 -22.91 0.01 21.83
CA LYS D 11 -24.05 -0.86 22.05
C LYS D 11 -25.02 -0.75 20.89
N LYS D 12 -25.31 0.47 20.45
CA LYS D 12 -26.37 0.61 19.46
C LYS D 12 -25.93 0.12 18.09
N PHE D 13 -24.62 0.20 17.80
CA PHE D 13 -24.13 -0.44 16.58
C PHE D 13 -24.22 -1.95 16.70
N LYS D 14 -23.92 -2.48 17.90
CA LYS D 14 -23.98 -3.93 18.07
C LYS D 14 -25.41 -4.42 17.79
N GLU D 15 -26.41 -3.61 18.16
CA GLU D 15 -27.81 -3.98 17.96
C GLU D 15 -28.17 -3.95 16.48
N ILE D 16 -27.68 -2.95 15.75
CA ILE D 16 -28.22 -2.69 14.42
C ILE D 16 -27.44 -3.32 13.28
N LYS D 17 -26.22 -3.78 13.52
CA LYS D 17 -25.50 -4.43 12.43
C LYS D 17 -26.23 -5.67 11.92
N ASP D 18 -25.86 -6.06 10.71
CA ASP D 18 -26.40 -7.24 10.03
C ASP D 18 -25.71 -8.48 10.58
N LYS D 19 -26.50 -9.53 10.81
CA LYS D 19 -26.00 -10.80 11.33
C LYS D 19 -24.75 -11.30 10.61
N TRP D 20 -24.62 -11.01 9.31
CA TRP D 20 -23.58 -11.64 8.49
C TRP D 20 -22.34 -10.78 8.29
N VAL D 21 -22.17 -9.65 9.00
CA VAL D 21 -20.91 -8.94 8.96
C VAL D 21 -19.90 -9.61 9.88
N THR D 22 -18.74 -9.96 9.30
CA THR D 22 -17.71 -10.69 10.02
C THR D 22 -17.22 -9.87 11.20
N ASP D 23 -16.84 -10.58 12.27
CA ASP D 23 -16.33 -9.91 13.45
C ASP D 23 -15.03 -9.16 13.17
N LYS D 24 -14.27 -9.56 12.14
CA LYS D 24 -13.09 -8.79 11.75
C LYS D 24 -13.49 -7.39 11.30
N GLN D 25 -14.54 -7.28 10.49
CA GLN D 25 -15.12 -5.98 10.19
C GLN D 25 -15.59 -5.30 11.47
N ALA D 26 -16.37 -6.03 12.29
CA ALA D 26 -17.11 -5.41 13.37
C ALA D 26 -16.21 -4.89 14.48
N ASP D 27 -15.12 -5.58 14.79
CA ASP D 27 -14.22 -5.05 15.80
C ASP D 27 -13.23 -4.04 15.23
N GLU D 28 -12.98 -4.05 13.92
CA GLU D 28 -12.26 -2.92 13.35
C GLU D 28 -13.11 -1.66 13.43
N PHE D 29 -14.42 -1.78 13.15
CA PHE D 29 -15.33 -0.65 13.26
C PHE D 29 -15.39 -0.09 14.68
N ILE D 30 -15.40 -0.97 15.68
CA ILE D 30 -15.48 -0.51 17.06
C ILE D 30 -14.20 0.22 17.45
N GLU D 31 -13.05 -0.23 16.94
CA GLU D 31 -11.81 0.31 17.45
C GLU D 31 -11.28 1.48 16.62
N THR D 32 -11.94 1.83 15.52
CA THR D 32 -11.58 3.06 14.80
C THR D 32 -12.60 4.17 15.03
N ALA D 33 -13.62 3.92 15.85
CA ALA D 33 -14.73 4.88 15.98
C ALA D 33 -14.22 6.23 16.46
N ASP D 34 -13.38 6.23 17.50
CA ASP D 34 -12.80 7.48 17.97
C ASP D 34 -12.09 8.23 16.86
N LYS D 35 -11.46 7.52 15.93
CA LYS D 35 -10.79 8.18 14.81
C LYS D 35 -11.80 8.92 13.93
N TYR D 36 -12.91 8.26 13.60
CA TYR D 36 -13.90 8.91 12.74
C TYR D 36 -14.66 9.99 13.47
N ALA D 37 -14.84 9.85 14.78
CA ALA D 37 -15.38 10.98 15.55
C ALA D 37 -14.48 12.21 15.43
N ASP D 38 -13.15 12.01 15.44
CA ASP D 38 -12.25 13.15 15.35
C ASP D 38 -12.31 13.81 13.98
N LYS D 39 -12.46 13.01 12.92
CA LYS D 39 -12.55 13.56 11.58
C LYS D 39 -13.74 14.50 11.44
N ALA D 40 -14.89 14.13 12.02
CA ALA D 40 -16.11 14.94 11.93
C ALA D 40 -16.00 16.22 12.76
N VAL D 41 -15.31 16.17 13.90
CA VAL D 41 -15.04 17.39 14.65
C VAL D 41 -14.17 18.32 13.83
N GLN D 42 -13.15 17.79 13.16
CA GLN D 42 -12.25 18.67 12.42
C GLN D 42 -12.92 19.29 11.21
N MET D 43 -13.94 18.65 10.66
CA MET D 43 -14.71 19.22 9.57
C MET D 43 -15.81 20.15 10.05
N SER D 44 -15.98 20.30 11.37
CA SER D 44 -17.08 21.06 11.99
C SER D 44 -18.45 20.45 11.68
N ALA D 45 -18.49 19.16 11.35
CA ALA D 45 -19.77 18.48 11.27
C ALA D 45 -20.44 18.40 12.63
N VAL D 46 -19.66 18.17 13.69
CA VAL D 46 -20.12 18.17 15.08
C VAL D 46 -19.07 18.89 15.93
N ALA D 47 -19.44 19.22 17.17
CA ALA D 47 -18.51 20.00 18.00
C ALA D 47 -17.61 19.13 18.88
N SER D 48 -18.02 17.91 19.24
CA SER D 48 -17.25 17.06 20.13
C SER D 48 -17.58 15.61 19.86
N ARG D 49 -16.77 14.72 20.41
CA ARG D 49 -16.99 13.29 20.25
C ARG D 49 -18.37 12.88 20.78
N ALA D 50 -18.76 13.38 21.95
CA ALA D 50 -20.07 13.04 22.50
C ALA D 50 -21.20 13.43 21.55
N GLU D 51 -21.12 14.66 21.02
CA GLU D 51 -22.07 15.09 20.00
C GLU D 51 -22.06 14.15 18.80
N TYR D 52 -20.89 13.60 18.46
CA TYR D 52 -20.81 12.69 17.34
C TYR D 52 -21.44 11.35 17.68
N TYR D 53 -21.13 10.82 18.86
CA TYR D 53 -21.76 9.57 19.25
C TYR D 53 -23.25 9.76 19.49
N ARG D 54 -23.63 10.82 20.21
CA ARG D 54 -25.05 11.06 20.47
C ARG D 54 -25.86 11.14 19.19
N MET D 55 -25.29 11.79 18.16
CA MET D 55 -25.97 11.84 16.87
C MET D 55 -26.09 10.46 16.26
N TYR D 56 -25.04 9.64 16.33
CA TYR D 56 -25.12 8.28 15.83
C TYR D 56 -26.21 7.49 16.55
N VAL D 57 -26.23 7.56 17.88
CA VAL D 57 -27.10 6.69 18.65
C VAL D 57 -28.56 7.08 18.39
N SER D 58 -28.80 8.38 18.14
CA SER D 58 -30.14 8.86 17.83
C SER D 58 -30.55 8.54 16.40
N ARG D 59 -29.60 8.17 15.53
CA ARG D 59 -29.89 7.83 14.15
C ARG D 59 -30.46 9.01 13.35
N LYS D 60 -30.37 10.23 13.89
CA LYS D 60 -30.81 11.45 13.20
C LYS D 60 -29.61 12.37 12.97
N TYR D 61 -29.09 12.34 11.75
CA TYR D 61 -27.89 13.07 11.31
C TYR D 61 -28.31 14.42 10.76
N HIS D 62 -28.38 15.41 11.65
CA HIS D 62 -28.80 16.77 11.31
C HIS D 62 -27.62 17.69 11.50
N TYR D 63 -27.32 18.54 10.52
CA TYR D 63 -26.17 19.34 10.86
C TYR D 63 -26.48 20.79 10.51
N LYS D 64 -25.52 21.63 10.82
CA LYS D 64 -25.69 23.08 10.76
C LYS D 64 -25.42 23.55 9.34
N LYS D 65 -26.22 24.53 8.86
CA LYS D 65 -26.08 24.84 7.43
C LYS D 65 -24.73 25.34 7.08
N GLU D 66 -24.10 26.07 8.01
CA GLU D 66 -22.80 26.68 7.77
C GLU D 66 -21.80 25.63 7.33
N PHE D 67 -21.78 24.50 8.04
CA PHE D 67 -20.91 23.39 7.70
C PHE D 67 -21.23 22.84 6.32
N VAL D 68 -22.50 22.50 6.09
CA VAL D 68 -22.89 21.82 4.85
C VAL D 68 -22.62 22.69 3.63
N GLU D 69 -22.76 24.01 3.74
CA GLU D 69 -22.47 24.86 2.59
C GLU D 69 -20.98 24.96 2.34
N LYS D 70 -20.17 25.01 3.40
CA LYS D 70 -18.72 24.98 3.24
C LYS D 70 -18.27 23.64 2.66
N LEU D 71 -18.86 22.54 3.14
CA LEU D 71 -18.57 21.21 2.60
C LEU D 71 -18.87 21.13 1.11
N LYS D 72 -19.91 21.84 0.67
CA LYS D 72 -20.35 21.74 -0.71
C LYS D 72 -19.46 22.53 -1.66
N GLN D 73 -18.56 23.39 -1.15
CA GLN D 73 -17.76 24.23 -2.02
C GLN D 73 -16.97 23.41 -3.04
N VAL D 74 -16.50 22.22 -2.64
CA VAL D 74 -15.73 21.40 -3.57
C VAL D 74 -16.64 20.62 -4.52
N TYR D 75 -17.88 20.36 -4.12
CA TYR D 75 -18.84 19.79 -5.05
C TYR D 75 -19.24 20.80 -6.12
N LYS D 76 -19.45 22.05 -5.72
CA LYS D 76 -19.77 23.11 -6.67
C LYS D 76 -18.59 23.42 -7.57
N GLU D 77 -17.38 23.26 -7.06
CA GLU D 77 -16.20 23.64 -7.83
C GLU D 77 -15.84 22.56 -8.85
N SER D 78 -15.81 21.30 -8.42
CA SER D 78 -15.32 20.21 -9.26
C SER D 78 -16.37 19.20 -9.69
N GLY D 79 -17.61 19.30 -9.19
CA GLY D 79 -18.63 18.29 -9.44
C GLY D 79 -18.54 17.11 -8.49
N ALA D 80 -19.39 16.12 -8.76
CA ALA D 80 -19.53 14.92 -7.94
C ALA D 80 -19.01 13.68 -8.69
N SER D 81 -18.82 12.60 -7.95
CA SER D 81 -18.25 11.37 -8.53
C SER D 81 -18.77 10.14 -7.80
N HIS D 82 -19.34 9.20 -8.55
CA HIS D 82 -19.75 7.91 -8.01
C HIS D 82 -18.97 6.81 -8.70
N VAL D 83 -18.24 6.01 -7.93
CA VAL D 83 -17.56 4.82 -8.42
C VAL D 83 -18.48 3.61 -8.38
N THR D 84 -18.55 2.90 -9.49
CA THR D 84 -19.26 1.64 -9.63
C THR D 84 -18.44 0.73 -10.54
N SER D 85 -18.69 -0.57 -10.46
CA SER D 85 -17.86 -1.53 -11.18
C SER D 85 -18.40 -1.85 -12.57
N LYS D 87 -20.68 -3.42 -14.45
CA LYS D 87 -21.46 -4.59 -14.07
C LYS D 87 -22.70 -4.17 -13.27
N ASP D 88 -22.48 -3.80 -12.00
CA ASP D 88 -23.54 -3.25 -11.16
C ASP D 88 -24.19 -2.02 -11.78
N LEU D 89 -23.52 -1.42 -12.76
CA LEU D 89 -24.13 -0.54 -13.74
C LEU D 89 -25.34 -1.19 -14.45
N PHE D 93 -29.19 -1.11 -15.12
CA PHE D 93 -29.24 -0.15 -16.22
C PHE D 93 -30.28 -0.79 -17.14
N ASP D 94 -29.85 -1.96 -17.65
CA ASP D 94 -30.65 -2.77 -18.57
C ASP D 94 -31.75 -3.53 -17.87
N ASP D 95 -31.56 -3.84 -16.59
CA ASP D 95 -32.62 -4.35 -15.73
C ASP D 95 -33.66 -3.26 -15.49
N ALA D 96 -34.80 -3.66 -14.94
CA ALA D 96 -35.85 -2.70 -14.55
C ALA D 96 -36.07 -2.69 -13.04
N LYS D 99 -35.54 1.00 -12.78
CA LYS D 99 -36.67 1.81 -13.22
C LYS D 99 -36.02 2.93 -14.00
N SER D 100 -34.94 2.53 -14.69
CA SER D 100 -34.07 3.43 -15.43
C SER D 100 -33.54 4.57 -14.54
N THR D 101 -33.41 4.29 -13.25
CA THR D 101 -32.86 5.21 -12.27
C THR D 101 -31.47 4.78 -11.84
N ILE D 102 -30.70 5.75 -11.36
CA ILE D 102 -29.32 5.53 -10.99
C ILE D 102 -29.04 6.45 -9.83
N ARG D 104 -30.85 5.26 -7.71
CA ARG D 104 -31.90 4.58 -6.94
C ARG D 104 -32.82 5.78 -6.54
N GLU D 106 -35.37 7.65 -6.38
CA GLU D 106 -35.71 8.96 -5.82
C GLU D 106 -35.08 9.13 -4.44
N ASN D 107 -34.50 8.06 -3.92
CA ASN D 107 -33.78 8.14 -2.66
C ASN D 107 -32.39 8.72 -2.84
N GLY D 108 -31.92 8.80 -4.08
CA GLY D 108 -30.68 9.47 -4.41
C GLY D 108 -29.55 8.50 -4.66
N LEU D 109 -28.39 9.10 -4.92
CA LEU D 109 -27.18 8.36 -5.23
C LEU D 109 -26.09 8.86 -4.30
N PHE D 110 -25.53 7.95 -3.51
CA PHE D 110 -24.39 8.29 -2.66
C PHE D 110 -23.23 8.69 -3.54
N VAL D 111 -22.55 9.77 -3.16
CA VAL D 111 -21.54 10.36 -4.03
C VAL D 111 -20.54 11.10 -3.16
N THR D 112 -19.34 11.29 -3.69
CA THR D 112 -18.31 12.13 -3.12
C THR D 112 -17.98 13.21 -4.14
N SER D 113 -17.19 14.20 -3.73
CA SER D 113 -16.79 15.22 -4.68
C SER D 113 -15.88 14.63 -5.76
N PHE D 114 -16.04 15.14 -6.98
CA PHE D 114 -15.22 14.68 -8.10
C PHE D 114 -13.74 14.91 -7.81
N ALA D 115 -13.40 16.08 -7.27
CA ALA D 115 -12.01 16.37 -6.94
C ALA D 115 -11.43 15.37 -5.94
N GLU D 116 -12.27 14.79 -5.07
CA GLU D 116 -11.76 13.84 -4.06
C GLU D 116 -11.45 12.47 -4.67
N ASP D 117 -12.34 11.96 -5.52
CA ASP D 117 -11.99 10.72 -6.22
C ASP D 117 -10.76 10.90 -7.08
N MET D 118 -10.64 12.03 -7.78
CA MET D 118 -9.50 12.23 -8.67
C MET D 118 -8.19 12.37 -7.91
N ALA D 119 -8.20 12.86 -6.67
CA ALA D 119 -6.95 12.92 -5.92
C ALA D 119 -6.65 11.60 -5.21
N LEU D 120 -7.68 10.84 -4.85
CA LEU D 120 -7.47 9.63 -4.07
C LEU D 120 -7.22 8.40 -4.94
N LEU D 121 -7.88 8.31 -6.10
CA LEU D 121 -7.82 7.12 -6.93
C LEU D 121 -6.75 7.21 -8.01
N PHE D 122 -5.99 8.31 -8.06
CA PHE D 122 -4.92 8.48 -9.04
C PHE D 122 -3.61 8.71 -8.31
N THR D 123 -2.49 8.42 -8.97
CA THR D 123 -1.19 8.65 -8.34
C THR D 123 -0.76 10.10 -8.50
N ASP D 124 0.42 10.40 -7.93
CA ASP D 124 0.91 11.77 -7.91
C ASP D 124 1.26 12.27 -9.30
N GLN D 125 1.55 11.37 -10.24
CA GLN D 125 1.69 11.81 -11.62
C GLN D 125 0.33 11.98 -12.27
N GLY D 126 -0.61 11.09 -12.00
CA GLY D 126 -1.96 11.22 -12.56
C GLY D 126 -2.49 9.93 -13.17
N LYS D 127 -1.87 8.82 -12.78
CA LYS D 127 -2.18 7.50 -13.28
C LYS D 127 -3.18 6.81 -12.37
N LEU D 128 -4.11 6.05 -12.95
CA LEU D 128 -5.12 5.38 -12.13
C LEU D 128 -4.54 4.16 -11.43
N LYS D 129 -4.92 3.98 -10.16
CA LYS D 129 -4.40 2.93 -9.31
C LYS D 129 -4.91 1.55 -9.73
N SER D 130 -4.28 0.50 -9.22
CA SER D 130 -4.74 -0.83 -9.54
C SER D 130 -6.01 -1.14 -8.74
N ALA D 131 -6.86 -1.97 -9.33
CA ALA D 131 -8.17 -2.19 -8.78
C ALA D 131 -8.09 -3.18 -7.62
N GLN D 133 -5.78 -1.96 -5.62
CA GLN D 133 -5.67 -0.90 -4.62
C GLN D 133 -7.01 -0.22 -4.46
N ILE D 134 -7.69 0.03 -5.59
CA ILE D 134 -8.95 0.77 -5.55
C ILE D 134 -9.99 0.00 -4.75
N GLU D 135 -9.96 -1.32 -4.83
CA GLU D 135 -10.88 -2.10 -4.01
C GLU D 135 -10.67 -1.82 -2.53
N ASN D 136 -9.40 -1.76 -2.11
CA ASN D 136 -9.05 -1.45 -0.73
C ASN D 136 -9.53 -0.06 -0.34
N ILE D 137 -9.47 0.88 -1.29
CA ILE D 137 -9.92 2.26 -1.05
C ILE D 137 -11.42 2.28 -0.74
N LYS D 138 -12.23 1.70 -1.63
CA LYS D 138 -13.66 1.68 -1.37
C LYS D 138 -14.08 0.60 -0.38
N ASP D 139 -13.12 -0.14 0.17
CA ASP D 139 -13.35 -1.16 1.19
C ASP D 139 -14.55 -2.04 0.83
N VAL D 140 -14.45 -2.65 -0.34
CA VAL D 140 -15.50 -3.43 -0.96
C VAL D 140 -15.20 -4.93 -0.98
N SER D 142 -13.70 -7.55 -2.45
CA SER D 142 -12.55 -8.00 -3.21
C SER D 142 -12.97 -8.80 -4.44
N GLY D 143 -12.44 -8.42 -5.59
CA GLY D 143 -12.80 -9.04 -6.84
C GLY D 143 -13.96 -8.37 -7.56
N LYS D 144 -14.50 -7.28 -7.02
CA LYS D 144 -15.66 -6.66 -7.65
C LYS D 144 -15.28 -5.61 -8.67
N TYR D 145 -14.11 -4.98 -8.53
CA TYR D 145 -13.63 -4.02 -9.52
C TYR D 145 -12.76 -4.68 -10.57
N SER D 146 -12.84 -6.01 -10.68
CA SER D 146 -11.98 -6.75 -11.61
C SER D 146 -12.35 -6.48 -13.06
N ASP D 147 -13.64 -6.36 -13.37
CA ASP D 147 -14.04 -5.93 -14.71
C ASP D 147 -13.41 -4.59 -15.08
N GLY D 148 -13.12 -3.76 -14.08
CA GLY D 148 -12.82 -2.36 -14.24
C GLY D 148 -13.66 -1.53 -13.31
N VAL D 149 -13.41 -0.23 -13.32
CA VAL D 149 -14.06 0.72 -12.42
C VAL D 149 -14.75 1.79 -13.25
N TYR D 150 -16.04 2.03 -12.95
CA TYR D 150 -16.82 3.07 -13.59
C TYR D 150 -17.00 4.26 -12.65
N GLN D 151 -17.27 5.43 -13.23
CA GLN D 151 -17.44 6.66 -12.47
C GLN D 151 -18.58 7.48 -13.05
N TYR D 152 -19.60 7.77 -12.26
CA TYR D 152 -20.66 8.70 -12.66
C TYR D 152 -20.25 10.12 -12.29
N GLU D 153 -20.18 11.00 -13.29
CA GLU D 153 -19.63 12.34 -13.10
C GLU D 153 -20.72 13.38 -13.33
N TYR D 154 -21.18 14.00 -12.24
CA TYR D 154 -21.96 15.23 -12.30
C TYR D 154 -20.99 16.39 -12.54
N ASP D 155 -21.12 17.11 -13.65
CA ASP D 155 -20.14 18.17 -13.83
C ASP D 155 -20.47 19.37 -12.94
N SER D 156 -19.49 20.27 -12.81
CA SER D 156 -19.63 21.42 -11.91
C SER D 156 -20.85 22.27 -12.24
N GLU D 157 -21.25 22.33 -13.50
CA GLU D 157 -22.38 23.19 -13.88
C GLU D 157 -23.71 22.55 -13.51
N LEU D 158 -23.92 21.30 -13.91
CA LEU D 158 -25.06 20.53 -13.40
C LEU D 158 -25.18 20.65 -11.90
N THR D 159 -24.04 20.56 -11.22
CA THR D 159 -24.02 20.41 -9.77
C THR D 159 -24.52 21.69 -9.11
N LYS D 160 -24.08 22.85 -9.61
CA LYS D 160 -24.49 24.15 -9.07
C LYS D 160 -26.00 24.35 -9.22
N ASN D 161 -26.55 23.94 -10.36
CA ASN D 161 -27.99 24.11 -10.57
C ASN D 161 -28.79 23.11 -9.75
N ILE D 162 -28.21 21.94 -9.47
CA ILE D 162 -28.84 20.99 -8.56
C ILE D 162 -29.05 21.64 -7.19
N ASP D 163 -28.03 22.35 -6.69
CA ASP D 163 -28.10 22.92 -5.36
C ASP D 163 -29.01 24.16 -5.29
N LYS D 164 -29.08 24.97 -6.37
CA LYS D 164 -30.04 26.08 -6.36
C LYS D 164 -31.46 25.58 -6.14
N LEU D 165 -31.78 24.41 -6.71
CA LEU D 165 -33.04 23.72 -6.47
C LEU D 165 -33.13 23.12 -5.07
N GLY D 166 -32.01 23.07 -4.34
CA GLY D 166 -31.96 22.45 -3.03
C GLY D 166 -32.15 20.94 -3.05
N TYR D 167 -31.56 20.25 -4.03
CA TYR D 167 -31.75 18.81 -4.18
C TYR D 167 -30.64 17.96 -3.58
N ILE D 168 -29.62 18.55 -2.99
CA ILE D 168 -28.53 17.78 -2.40
C ILE D 168 -28.90 17.41 -0.96
N ARG D 169 -28.74 16.14 -0.61
CA ARG D 169 -29.12 15.65 0.70
C ARG D 169 -27.93 14.98 1.40
N THR D 170 -28.04 14.90 2.72
CA THR D 170 -27.06 14.20 3.56
C THR D 170 -27.66 12.93 4.12
N ALA D 171 -26.85 11.88 4.19
CA ALA D 171 -27.28 10.62 4.79
C ALA D 171 -27.61 10.80 6.26
N SER D 172 -28.70 10.16 6.68
CA SER D 172 -29.11 10.06 8.08
C SER D 172 -29.20 8.58 8.47
N GLY D 173 -29.63 8.34 9.71
CA GLY D 173 -29.86 6.97 10.16
C GLY D 173 -31.20 6.43 9.70
N SER D 180 -26.18 0.21 9.68
CA SER D 180 -24.91 -0.48 9.95
C SER D 180 -23.72 0.48 9.92
N LEU D 181 -22.99 0.45 8.80
CA LEU D 181 -21.67 1.09 8.75
C LEU D 181 -21.71 2.58 8.39
N ASN D 182 -22.84 3.11 7.91
CA ASN D 182 -23.10 4.54 8.01
C ASN D 182 -22.56 5.17 9.31
N ILE D 183 -22.01 6.36 9.16
CA ILE D 183 -21.60 7.20 10.29
C ILE D 183 -21.94 8.65 9.99
N PRO D 184 -22.19 9.42 11.04
CA PRO D 184 -22.47 10.86 10.84
C PRO D 184 -21.21 11.61 10.45
N GLY D 185 -21.42 12.85 10.03
CA GLY D 185 -20.36 13.71 9.57
C GLY D 185 -20.16 13.75 8.07
N CYS D 186 -21.13 13.27 7.29
CA CYS D 186 -21.03 13.25 5.82
C CYS D 186 -19.70 12.65 5.38
N GLN D 187 -19.40 11.47 5.92
CA GLN D 187 -18.11 10.84 5.68
C GLN D 187 -18.30 9.34 5.58
N THR D 188 -17.61 8.73 4.59
CA THR D 188 -17.68 7.29 4.38
C THR D 188 -16.78 6.62 5.42
N TRP D 189 -17.24 5.51 5.99
CA TRP D 189 -16.33 4.71 6.79
C TRP D 189 -15.38 3.92 5.89
N SER D 190 -14.11 3.76 6.35
CA SER D 190 -13.12 3.04 5.54
C SER D 190 -12.12 2.28 6.40
N GLY D 191 -12.56 1.75 7.55
CA GLY D 191 -11.65 0.97 8.37
C GLY D 191 -10.51 1.79 9.00
N LYS D 192 -9.42 1.10 9.32
CA LYS D 192 -8.29 1.76 9.97
C LYS D 192 -7.69 2.84 9.07
N HIS D 193 -7.83 2.71 7.76
CA HIS D 193 -7.25 3.67 6.83
C HIS D 193 -8.24 4.82 6.61
N ILE D 194 -8.37 5.65 7.67
CA ILE D 194 -9.23 6.81 7.61
C ILE D 194 -8.81 7.76 6.49
N GLU D 195 -7.59 7.60 5.96
CA GLU D 195 -7.11 8.43 4.86
C GLU D 195 -7.90 8.20 3.58
N ASN D 196 -8.65 7.11 3.50
CA ASN D 196 -9.51 6.82 2.36
C ASN D 196 -10.96 7.20 2.62
N SER D 197 -11.26 7.71 3.80
CA SER D 197 -12.60 8.23 4.07
C SER D 197 -12.82 9.49 3.25
N GLU D 198 -13.93 9.53 2.53
CA GLU D 198 -14.28 10.66 1.68
C GLU D 198 -15.59 11.25 2.18
N SER D 199 -15.86 12.50 1.79
CA SER D 199 -17.14 13.11 2.10
C SER D 199 -18.24 12.41 1.31
N GLU D 200 -19.35 12.12 1.96
CA GLU D 200 -20.48 11.51 1.28
C GLU D 200 -21.64 12.49 1.26
N LEU D 201 -22.25 12.66 0.10
CA LEU D 201 -23.48 13.41 -0.03
C LEU D 201 -24.47 12.57 -0.81
N ILE D 202 -25.72 12.98 -0.81
CA ILE D 202 -26.77 12.30 -1.56
C ILE D 202 -27.24 13.22 -2.68
N PHE D 203 -26.99 12.80 -3.90
CA PHE D 203 -27.33 13.50 -5.12
C PHE D 203 -28.54 12.85 -5.81
N PRO D 204 -29.31 13.61 -6.59
CA PRO D 204 -30.53 13.06 -7.22
C PRO D 204 -30.21 11.93 -8.20
N SER D 205 -31.27 11.21 -8.57
CA SER D 205 -31.14 10.13 -9.54
C SER D 205 -31.34 10.68 -10.97
N ASP D 210 -34.16 6.41 -20.95
CA ASP D 210 -34.57 5.39 -21.91
C ASP D 210 -33.37 4.83 -22.67
N LEU D 211 -32.39 4.31 -21.95
CA LEU D 211 -31.11 3.91 -22.52
C LEU D 211 -30.79 2.48 -22.11
N LYS D 212 -29.71 1.92 -22.68
CA LYS D 212 -29.38 0.52 -22.46
C LYS D 212 -27.89 0.25 -22.60
N SER D 213 -27.35 -0.57 -21.68
CA SER D 213 -26.00 -1.16 -21.75
C SER D 213 -24.84 -0.17 -21.85
N ALA D 215 -24.12 -1.27 -25.43
CA ALA D 215 -24.84 -0.37 -26.33
C ALA D 215 -24.35 1.07 -26.18
N VAL D 216 -24.65 1.70 -25.05
CA VAL D 216 -23.90 2.89 -24.65
C VAL D 216 -22.45 2.55 -24.32
N LEU D 217 -22.22 1.45 -23.57
CA LEU D 217 -20.85 1.05 -23.25
C LEU D 217 -19.96 1.06 -24.48
N ALA D 218 -20.56 0.87 -25.67
CA ALA D 218 -19.85 1.10 -26.92
C ALA D 218 -19.24 2.50 -26.97
N GLU D 219 -20.03 3.53 -26.64
CA GLU D 219 -19.52 4.90 -26.62
C GLU D 219 -18.39 5.08 -25.61
N ILE D 220 -18.31 4.23 -24.58
CA ILE D 220 -17.17 4.28 -23.65
C ILE D 220 -15.95 3.63 -24.28
N ASP D 221 -16.14 2.52 -25.02
CA ASP D 221 -15.06 1.93 -25.81
C ASP D 221 -14.64 2.85 -26.95
N ALA D 222 -15.59 3.62 -27.50
CA ALA D 222 -15.28 4.54 -28.58
C ALA D 222 -14.50 5.75 -28.08
N LYS D 223 -14.98 6.38 -27.00
CA LYS D 223 -14.30 7.52 -26.39
C LYS D 223 -13.79 7.17 -24.99
N TYR D 225 -16.29 8.26 -22.80
CA TYR D 225 -17.38 8.42 -21.86
C TYR D 225 -18.77 8.20 -22.47
N PHE D 226 -19.78 8.52 -21.68
CA PHE D 226 -21.16 8.74 -22.13
C PHE D 226 -21.63 10.05 -21.53
N GLU D 227 -21.84 11.07 -22.34
CA GLU D 227 -22.25 12.38 -21.84
C GLU D 227 -23.71 12.64 -22.17
N ILE D 228 -24.51 12.89 -21.14
CA ILE D 228 -25.87 13.42 -21.30
C ILE D 228 -25.85 14.91 -21.07
N ILE D 229 -26.51 15.64 -21.95
CA ILE D 229 -26.69 17.07 -21.77
C ILE D 229 -28.14 17.35 -21.34
N ASP D 230 -28.30 18.47 -20.62
CA ASP D 230 -29.33 18.75 -19.63
C ASP D 230 -30.22 17.55 -19.26
N PRO D 231 -29.71 16.64 -18.43
CA PRO D 231 -30.42 15.39 -18.18
C PRO D 231 -31.69 15.61 -17.36
N THR D 232 -32.46 14.53 -17.25
CA THR D 232 -33.72 14.53 -16.52
C THR D 232 -33.42 13.88 -15.16
N ILE D 233 -33.46 14.67 -14.10
CA ILE D 233 -33.11 14.19 -12.78
C ILE D 233 -34.38 13.81 -12.02
N ILE D 234 -34.21 13.16 -10.87
CA ILE D 234 -35.32 12.82 -10.00
C ILE D 234 -35.22 13.69 -8.75
N ALA D 235 -36.32 13.80 -8.05
CA ALA D 235 -36.36 14.70 -6.90
C ALA D 235 -36.79 13.94 -5.66
N PRO D 236 -36.66 14.55 -4.48
CA PRO D 236 -37.20 13.93 -3.26
C PRO D 236 -38.68 13.62 -3.30
N ASN D 237 -39.46 14.27 -4.17
CA ASN D 237 -40.87 13.97 -4.32
C ASN D 237 -41.18 13.14 -5.57
N GLY D 238 -40.17 12.58 -6.23
CA GLY D 238 -40.37 11.68 -7.35
C GLY D 238 -40.63 12.32 -8.70
N ASP D 239 -40.63 13.65 -8.78
CA ASP D 239 -40.85 14.33 -10.06
C ASP D 239 -39.60 14.27 -10.93
N HIS D 240 -39.81 14.22 -12.25
CA HIS D 240 -38.73 14.42 -13.19
C HIS D 240 -38.53 15.92 -13.44
N LYS D 241 -37.28 16.32 -13.65
CA LYS D 241 -36.93 17.71 -13.92
C LYS D 241 -35.63 17.80 -14.72
N LYS D 242 -35.56 18.85 -15.47
CA LYS D 242 -34.67 18.89 -16.58
C LYS D 242 -33.75 20.05 -16.34
N VAL D 243 -32.53 19.73 -15.93
CA VAL D 243 -31.66 20.68 -15.29
C VAL D 243 -30.43 20.84 -16.16
N THR D 244 -30.16 22.09 -16.55
CA THR D 244 -28.95 22.43 -17.32
C THR D 244 -27.68 21.90 -16.69
N GLY D 245 -26.75 21.48 -17.55
CA GLY D 245 -25.50 20.91 -17.13
C GLY D 245 -25.25 19.52 -17.70
N ARG D 246 -23.99 19.14 -17.80
CA ARG D 246 -23.60 17.85 -18.32
C ARG D 246 -23.65 16.79 -17.24
N PHE D 247 -23.88 15.54 -17.66
CA PHE D 247 -23.73 14.37 -16.81
C PHE D 247 -23.03 13.30 -17.63
N LYS D 248 -21.91 12.77 -17.12
CA LYS D 248 -21.13 11.79 -17.86
C LYS D 248 -21.08 10.46 -17.12
N ILE D 249 -20.97 9.38 -17.90
CA ILE D 249 -20.79 8.02 -17.41
C ILE D 249 -19.58 7.45 -18.13
N LYS D 250 -18.64 6.87 -17.39
CA LYS D 250 -17.39 6.47 -18.02
C LYS D 250 -16.74 5.33 -17.26
N LYS D 251 -15.77 4.69 -17.93
CA LYS D 251 -14.84 3.78 -17.29
C LYS D 251 -13.60 4.58 -16.93
N MET D 252 -13.23 4.56 -15.67
CA MET D 252 -12.07 5.31 -15.23
C MET D 252 -10.83 4.83 -15.97
N GLN D 253 -10.16 5.74 -16.67
CA GLN D 253 -9.03 5.41 -17.51
C GLN D 253 -7.81 6.25 -17.15
N ASP D 254 -6.65 5.59 -17.17
CA ASP D 254 -5.39 6.06 -16.64
C ASP D 254 -4.41 6.57 -17.68
#